data_3ZR8
# 
_entry.id   3ZR8 
# 
_audit_conform.dict_name       mmcif_pdbx.dic 
_audit_conform.dict_version    5.391 
_audit_conform.dict_location   http://mmcif.pdb.org/dictionaries/ascii/mmcif_pdbx.dic 
# 
loop_
_database_2.database_id 
_database_2.database_code 
_database_2.pdbx_database_accession 
_database_2.pdbx_DOI 
PDB   3ZR8         pdb_00003zr8 10.2210/pdb3zr8/pdb 
PDBE  EBI-48661    ?            ?                   
WWPDB D_1290048661 ?            ?                   
# 
loop_
_pdbx_audit_revision_history.ordinal 
_pdbx_audit_revision_history.data_content_type 
_pdbx_audit_revision_history.major_revision 
_pdbx_audit_revision_history.minor_revision 
_pdbx_audit_revision_history.revision_date 
1 'Structure model' 1 0 2011-08-03 
2 'Structure model' 1 1 2011-10-19 
3 'Structure model' 1 2 2024-05-08 
# 
_pdbx_audit_revision_details.ordinal             1 
_pdbx_audit_revision_details.revision_ordinal    1 
_pdbx_audit_revision_details.data_content_type   'Structure model' 
_pdbx_audit_revision_details.provider            repository 
_pdbx_audit_revision_details.type                'Initial release' 
_pdbx_audit_revision_details.description         ? 
_pdbx_audit_revision_details.details             ? 
# 
loop_
_pdbx_audit_revision_group.ordinal 
_pdbx_audit_revision_group.revision_ordinal 
_pdbx_audit_revision_group.data_content_type 
_pdbx_audit_revision_group.group 
1 2 'Structure model' 'Database references'  
2 3 'Structure model' 'Data collection'      
3 3 'Structure model' 'Database references'  
4 3 'Structure model' 'Derived calculations' 
5 3 'Structure model' Other                  
# 
loop_
_pdbx_audit_revision_category.ordinal 
_pdbx_audit_revision_category.revision_ordinal 
_pdbx_audit_revision_category.data_content_type 
_pdbx_audit_revision_category.category 
1 3 'Structure model' chem_comp_atom       
2 3 'Structure model' chem_comp_bond       
3 3 'Structure model' database_2           
4 3 'Structure model' pdbx_database_status 
5 3 'Structure model' struct_site          
# 
loop_
_pdbx_audit_revision_item.ordinal 
_pdbx_audit_revision_item.revision_ordinal 
_pdbx_audit_revision_item.data_content_type 
_pdbx_audit_revision_item.item 
1 3 'Structure model' '_database_2.pdbx_DOI'                 
2 3 'Structure model' '_database_2.pdbx_database_accession'  
3 3 'Structure model' '_pdbx_database_status.status_code_sf' 
4 3 'Structure model' '_struct_site.pdbx_auth_asym_id'       
5 3 'Structure model' '_struct_site.pdbx_auth_comp_id'       
6 3 'Structure model' '_struct_site.pdbx_auth_seq_id'        
# 
_pdbx_database_status.status_code                     REL 
_pdbx_database_status.entry_id                        3ZR8 
_pdbx_database_status.deposit_site                    PDBE 
_pdbx_database_status.process_site                    PDBE 
_pdbx_database_status.SG_entry                        . 
_pdbx_database_status.recvd_initial_deposition_date   2011-06-15 
_pdbx_database_status.pdb_format_compatible           Y 
_pdbx_database_status.status_code_sf                  REL 
_pdbx_database_status.status_code_mr                  ? 
_pdbx_database_status.status_code_cs                  ? 
_pdbx_database_status.methods_development_category    ? 
_pdbx_database_status.status_code_nmr_data            ? 
# 
_pdbx_database_related.db_name        PDB 
_pdbx_database_related.db_id          3ZRG 
_pdbx_database_related.content_type   unspecified 
_pdbx_database_related.details        'CRYSTAL STRUCTURE OF RXLR EFFECTOR PEXRD2 FROM PHYTOPHTHORA INFESTANS' 
# 
loop_
_audit_author.name 
_audit_author.pdbx_ordinal 
'Boutemy, L.S.'        1 
'King, S.R.F.'         2 
'Win, J.'              3 
'Hughes, R.K.'         4 
'Clarke, T.A.'         5 
'Blumenschein, T.M.A.' 6 
'Kamoun, S.'           7 
'Banfield, M.J.'       8 
# 
_citation.id                        primary 
_citation.title                     
'Structures of Phytophthora Rxlr Effector Proteins: A Conserved But Adaptable Fold Underpins Functional Diversity.' 
_citation.journal_abbrev            J.Biol.Chem. 
_citation.journal_volume            286 
_citation.page_first                35834 
_citation.page_last                 ? 
_citation.year                      2011 
_citation.journal_id_ASTM           JBCHA3 
_citation.country                   US 
_citation.journal_id_ISSN           0021-9258 
_citation.journal_id_CSD            0071 
_citation.book_publisher            ? 
_citation.pdbx_database_id_PubMed   21813644 
_citation.pdbx_database_id_DOI      10.1074/JBC.M111.262303 
# 
loop_
_citation_author.citation_id 
_citation_author.name 
_citation_author.ordinal 
_citation_author.identifier_ORCID 
primary 'Boutemy, L.S.'        1 ? 
primary 'King, S.R.F.'         2 ? 
primary 'Win, J.'              3 ? 
primary 'Hughes, R.K.'         4 ? 
primary 'Clarke, T.A.'         5 ? 
primary 'Blumenschein, T.M.A.' 6 ? 
primary 'Kamoun, S.'           7 ? 
primary 'Banfield, M.J.'       8 ? 
# 
loop_
_entity.id 
_entity.type 
_entity.src_method 
_entity.pdbx_description 
_entity.formula_weight 
_entity.pdbx_number_of_molecules 
_entity.pdbx_ec 
_entity.pdbx_mutation 
_entity.pdbx_fragment 
_entity.details 
1 polymer     man AVR3A11              7491.560 1  ? ? ? ? 
2 non-polymer syn 'TRIETHYLENE GLYCOL' 150.173  1  ? ? ? ? 
3 non-polymer syn 'CHLORIDE ION'       35.453   2  ? ? ? ? 
4 water       nat water                18.015   91 ? ? ? ? 
# 
_entity_poly.entity_id                      1 
_entity_poly.type                           'polypeptide(L)' 
_entity_poly.nstd_linkage                   no 
_entity_poly.nstd_monomer                   no 
_entity_poly.pdbx_seq_one_letter_code       GPTEKAAVKKMAKAIMADPSKADDVYQKWADKGYTLTQLSDFLKSKTRGKYDRVYNGYMTYRDYV 
_entity_poly.pdbx_seq_one_letter_code_can   GPTEKAAVKKMAKAIMADPSKADDVYQKWADKGYTLTQLSDFLKSKTRGKYDRVYNGYMTYRDYV 
_entity_poly.pdbx_strand_id                 X 
_entity_poly.pdbx_target_identifier         ? 
# 
loop_
_pdbx_entity_nonpoly.entity_id 
_pdbx_entity_nonpoly.name 
_pdbx_entity_nonpoly.comp_id 
2 'TRIETHYLENE GLYCOL' PGE 
3 'CHLORIDE ION'       CL  
4 water                HOH 
# 
loop_
_entity_poly_seq.entity_id 
_entity_poly_seq.num 
_entity_poly_seq.mon_id 
_entity_poly_seq.hetero 
1 1  GLY n 
1 2  PRO n 
1 3  THR n 
1 4  GLU n 
1 5  LYS n 
1 6  ALA n 
1 7  ALA n 
1 8  VAL n 
1 9  LYS n 
1 10 LYS n 
1 11 MET n 
1 12 ALA n 
1 13 LYS n 
1 14 ALA n 
1 15 ILE n 
1 16 MET n 
1 17 ALA n 
1 18 ASP n 
1 19 PRO n 
1 20 SER n 
1 21 LYS n 
1 22 ALA n 
1 23 ASP n 
1 24 ASP n 
1 25 VAL n 
1 26 TYR n 
1 27 GLN n 
1 28 LYS n 
1 29 TRP n 
1 30 ALA n 
1 31 ASP n 
1 32 LYS n 
1 33 GLY n 
1 34 TYR n 
1 35 THR n 
1 36 LEU n 
1 37 THR n 
1 38 GLN n 
1 39 LEU n 
1 40 SER n 
1 41 ASP n 
1 42 PHE n 
1 43 LEU n 
1 44 LYS n 
1 45 SER n 
1 46 LYS n 
1 47 THR n 
1 48 ARG n 
1 49 GLY n 
1 50 LYS n 
1 51 TYR n 
1 52 ASP n 
1 53 ARG n 
1 54 VAL n 
1 55 TYR n 
1 56 ASN n 
1 57 GLY n 
1 58 TYR n 
1 59 MET n 
1 60 THR n 
1 61 TYR n 
1 62 ARG n 
1 63 ASP n 
1 64 TYR n 
1 65 VAL n 
# 
_entity_src_gen.entity_id                          1 
_entity_src_gen.pdbx_src_id                        1 
_entity_src_gen.pdbx_alt_source_flag               sample 
_entity_src_gen.pdbx_seq_type                      ? 
_entity_src_gen.pdbx_beg_seq_num                   ? 
_entity_src_gen.pdbx_end_seq_num                   ? 
_entity_src_gen.gene_src_common_name               ? 
_entity_src_gen.gene_src_genus                     ? 
_entity_src_gen.pdbx_gene_src_gene                 ? 
_entity_src_gen.gene_src_species                   ? 
_entity_src_gen.gene_src_strain                    ? 
_entity_src_gen.gene_src_tissue                    ? 
_entity_src_gen.gene_src_tissue_fraction           ? 
_entity_src_gen.gene_src_details                   ? 
_entity_src_gen.pdbx_gene_src_fragment             ? 
_entity_src_gen.pdbx_gene_src_scientific_name      'PHYTOPHTHORA CAPSICI' 
_entity_src_gen.pdbx_gene_src_ncbi_taxonomy_id     4784 
_entity_src_gen.pdbx_gene_src_variant              ? 
_entity_src_gen.pdbx_gene_src_cell_line            ? 
_entity_src_gen.pdbx_gene_src_atcc                 ? 
_entity_src_gen.pdbx_gene_src_organ                ? 
_entity_src_gen.pdbx_gene_src_organelle            ? 
_entity_src_gen.pdbx_gene_src_cell                 ? 
_entity_src_gen.pdbx_gene_src_cellular_location    ? 
_entity_src_gen.host_org_common_name               ? 
_entity_src_gen.pdbx_host_org_scientific_name      'ESCHERICHIA COLI' 
_entity_src_gen.pdbx_host_org_ncbi_taxonomy_id     469008 
_entity_src_gen.host_org_genus                     ? 
_entity_src_gen.pdbx_host_org_gene                 ? 
_entity_src_gen.pdbx_host_org_organ                ? 
_entity_src_gen.host_org_species                   ? 
_entity_src_gen.pdbx_host_org_tissue               ? 
_entity_src_gen.pdbx_host_org_tissue_fraction      ? 
_entity_src_gen.pdbx_host_org_strain               'BL21(DE3)' 
_entity_src_gen.pdbx_host_org_variant              STAR 
_entity_src_gen.pdbx_host_org_cell_line            ? 
_entity_src_gen.pdbx_host_org_atcc                 ? 
_entity_src_gen.pdbx_host_org_culture_collection   ? 
_entity_src_gen.pdbx_host_org_cell                 ? 
_entity_src_gen.pdbx_host_org_organelle            ? 
_entity_src_gen.pdbx_host_org_cellular_location    ? 
_entity_src_gen.pdbx_host_org_vector_type          PLASMID 
_entity_src_gen.pdbx_host_org_vector               POPIN-F 
_entity_src_gen.host_org_details                   ? 
_entity_src_gen.expression_system_id               ? 
_entity_src_gen.plasmid_name                       ? 
_entity_src_gen.plasmid_details                    ? 
_entity_src_gen.pdbx_description                   ? 
# 
loop_
_chem_comp.id 
_chem_comp.type 
_chem_comp.mon_nstd_flag 
_chem_comp.name 
_chem_comp.pdbx_synonyms 
_chem_comp.formula 
_chem_comp.formula_weight 
ALA 'L-peptide linking' y ALANINE              ? 'C3 H7 N O2'     89.093  
ARG 'L-peptide linking' y ARGININE             ? 'C6 H15 N4 O2 1' 175.209 
ASN 'L-peptide linking' y ASPARAGINE           ? 'C4 H8 N2 O3'    132.118 
ASP 'L-peptide linking' y 'ASPARTIC ACID'      ? 'C4 H7 N O4'     133.103 
CL  non-polymer         . 'CHLORIDE ION'       ? 'Cl -1'          35.453  
GLN 'L-peptide linking' y GLUTAMINE            ? 'C5 H10 N2 O3'   146.144 
GLU 'L-peptide linking' y 'GLUTAMIC ACID'      ? 'C5 H9 N O4'     147.129 
GLY 'peptide linking'   y GLYCINE              ? 'C2 H5 N O2'     75.067  
HOH non-polymer         . WATER                ? 'H2 O'           18.015  
ILE 'L-peptide linking' y ISOLEUCINE           ? 'C6 H13 N O2'    131.173 
LEU 'L-peptide linking' y LEUCINE              ? 'C6 H13 N O2'    131.173 
LYS 'L-peptide linking' y LYSINE               ? 'C6 H15 N2 O2 1' 147.195 
MET 'L-peptide linking' y METHIONINE           ? 'C5 H11 N O2 S'  149.211 
PGE non-polymer         . 'TRIETHYLENE GLYCOL' ? 'C6 H14 O4'      150.173 
PHE 'L-peptide linking' y PHENYLALANINE        ? 'C9 H11 N O2'    165.189 
PRO 'L-peptide linking' y PROLINE              ? 'C5 H9 N O2'     115.130 
SER 'L-peptide linking' y SERINE               ? 'C3 H7 N O3'     105.093 
THR 'L-peptide linking' y THREONINE            ? 'C4 H9 N O3'     119.119 
TRP 'L-peptide linking' y TRYPTOPHAN           ? 'C11 H12 N2 O2'  204.225 
TYR 'L-peptide linking' y TYROSINE             ? 'C9 H11 N O3'    181.189 
VAL 'L-peptide linking' y VALINE               ? 'C5 H11 N O2'    117.146 
# 
loop_
_pdbx_poly_seq_scheme.asym_id 
_pdbx_poly_seq_scheme.entity_id 
_pdbx_poly_seq_scheme.seq_id 
_pdbx_poly_seq_scheme.mon_id 
_pdbx_poly_seq_scheme.ndb_seq_num 
_pdbx_poly_seq_scheme.pdb_seq_num 
_pdbx_poly_seq_scheme.auth_seq_num 
_pdbx_poly_seq_scheme.pdb_mon_id 
_pdbx_poly_seq_scheme.auth_mon_id 
_pdbx_poly_seq_scheme.pdb_strand_id 
_pdbx_poly_seq_scheme.pdb_ins_code 
_pdbx_poly_seq_scheme.hetero 
A 1 1  GLY 1  68  68  GLY GLY X . n 
A 1 2  PRO 2  69  69  PRO PRO X . n 
A 1 3  THR 3  70  70  THR THR X . n 
A 1 4  GLU 4  71  71  GLU GLU X . n 
A 1 5  LYS 5  72  72  LYS LYS X . n 
A 1 6  ALA 6  73  73  ALA ALA X . n 
A 1 7  ALA 7  74  74  ALA ALA X . n 
A 1 8  VAL 8  75  75  VAL VAL X . n 
A 1 9  LYS 9  76  76  LYS LYS X . n 
A 1 10 LYS 10 77  77  LYS LYS X . n 
A 1 11 MET 11 78  78  MET MET X . n 
A 1 12 ALA 12 79  79  ALA ALA X . n 
A 1 13 LYS 13 80  80  LYS LYS X . n 
A 1 14 ALA 14 81  81  ALA ALA X . n 
A 1 15 ILE 15 82  82  ILE ILE X . n 
A 1 16 MET 16 83  83  MET MET X . n 
A 1 17 ALA 17 84  84  ALA ALA X . n 
A 1 18 ASP 18 85  85  ASP ASP X . n 
A 1 19 PRO 19 86  86  PRO PRO X . n 
A 1 20 SER 20 87  87  SER SER X . n 
A 1 21 LYS 21 88  88  LYS LYS X . n 
A 1 22 ALA 22 89  89  ALA ALA X . n 
A 1 23 ASP 23 90  90  ASP ASP X . n 
A 1 24 ASP 24 91  91  ASP ASP X . n 
A 1 25 VAL 25 92  92  VAL VAL X . n 
A 1 26 TYR 26 93  93  TYR TYR X . n 
A 1 27 GLN 27 94  94  GLN GLN X . n 
A 1 28 LYS 28 95  95  LYS LYS X . n 
A 1 29 TRP 29 96  96  TRP TRP X . n 
A 1 30 ALA 30 97  97  ALA ALA X . n 
A 1 31 ASP 31 98  98  ASP ASP X . n 
A 1 32 LYS 32 99  99  LYS LYS X . n 
A 1 33 GLY 33 100 100 GLY GLY X . n 
A 1 34 TYR 34 101 101 TYR TYR X . n 
A 1 35 THR 35 102 102 THR THR X . n 
A 1 36 LEU 36 103 103 LEU LEU X . n 
A 1 37 THR 37 104 104 THR THR X . n 
A 1 38 GLN 38 105 105 GLN GLN X . n 
A 1 39 LEU 39 106 106 LEU LEU X . n 
A 1 40 SER 40 107 107 SER SER X . n 
A 1 41 ASP 41 108 108 ASP ASP X . n 
A 1 42 PHE 42 109 109 PHE PHE X . n 
A 1 43 LEU 43 110 110 LEU LEU X . n 
A 1 44 LYS 44 111 111 LYS LYS X . n 
A 1 45 SER 45 112 112 SER SER X . n 
A 1 46 LYS 46 113 113 LYS LYS X . n 
A 1 47 THR 47 114 114 THR THR X . n 
A 1 48 ARG 48 115 115 ARG ARG X . n 
A 1 49 GLY 49 116 116 GLY GLY X . n 
A 1 50 LYS 50 117 117 LYS LYS X . n 
A 1 51 TYR 51 118 118 TYR TYR X . n 
A 1 52 ASP 52 119 119 ASP ASP X . n 
A 1 53 ARG 53 120 120 ARG ARG X . n 
A 1 54 VAL 54 121 121 VAL VAL X . n 
A 1 55 TYR 55 122 122 TYR TYR X . n 
A 1 56 ASN 56 123 123 ASN ASN X . n 
A 1 57 GLY 57 124 124 GLY GLY X . n 
A 1 58 TYR 58 125 125 TYR TYR X . n 
A 1 59 MET 59 126 126 MET MET X . n 
A 1 60 THR 60 127 127 THR THR X . n 
A 1 61 TYR 61 128 128 TYR TYR X . n 
A 1 62 ARG 62 129 129 ARG ARG X . n 
A 1 63 ASP 63 130 130 ASP ASP X . n 
A 1 64 TYR 64 131 131 TYR TYR X . n 
A 1 65 VAL 65 132 132 VAL VAL X . n 
# 
loop_
_pdbx_nonpoly_scheme.asym_id 
_pdbx_nonpoly_scheme.entity_id 
_pdbx_nonpoly_scheme.mon_id 
_pdbx_nonpoly_scheme.ndb_seq_num 
_pdbx_nonpoly_scheme.pdb_seq_num 
_pdbx_nonpoly_scheme.auth_seq_num 
_pdbx_nonpoly_scheme.pdb_mon_id 
_pdbx_nonpoly_scheme.auth_mon_id 
_pdbx_nonpoly_scheme.pdb_strand_id 
_pdbx_nonpoly_scheme.pdb_ins_code 
B 2 PGE 1  1133 1133 PGE PGE X . 
C 3 CL  1  1134 1134 CL  CL  X . 
D 3 CL  1  1135 1135 CL  CL  X . 
E 4 HOH 1  2001 2001 HOH HOH X . 
E 4 HOH 2  2002 2002 HOH HOH X . 
E 4 HOH 3  2003 2003 HOH HOH X . 
E 4 HOH 4  2004 2004 HOH HOH X . 
E 4 HOH 5  2005 2005 HOH HOH X . 
E 4 HOH 6  2006 2006 HOH HOH X . 
E 4 HOH 7  2007 2007 HOH HOH X . 
E 4 HOH 8  2008 2008 HOH HOH X . 
E 4 HOH 9  2009 2009 HOH HOH X . 
E 4 HOH 10 2010 2010 HOH HOH X . 
E 4 HOH 11 2011 2011 HOH HOH X . 
E 4 HOH 12 2012 2012 HOH HOH X . 
E 4 HOH 13 2013 2013 HOH HOH X . 
E 4 HOH 14 2014 2014 HOH HOH X . 
E 4 HOH 15 2015 2015 HOH HOH X . 
E 4 HOH 16 2016 2016 HOH HOH X . 
E 4 HOH 17 2017 2017 HOH HOH X . 
E 4 HOH 18 2018 2018 HOH HOH X . 
E 4 HOH 19 2019 2019 HOH HOH X . 
E 4 HOH 20 2020 2020 HOH HOH X . 
E 4 HOH 21 2021 2021 HOH HOH X . 
E 4 HOH 22 2022 2022 HOH HOH X . 
E 4 HOH 23 2023 2023 HOH HOH X . 
E 4 HOH 24 2024 2024 HOH HOH X . 
E 4 HOH 25 2025 2025 HOH HOH X . 
E 4 HOH 26 2026 2026 HOH HOH X . 
E 4 HOH 27 2027 2027 HOH HOH X . 
E 4 HOH 28 2028 2028 HOH HOH X . 
E 4 HOH 29 2029 2029 HOH HOH X . 
E 4 HOH 30 2030 2030 HOH HOH X . 
E 4 HOH 31 2031 2031 HOH HOH X . 
E 4 HOH 32 2032 2032 HOH HOH X . 
E 4 HOH 33 2033 2033 HOH HOH X . 
E 4 HOH 34 2034 2034 HOH HOH X . 
E 4 HOH 35 2035 2035 HOH HOH X . 
E 4 HOH 36 2036 2036 HOH HOH X . 
E 4 HOH 37 2037 2037 HOH HOH X . 
E 4 HOH 38 2038 2038 HOH HOH X . 
E 4 HOH 39 2039 2039 HOH HOH X . 
E 4 HOH 40 2040 2040 HOH HOH X . 
E 4 HOH 41 2041 2041 HOH HOH X . 
E 4 HOH 42 2042 2042 HOH HOH X . 
E 4 HOH 43 2043 2043 HOH HOH X . 
E 4 HOH 44 2044 2044 HOH HOH X . 
E 4 HOH 45 2045 2045 HOH HOH X . 
E 4 HOH 46 2046 2046 HOH HOH X . 
E 4 HOH 47 2047 2047 HOH HOH X . 
E 4 HOH 48 2048 2048 HOH HOH X . 
E 4 HOH 49 2049 2049 HOH HOH X . 
E 4 HOH 50 2050 2050 HOH HOH X . 
E 4 HOH 51 2051 2051 HOH HOH X . 
E 4 HOH 52 2052 2052 HOH HOH X . 
E 4 HOH 53 2053 2053 HOH HOH X . 
E 4 HOH 54 2054 2054 HOH HOH X . 
E 4 HOH 55 2055 2055 HOH HOH X . 
E 4 HOH 56 2056 2056 HOH HOH X . 
E 4 HOH 57 2057 2057 HOH HOH X . 
E 4 HOH 58 2058 2058 HOH HOH X . 
E 4 HOH 59 2059 2059 HOH HOH X . 
E 4 HOH 60 2060 2060 HOH HOH X . 
E 4 HOH 61 2061 2061 HOH HOH X . 
E 4 HOH 62 2062 2062 HOH HOH X . 
E 4 HOH 63 2063 2063 HOH HOH X . 
E 4 HOH 64 2064 2064 HOH HOH X . 
E 4 HOH 65 2065 2065 HOH HOH X . 
E 4 HOH 66 2066 2066 HOH HOH X . 
E 4 HOH 67 2067 2067 HOH HOH X . 
E 4 HOH 68 2068 2068 HOH HOH X . 
E 4 HOH 69 2069 2069 HOH HOH X . 
E 4 HOH 70 2070 2070 HOH HOH X . 
E 4 HOH 71 2071 2071 HOH HOH X . 
E 4 HOH 72 2072 2072 HOH HOH X . 
E 4 HOH 73 2073 2073 HOH HOH X . 
E 4 HOH 74 2074 2074 HOH HOH X . 
E 4 HOH 75 2075 2075 HOH HOH X . 
E 4 HOH 76 2076 2076 HOH HOH X . 
E 4 HOH 77 2077 2077 HOH HOH X . 
E 4 HOH 78 2078 2078 HOH HOH X . 
E 4 HOH 79 2079 2079 HOH HOH X . 
E 4 HOH 80 2080 2080 HOH HOH X . 
E 4 HOH 81 2081 2081 HOH HOH X . 
E 4 HOH 82 2082 2082 HOH HOH X . 
E 4 HOH 83 2083 2083 HOH HOH X . 
E 4 HOH 84 2084 2084 HOH HOH X . 
E 4 HOH 85 2085 2085 HOH HOH X . 
E 4 HOH 86 2086 2086 HOH HOH X . 
E 4 HOH 87 2087 2087 HOH HOH X . 
E 4 HOH 88 2088 2088 HOH HOH X . 
E 4 HOH 89 2089 2089 HOH HOH X . 
E 4 HOH 90 2090 2090 HOH HOH X . 
E 4 HOH 91 2091 2091 HOH HOH X . 
# 
_software.name             REFMAC 
_software.classification   refinement 
_software.version          5.5.0109 
_software.citation_id      ? 
_software.pdbx_ordinal     1 
# 
_cell.entry_id           3ZR8 
_cell.length_a           21.300 
_cell.length_b           25.330 
_cell.length_c           90.700 
_cell.angle_alpha        90.00 
_cell.angle_beta         90.00 
_cell.angle_gamma        90.00 
_cell.Z_PDB              4 
_cell.pdbx_unique_axis   ? 
# 
_symmetry.entry_id                         3ZR8 
_symmetry.space_group_name_H-M             'P 21 21 21' 
_symmetry.pdbx_full_space_group_name_H-M   ? 
_symmetry.cell_setting                     ? 
_symmetry.Int_Tables_number                19 
# 
_exptl.entry_id          3ZR8 
_exptl.method            'X-RAY DIFFRACTION' 
_exptl.crystals_number   ? 
# 
_exptl_crystal.id                    1 
_exptl_crystal.density_meas          ? 
_exptl_crystal.density_Matthews      1.64 
_exptl_crystal.density_percent_sol   24.86 
_exptl_crystal.description           NONE 
# 
_exptl_crystal_grow.crystal_id      1 
_exptl_crystal_grow.method          ? 
_exptl_crystal_grow.temp            ? 
_exptl_crystal_grow.temp_details    ? 
_exptl_crystal_grow.pH              ? 
_exptl_crystal_grow.pdbx_pH_range   ? 
_exptl_crystal_grow.pdbx_details    '25-30% (W/V) PEG 3350, 0.1 M BIS-TRIS PROPANE PH 6.5-7.0, 0.2 M POTASSIUM THIOCYANATE.' 
# 
_diffrn.id                     1 
_diffrn.ambient_temp           100 
_diffrn.ambient_temp_details   ? 
_diffrn.crystal_id             1 
# 
_diffrn_radiation.diffrn_id                        1 
_diffrn_radiation.wavelength_id                    1 
_diffrn_radiation.pdbx_monochromatic_or_laue_m_l   M 
_diffrn_radiation.monochromator                    ? 
_diffrn_radiation.pdbx_diffrn_protocol             'SINGLE WAVELENGTH' 
_diffrn_radiation.pdbx_scattering_type             x-ray 
# 
_diffrn_radiation_wavelength.id           1 
_diffrn_radiation_wavelength.wavelength   0.73 
_diffrn_radiation_wavelength.wt           1.0 
# 
_diffrn_source.diffrn_id                   1 
_diffrn_source.source                      SYNCHROTRON 
_diffrn_source.type                        'DIAMOND BEAMLINE I04' 
_diffrn_source.pdbx_synchrotron_site       Diamond 
_diffrn_source.pdbx_synchrotron_beamline   I04 
_diffrn_source.pdbx_wavelength             0.73 
_diffrn_source.pdbx_wavelength_list        ? 
# 
_reflns.pdbx_diffrn_id               1 
_reflns.pdbx_ordinal                 1 
_reflns.entry_id                     3ZR8 
_reflns.observed_criterion_sigma_I   0.0 
_reflns.observed_criterion_sigma_F   ? 
_reflns.d_resolution_low             17.41 
_reflns.d_resolution_high            0.90 
_reflns.number_obs                   34450 
_reflns.number_all                   ? 
_reflns.percent_possible_obs         97.5 
_reflns.pdbx_Rmerge_I_obs            0.06 
_reflns.pdbx_Rsym_value              ? 
_reflns.pdbx_netI_over_sigmaI        14.00 
_reflns.B_iso_Wilson_estimate        0 
_reflns.pdbx_redundancy              4.7 
# 
_refine.pdbx_refine_id                           'X-RAY DIFFRACTION' 
_refine.entry_id                                 3ZR8 
_refine.pdbx_diffrn_id                           1 
_refine.pdbx_TLS_residual_ADP_flag               ? 
_refine.ls_number_reflns_obs                     34450 
_refine.ls_number_reflns_all                     ? 
_refine.pdbx_ls_sigma_I                          ? 
_refine.pdbx_ls_sigma_F                          . 
_refine.pdbx_data_cutoff_high_absF               ? 
_refine.pdbx_data_cutoff_low_absF                ? 
_refine.pdbx_data_cutoff_high_rms_absF           ? 
_refine.ls_d_res_low                             17.41 
_refine.ls_d_res_high                            0.90 
_refine.ls_percent_reflns_obs                    96.97 
_refine.ls_R_factor_obs                          0.12669 
_refine.ls_R_factor_all                          ? 
_refine.ls_R_factor_R_work                       0.12550 
_refine.ls_R_factor_R_free                       0.14865 
_refine.ls_R_factor_R_free_error                 ? 
_refine.ls_R_factor_R_free_error_details         ? 
_refine.ls_percent_reflns_R_free                 5.1 
_refine.ls_number_reflns_R_free                  1835 
_refine.ls_number_parameters                     ? 
_refine.ls_number_restraints                     ? 
_refine.occupancy_min                            ? 
_refine.occupancy_max                            ? 
_refine.correlation_coeff_Fo_to_Fc               0.975 
_refine.correlation_coeff_Fo_to_Fc_free          0.969 
_refine.B_iso_mean                               5.446 
_refine.aniso_B[1][1]                            0.09 
_refine.aniso_B[2][2]                            -0.21 
_refine.aniso_B[3][3]                            0.12 
_refine.aniso_B[1][2]                            0.00 
_refine.aniso_B[1][3]                            0.00 
_refine.aniso_B[2][3]                            0.00 
_refine.solvent_model_details                    MASK 
_refine.solvent_model_param_ksol                 ? 
_refine.solvent_model_param_bsol                 ? 
_refine.pdbx_solvent_vdw_probe_radii             1.40 
_refine.pdbx_solvent_ion_probe_radii             0.80 
_refine.pdbx_solvent_shrinkage_radii             0.80 
_refine.pdbx_ls_cross_valid_method               THROUGHOUT 
_refine.details                                  
'HYDROGENS HAVE BEEN ADDED IN THE RIDING POSITIONS. U VALUES AND REFINED INDIVIDUALLY' 
_refine.pdbx_starting_model                      NONE 
_refine.pdbx_method_to_determine_struct          OTHER 
_refine.pdbx_isotropic_thermal_model             ? 
_refine.pdbx_stereochemistry_target_values       'MAXIMUM LIKELIHOOD' 
_refine.pdbx_stereochem_target_val_spec_case     ? 
_refine.pdbx_R_Free_selection_details            RANDOM 
_refine.pdbx_overall_ESU_R                       0.018 
_refine.pdbx_overall_ESU_R_Free                  0.020 
_refine.overall_SU_ML                            0.012 
_refine.pdbx_overall_phase_error                 ? 
_refine.overall_SU_B                             0.422 
_refine.overall_SU_R_Cruickshank_DPI             ? 
_refine.pdbx_overall_SU_R_free_Cruickshank_DPI   ? 
_refine.pdbx_overall_SU_R_Blow_DPI               ? 
_refine.pdbx_overall_SU_R_free_Blow_DPI          ? 
# 
_refine_hist.pdbx_refine_id                   'X-RAY DIFFRACTION' 
_refine_hist.cycle_id                         LAST 
_refine_hist.pdbx_number_atoms_protein        526 
_refine_hist.pdbx_number_atoms_nucleic_acid   0 
_refine_hist.pdbx_number_atoms_ligand         12 
_refine_hist.number_atoms_solvent             91 
_refine_hist.number_atoms_total               629 
_refine_hist.d_res_high                       0.90 
_refine_hist.d_res_low                        17.41 
# 
loop_
_refine_ls_restr.type 
_refine_ls_restr.dev_ideal 
_refine_ls_restr.dev_ideal_target 
_refine_ls_restr.weight 
_refine_ls_restr.number 
_refine_ls_restr.pdbx_refine_id 
_refine_ls_restr.pdbx_restraint_function 
r_bond_refined_d             0.017  0.022  ? 633  'X-RAY DIFFRACTION' ? 
r_bond_other_d               0.004  0.020  ? 480  'X-RAY DIFFRACTION' ? 
r_angle_refined_deg          2.371  1.988  ? 856  'X-RAY DIFFRACTION' ? 
r_angle_other_deg            1.031  3.000  ? 1179 'X-RAY DIFFRACTION' ? 
r_dihedral_angle_1_deg       5.602  5.000  ? 84   'X-RAY DIFFRACTION' ? 
r_dihedral_angle_2_deg       33.552 23.333 ? 27   'X-RAY DIFFRACTION' ? 
r_dihedral_angle_3_deg       14.132 15.000 ? 134  'X-RAY DIFFRACTION' ? 
r_dihedral_angle_4_deg       13.038 15.000 ? 4    'X-RAY DIFFRACTION' ? 
r_chiral_restr               0.082  0.200  ? 86   'X-RAY DIFFRACTION' ? 
r_gen_planes_refined         0.009  0.020  ? 693  'X-RAY DIFFRACTION' ? 
r_gen_planes_other           0.001  0.020  ? 134  'X-RAY DIFFRACTION' ? 
r_nbd_refined                ?      ?      ? ?    'X-RAY DIFFRACTION' ? 
r_nbd_other                  ?      ?      ? ?    'X-RAY DIFFRACTION' ? 
r_nbtor_refined              ?      ?      ? ?    'X-RAY DIFFRACTION' ? 
r_nbtor_other                ?      ?      ? ?    'X-RAY DIFFRACTION' ? 
r_xyhbond_nbd_refined        ?      ?      ? ?    'X-RAY DIFFRACTION' ? 
r_xyhbond_nbd_other          ?      ?      ? ?    'X-RAY DIFFRACTION' ? 
r_metal_ion_refined          ?      ?      ? ?    'X-RAY DIFFRACTION' ? 
r_metal_ion_other            ?      ?      ? ?    'X-RAY DIFFRACTION' ? 
r_symmetry_vdw_refined       ?      ?      ? ?    'X-RAY DIFFRACTION' ? 
r_symmetry_vdw_other         ?      ?      ? ?    'X-RAY DIFFRACTION' ? 
r_symmetry_hbond_refined     ?      ?      ? ?    'X-RAY DIFFRACTION' ? 
r_symmetry_hbond_other       ?      ?      ? ?    'X-RAY DIFFRACTION' ? 
r_symmetry_metal_ion_refined ?      ?      ? ?    'X-RAY DIFFRACTION' ? 
r_symmetry_metal_ion_other   ?      ?      ? ?    'X-RAY DIFFRACTION' ? 
r_mcbond_it                  1.607  1.500  ? 364  'X-RAY DIFFRACTION' ? 
r_mcbond_other               0.491  1.500  ? 145  'X-RAY DIFFRACTION' ? 
r_mcangle_it                 2.405  2.000  ? 594  'X-RAY DIFFRACTION' ? 
r_mcangle_other              ?      ?      ? ?    'X-RAY DIFFRACTION' ? 
r_scbond_it                  3.485  3.000  ? 269  'X-RAY DIFFRACTION' ? 
r_scbond_other               ?      ?      ? ?    'X-RAY DIFFRACTION' ? 
r_scangle_it                 4.514  4.500  ? 252  'X-RAY DIFFRACTION' ? 
r_scangle_other              ?      ?      ? ?    'X-RAY DIFFRACTION' ? 
r_long_range_B_refined       ?      ?      ? ?    'X-RAY DIFFRACTION' ? 
r_long_range_B_other         ?      ?      ? ?    'X-RAY DIFFRACTION' ? 
r_rigid_bond_restr           1.342  3.000  ? 1113 'X-RAY DIFFRACTION' ? 
r_sphericity_free            ?      ?      ? ?    'X-RAY DIFFRACTION' ? 
r_sphericity_bonded          ?      ?      ? ?    'X-RAY DIFFRACTION' ? 
# 
_refine_ls_shell.pdbx_refine_id                   'X-RAY DIFFRACTION' 
_refine_ls_shell.pdbx_total_number_of_bins_used   20 
_refine_ls_shell.d_res_high                       0.900 
_refine_ls_shell.d_res_low                        0.923 
_refine_ls_shell.number_reflns_R_work             2491 
_refine_ls_shell.R_factor_R_work                  0.196 
_refine_ls_shell.percent_reflns_obs               97.23 
_refine_ls_shell.R_factor_R_free                  0.209 
_refine_ls_shell.R_factor_R_free_error            ? 
_refine_ls_shell.percent_reflns_R_free            ? 
_refine_ls_shell.number_reflns_R_free             143 
_refine_ls_shell.number_reflns_all                ? 
_refine_ls_shell.R_factor_all                     ? 
# 
_struct.entry_id                  3ZR8 
_struct.title                     'Crystal structure of RxLR effector Avr3a11 from Phytophthora capsici' 
_struct.pdbx_model_details        ? 
_struct.pdbx_CASP_flag            ? 
_struct.pdbx_model_type_details   ? 
# 
_struct_keywords.entry_id        3ZR8 
_struct_keywords.pdbx_keywords   'PROTEIN BINDING' 
_struct_keywords.text            'PROTEIN BINDING, PLANT PATHOGEN INTERACTIONS' 
# 
loop_
_struct_asym.id 
_struct_asym.pdbx_blank_PDB_chainid_flag 
_struct_asym.pdbx_modified 
_struct_asym.entity_id 
_struct_asym.details 
A N N 1 ? 
B N N 2 ? 
C N N 3 ? 
D N N 3 ? 
E N N 4 ? 
# 
_struct_ref.id                         1 
_struct_ref.db_name                    PDB 
_struct_ref.db_code                    3ZR8 
_struct_ref.entity_id                  1 
_struct_ref.pdbx_seq_one_letter_code   ? 
_struct_ref.pdbx_align_begin           ? 
_struct_ref.pdbx_db_accession          3ZR8 
_struct_ref.pdbx_db_isoform            ? 
# 
_struct_ref_seq.align_id                      1 
_struct_ref_seq.ref_id                        1 
_struct_ref_seq.pdbx_PDB_id_code              3ZR8 
_struct_ref_seq.pdbx_strand_id                X 
_struct_ref_seq.seq_align_beg                 1 
_struct_ref_seq.pdbx_seq_align_beg_ins_code   ? 
_struct_ref_seq.seq_align_end                 65 
_struct_ref_seq.pdbx_seq_align_end_ins_code   ? 
_struct_ref_seq.pdbx_db_accession             3ZR8 
_struct_ref_seq.db_align_beg                  68 
_struct_ref_seq.pdbx_db_align_beg_ins_code    ? 
_struct_ref_seq.db_align_end                  132 
_struct_ref_seq.pdbx_db_align_end_ins_code    ? 
_struct_ref_seq.pdbx_auth_seq_align_beg       68 
_struct_ref_seq.pdbx_auth_seq_align_end       132 
# 
_pdbx_struct_assembly.id                   1 
_pdbx_struct_assembly.details              author_and_software_defined_assembly 
_pdbx_struct_assembly.method_details       PISA 
_pdbx_struct_assembly.oligomeric_details   monomeric 
_pdbx_struct_assembly.oligomeric_count     1 
# 
_pdbx_struct_assembly_gen.assembly_id       1 
_pdbx_struct_assembly_gen.oper_expression   1 
_pdbx_struct_assembly_gen.asym_id_list      A,B,C,D,E 
# 
_pdbx_struct_oper_list.id                   1 
_pdbx_struct_oper_list.type                 'identity operation' 
_pdbx_struct_oper_list.name                 1_555 
_pdbx_struct_oper_list.symmetry_operation   x,y,z 
_pdbx_struct_oper_list.matrix[1][1]         1.0000000000 
_pdbx_struct_oper_list.matrix[1][2]         0.0000000000 
_pdbx_struct_oper_list.matrix[1][3]         0.0000000000 
_pdbx_struct_oper_list.vector[1]            0.0000000000 
_pdbx_struct_oper_list.matrix[2][1]         0.0000000000 
_pdbx_struct_oper_list.matrix[2][2]         1.0000000000 
_pdbx_struct_oper_list.matrix[2][3]         0.0000000000 
_pdbx_struct_oper_list.vector[2]            0.0000000000 
_pdbx_struct_oper_list.matrix[3][1]         0.0000000000 
_pdbx_struct_oper_list.matrix[3][2]         0.0000000000 
_pdbx_struct_oper_list.matrix[3][3]         1.0000000000 
_pdbx_struct_oper_list.vector[3]            0.0000000000 
# 
_struct_biol.id   1 
# 
loop_
_struct_conf.conf_type_id 
_struct_conf.id 
_struct_conf.pdbx_PDB_helix_id 
_struct_conf.beg_label_comp_id 
_struct_conf.beg_label_asym_id 
_struct_conf.beg_label_seq_id 
_struct_conf.pdbx_beg_PDB_ins_code 
_struct_conf.end_label_comp_id 
_struct_conf.end_label_asym_id 
_struct_conf.end_label_seq_id 
_struct_conf.pdbx_end_PDB_ins_code 
_struct_conf.beg_auth_comp_id 
_struct_conf.beg_auth_asym_id 
_struct_conf.beg_auth_seq_id 
_struct_conf.end_auth_comp_id 
_struct_conf.end_auth_asym_id 
_struct_conf.end_auth_seq_id 
_struct_conf.pdbx_PDB_helix_class 
_struct_conf.details 
_struct_conf.pdbx_PDB_helix_length 
HELX_P HELX_P1 1 GLY A 1  ? ASP A 18 ? GLY X 68  ASP X 85  1 ? 18 
HELX_P HELX_P2 2 LYS A 21 ? GLY A 33 ? LYS X 88  GLY X 100 1 ? 13 
HELX_P HELX_P3 3 THR A 35 ? SER A 40 ? THR X 102 SER X 107 1 ? 6  
HELX_P HELX_P4 4 ASP A 41 ? LEU A 43 ? ASP X 108 LEU X 110 5 ? 3  
HELX_P HELX_P5 5 TYR A 51 ? TYR A 64 ? TYR X 118 TYR X 131 1 ? 14 
# 
_struct_conf_type.id          HELX_P 
_struct_conf_type.criteria    ? 
_struct_conf_type.reference   ? 
# 
loop_
_struct_site.id 
_struct_site.pdbx_evidence_code 
_struct_site.pdbx_auth_asym_id 
_struct_site.pdbx_auth_comp_id 
_struct_site.pdbx_auth_seq_id 
_struct_site.pdbx_auth_ins_code 
_struct_site.pdbx_num_residues 
_struct_site.details 
AC1 Software X PGE 1133 ? 15 'BINDING SITE FOR RESIDUE PGE X 1133' 
AC2 Software X CL  1134 ? 3  'BINDING SITE FOR RESIDUE CL X 1134'  
AC3 Software X CL  1135 ? 3  'BINDING SITE FOR RESIDUE CL X 1135'  
# 
loop_
_struct_site_gen.id 
_struct_site_gen.site_id 
_struct_site_gen.pdbx_num_res 
_struct_site_gen.label_comp_id 
_struct_site_gen.label_asym_id 
_struct_site_gen.label_seq_id 
_struct_site_gen.pdbx_auth_ins_code 
_struct_site_gen.auth_comp_id 
_struct_site_gen.auth_asym_id 
_struct_site_gen.auth_seq_id 
_struct_site_gen.label_atom_id 
_struct_site_gen.label_alt_id 
_struct_site_gen.symmetry 
_struct_site_gen.details 
1  AC1 15 LYS A 46 ? LYS X 113  . ? 3_656 ? 
2  AC1 15 THR A 47 ? THR X 114  . ? 3_656 ? 
3  AC1 15 GLY A 49 ? GLY X 116  . ? 1_555 ? 
4  AC1 15 ASP A 52 ? ASP X 119  . ? 1_555 ? 
5  AC1 15 ARG A 53 ? ARG X 120  . ? 1_555 ? 
6  AC1 15 ASN A 56 ? ASN X 123  . ? 1_555 ? 
7  AC1 15 HOH E .  ? HOH X 2027 . ? 1_455 ? 
8  AC1 15 HOH E .  ? HOH X 2062 . ? 3_656 ? 
9  AC1 15 HOH E .  ? HOH X 2063 . ? 3_656 ? 
10 AC1 15 HOH E .  ? HOH X 2066 . ? 1_555 ? 
11 AC1 15 HOH E .  ? HOH X 2069 . ? 1_555 ? 
12 AC1 15 HOH E .  ? HOH X 2074 . ? 1_555 ? 
13 AC1 15 HOH E .  ? HOH X 2077 . ? 1_555 ? 
14 AC1 15 HOH E .  ? HOH X 2090 . ? 1_555 ? 
15 AC1 15 HOH E .  ? HOH X 2091 . ? 1_555 ? 
16 AC2 3  ARG A 48 ? ARG X 115  . ? 3_656 ? 
17 AC2 3  ARG A 53 ? ARG X 120  . ? 1_555 ? 
18 AC2 3  HOH E .  ? HOH X 2077 . ? 1_555 ? 
19 AC3 3  GLY A 1  ? GLY X 68   . ? 1_555 ? 
20 AC3 3  GLU A 4  ? GLU X 71   . ? 1_555 ? 
21 AC3 3  ARG A 62 ? ARG X 129  . ? 4_566 ? 
# 
loop_
_pdbx_validate_close_contact.id 
_pdbx_validate_close_contact.PDB_model_num 
_pdbx_validate_close_contact.auth_atom_id_1 
_pdbx_validate_close_contact.auth_asym_id_1 
_pdbx_validate_close_contact.auth_comp_id_1 
_pdbx_validate_close_contact.auth_seq_id_1 
_pdbx_validate_close_contact.PDB_ins_code_1 
_pdbx_validate_close_contact.label_alt_id_1 
_pdbx_validate_close_contact.auth_atom_id_2 
_pdbx_validate_close_contact.auth_asym_id_2 
_pdbx_validate_close_contact.auth_comp_id_2 
_pdbx_validate_close_contact.auth_seq_id_2 
_pdbx_validate_close_contact.PDB_ins_code_2 
_pdbx_validate_close_contact.label_alt_id_2 
_pdbx_validate_close_contact.dist 
1 1 CL X CL  1134 ? ? O X HOH 2077 ? ? 1.97 
2 1 O  X HOH 2060 ? ? O X HOH 2064 ? ? 2.05 
# 
loop_
_pdbx_validate_symm_contact.id 
_pdbx_validate_symm_contact.PDB_model_num 
_pdbx_validate_symm_contact.auth_atom_id_1 
_pdbx_validate_symm_contact.auth_asym_id_1 
_pdbx_validate_symm_contact.auth_comp_id_1 
_pdbx_validate_symm_contact.auth_seq_id_1 
_pdbx_validate_symm_contact.PDB_ins_code_1 
_pdbx_validate_symm_contact.label_alt_id_1 
_pdbx_validate_symm_contact.site_symmetry_1 
_pdbx_validate_symm_contact.auth_atom_id_2 
_pdbx_validate_symm_contact.auth_asym_id_2 
_pdbx_validate_symm_contact.auth_comp_id_2 
_pdbx_validate_symm_contact.auth_seq_id_2 
_pdbx_validate_symm_contact.PDB_ins_code_2 
_pdbx_validate_symm_contact.label_alt_id_2 
_pdbx_validate_symm_contact.site_symmetry_2 
_pdbx_validate_symm_contact.dist 
1 1 O X HOH 2028 ? ? 1_555 O X HOH 2060 ? ? 1_565 1.76 
2 1 O X HOH 2007 ? ? 1_555 O X HOH 2036 ? ? 1_545 2.05 
# 
_pdbx_entry_details.entry_id                 3ZR8 
_pdbx_entry_details.compound_details         ? 
_pdbx_entry_details.source_details           ? 
_pdbx_entry_details.nonpolymer_details       ? 
_pdbx_entry_details.sequence_details         'GENOME CURRENTLY NOT ANNOTATED.' 
_pdbx_entry_details.has_ligand_of_interest   ? 
# 
_pdbx_distant_solvent_atoms.id                                1 
_pdbx_distant_solvent_atoms.PDB_model_num                     1 
_pdbx_distant_solvent_atoms.auth_atom_id                      O 
_pdbx_distant_solvent_atoms.label_alt_id                      ? 
_pdbx_distant_solvent_atoms.auth_asym_id                      X 
_pdbx_distant_solvent_atoms.auth_comp_id                      HOH 
_pdbx_distant_solvent_atoms.auth_seq_id                       2054 
_pdbx_distant_solvent_atoms.PDB_ins_code                      ? 
_pdbx_distant_solvent_atoms.neighbor_macromolecule_distance   5.81 
_pdbx_distant_solvent_atoms.neighbor_ligand_distance          . 
# 
loop_
_chem_comp_atom.comp_id 
_chem_comp_atom.atom_id 
_chem_comp_atom.type_symbol 
_chem_comp_atom.pdbx_aromatic_flag 
_chem_comp_atom.pdbx_stereo_config 
_chem_comp_atom.pdbx_ordinal 
ALA N    N  N N 1   
ALA CA   C  N S 2   
ALA C    C  N N 3   
ALA O    O  N N 4   
ALA CB   C  N N 5   
ALA OXT  O  N N 6   
ALA H    H  N N 7   
ALA H2   H  N N 8   
ALA HA   H  N N 9   
ALA HB1  H  N N 10  
ALA HB2  H  N N 11  
ALA HB3  H  N N 12  
ALA HXT  H  N N 13  
ARG N    N  N N 14  
ARG CA   C  N S 15  
ARG C    C  N N 16  
ARG O    O  N N 17  
ARG CB   C  N N 18  
ARG CG   C  N N 19  
ARG CD   C  N N 20  
ARG NE   N  N N 21  
ARG CZ   C  N N 22  
ARG NH1  N  N N 23  
ARG NH2  N  N N 24  
ARG OXT  O  N N 25  
ARG H    H  N N 26  
ARG H2   H  N N 27  
ARG HA   H  N N 28  
ARG HB2  H  N N 29  
ARG HB3  H  N N 30  
ARG HG2  H  N N 31  
ARG HG3  H  N N 32  
ARG HD2  H  N N 33  
ARG HD3  H  N N 34  
ARG HE   H  N N 35  
ARG HH11 H  N N 36  
ARG HH12 H  N N 37  
ARG HH21 H  N N 38  
ARG HH22 H  N N 39  
ARG HXT  H  N N 40  
ASN N    N  N N 41  
ASN CA   C  N S 42  
ASN C    C  N N 43  
ASN O    O  N N 44  
ASN CB   C  N N 45  
ASN CG   C  N N 46  
ASN OD1  O  N N 47  
ASN ND2  N  N N 48  
ASN OXT  O  N N 49  
ASN H    H  N N 50  
ASN H2   H  N N 51  
ASN HA   H  N N 52  
ASN HB2  H  N N 53  
ASN HB3  H  N N 54  
ASN HD21 H  N N 55  
ASN HD22 H  N N 56  
ASN HXT  H  N N 57  
ASP N    N  N N 58  
ASP CA   C  N S 59  
ASP C    C  N N 60  
ASP O    O  N N 61  
ASP CB   C  N N 62  
ASP CG   C  N N 63  
ASP OD1  O  N N 64  
ASP OD2  O  N N 65  
ASP OXT  O  N N 66  
ASP H    H  N N 67  
ASP H2   H  N N 68  
ASP HA   H  N N 69  
ASP HB2  H  N N 70  
ASP HB3  H  N N 71  
ASP HD2  H  N N 72  
ASP HXT  H  N N 73  
CL  CL   CL N N 74  
GLN N    N  N N 75  
GLN CA   C  N S 76  
GLN C    C  N N 77  
GLN O    O  N N 78  
GLN CB   C  N N 79  
GLN CG   C  N N 80  
GLN CD   C  N N 81  
GLN OE1  O  N N 82  
GLN NE2  N  N N 83  
GLN OXT  O  N N 84  
GLN H    H  N N 85  
GLN H2   H  N N 86  
GLN HA   H  N N 87  
GLN HB2  H  N N 88  
GLN HB3  H  N N 89  
GLN HG2  H  N N 90  
GLN HG3  H  N N 91  
GLN HE21 H  N N 92  
GLN HE22 H  N N 93  
GLN HXT  H  N N 94  
GLU N    N  N N 95  
GLU CA   C  N S 96  
GLU C    C  N N 97  
GLU O    O  N N 98  
GLU CB   C  N N 99  
GLU CG   C  N N 100 
GLU CD   C  N N 101 
GLU OE1  O  N N 102 
GLU OE2  O  N N 103 
GLU OXT  O  N N 104 
GLU H    H  N N 105 
GLU H2   H  N N 106 
GLU HA   H  N N 107 
GLU HB2  H  N N 108 
GLU HB3  H  N N 109 
GLU HG2  H  N N 110 
GLU HG3  H  N N 111 
GLU HE2  H  N N 112 
GLU HXT  H  N N 113 
GLY N    N  N N 114 
GLY CA   C  N N 115 
GLY C    C  N N 116 
GLY O    O  N N 117 
GLY OXT  O  N N 118 
GLY H    H  N N 119 
GLY H2   H  N N 120 
GLY HA2  H  N N 121 
GLY HA3  H  N N 122 
GLY HXT  H  N N 123 
HOH O    O  N N 124 
HOH H1   H  N N 125 
HOH H2   H  N N 126 
ILE N    N  N N 127 
ILE CA   C  N S 128 
ILE C    C  N N 129 
ILE O    O  N N 130 
ILE CB   C  N S 131 
ILE CG1  C  N N 132 
ILE CG2  C  N N 133 
ILE CD1  C  N N 134 
ILE OXT  O  N N 135 
ILE H    H  N N 136 
ILE H2   H  N N 137 
ILE HA   H  N N 138 
ILE HB   H  N N 139 
ILE HG12 H  N N 140 
ILE HG13 H  N N 141 
ILE HG21 H  N N 142 
ILE HG22 H  N N 143 
ILE HG23 H  N N 144 
ILE HD11 H  N N 145 
ILE HD12 H  N N 146 
ILE HD13 H  N N 147 
ILE HXT  H  N N 148 
LEU N    N  N N 149 
LEU CA   C  N S 150 
LEU C    C  N N 151 
LEU O    O  N N 152 
LEU CB   C  N N 153 
LEU CG   C  N N 154 
LEU CD1  C  N N 155 
LEU CD2  C  N N 156 
LEU OXT  O  N N 157 
LEU H    H  N N 158 
LEU H2   H  N N 159 
LEU HA   H  N N 160 
LEU HB2  H  N N 161 
LEU HB3  H  N N 162 
LEU HG   H  N N 163 
LEU HD11 H  N N 164 
LEU HD12 H  N N 165 
LEU HD13 H  N N 166 
LEU HD21 H  N N 167 
LEU HD22 H  N N 168 
LEU HD23 H  N N 169 
LEU HXT  H  N N 170 
LYS N    N  N N 171 
LYS CA   C  N S 172 
LYS C    C  N N 173 
LYS O    O  N N 174 
LYS CB   C  N N 175 
LYS CG   C  N N 176 
LYS CD   C  N N 177 
LYS CE   C  N N 178 
LYS NZ   N  N N 179 
LYS OXT  O  N N 180 
LYS H    H  N N 181 
LYS H2   H  N N 182 
LYS HA   H  N N 183 
LYS HB2  H  N N 184 
LYS HB3  H  N N 185 
LYS HG2  H  N N 186 
LYS HG3  H  N N 187 
LYS HD2  H  N N 188 
LYS HD3  H  N N 189 
LYS HE2  H  N N 190 
LYS HE3  H  N N 191 
LYS HZ1  H  N N 192 
LYS HZ2  H  N N 193 
LYS HZ3  H  N N 194 
LYS HXT  H  N N 195 
MET N    N  N N 196 
MET CA   C  N S 197 
MET C    C  N N 198 
MET O    O  N N 199 
MET CB   C  N N 200 
MET CG   C  N N 201 
MET SD   S  N N 202 
MET CE   C  N N 203 
MET OXT  O  N N 204 
MET H    H  N N 205 
MET H2   H  N N 206 
MET HA   H  N N 207 
MET HB2  H  N N 208 
MET HB3  H  N N 209 
MET HG2  H  N N 210 
MET HG3  H  N N 211 
MET HE1  H  N N 212 
MET HE2  H  N N 213 
MET HE3  H  N N 214 
MET HXT  H  N N 215 
PGE C1   C  N N 216 
PGE O1   O  N N 217 
PGE C2   C  N N 218 
PGE O2   O  N N 219 
PGE C3   C  N N 220 
PGE C4   C  N N 221 
PGE O4   O  N N 222 
PGE C6   C  N N 223 
PGE C5   C  N N 224 
PGE O3   O  N N 225 
PGE H1   H  N N 226 
PGE H12  H  N N 227 
PGE HO1  H  N N 228 
PGE H2   H  N N 229 
PGE H22  H  N N 230 
PGE H3   H  N N 231 
PGE H32  H  N N 232 
PGE H4   H  N N 233 
PGE H42  H  N N 234 
PGE HO4  H  N N 235 
PGE H6   H  N N 236 
PGE H62  H  N N 237 
PGE H5   H  N N 238 
PGE H52  H  N N 239 
PHE N    N  N N 240 
PHE CA   C  N S 241 
PHE C    C  N N 242 
PHE O    O  N N 243 
PHE CB   C  N N 244 
PHE CG   C  Y N 245 
PHE CD1  C  Y N 246 
PHE CD2  C  Y N 247 
PHE CE1  C  Y N 248 
PHE CE2  C  Y N 249 
PHE CZ   C  Y N 250 
PHE OXT  O  N N 251 
PHE H    H  N N 252 
PHE H2   H  N N 253 
PHE HA   H  N N 254 
PHE HB2  H  N N 255 
PHE HB3  H  N N 256 
PHE HD1  H  N N 257 
PHE HD2  H  N N 258 
PHE HE1  H  N N 259 
PHE HE2  H  N N 260 
PHE HZ   H  N N 261 
PHE HXT  H  N N 262 
PRO N    N  N N 263 
PRO CA   C  N S 264 
PRO C    C  N N 265 
PRO O    O  N N 266 
PRO CB   C  N N 267 
PRO CG   C  N N 268 
PRO CD   C  N N 269 
PRO OXT  O  N N 270 
PRO H    H  N N 271 
PRO HA   H  N N 272 
PRO HB2  H  N N 273 
PRO HB3  H  N N 274 
PRO HG2  H  N N 275 
PRO HG3  H  N N 276 
PRO HD2  H  N N 277 
PRO HD3  H  N N 278 
PRO HXT  H  N N 279 
SER N    N  N N 280 
SER CA   C  N S 281 
SER C    C  N N 282 
SER O    O  N N 283 
SER CB   C  N N 284 
SER OG   O  N N 285 
SER OXT  O  N N 286 
SER H    H  N N 287 
SER H2   H  N N 288 
SER HA   H  N N 289 
SER HB2  H  N N 290 
SER HB3  H  N N 291 
SER HG   H  N N 292 
SER HXT  H  N N 293 
THR N    N  N N 294 
THR CA   C  N S 295 
THR C    C  N N 296 
THR O    O  N N 297 
THR CB   C  N R 298 
THR OG1  O  N N 299 
THR CG2  C  N N 300 
THR OXT  O  N N 301 
THR H    H  N N 302 
THR H2   H  N N 303 
THR HA   H  N N 304 
THR HB   H  N N 305 
THR HG1  H  N N 306 
THR HG21 H  N N 307 
THR HG22 H  N N 308 
THR HG23 H  N N 309 
THR HXT  H  N N 310 
TRP N    N  N N 311 
TRP CA   C  N S 312 
TRP C    C  N N 313 
TRP O    O  N N 314 
TRP CB   C  N N 315 
TRP CG   C  Y N 316 
TRP CD1  C  Y N 317 
TRP CD2  C  Y N 318 
TRP NE1  N  Y N 319 
TRP CE2  C  Y N 320 
TRP CE3  C  Y N 321 
TRP CZ2  C  Y N 322 
TRP CZ3  C  Y N 323 
TRP CH2  C  Y N 324 
TRP OXT  O  N N 325 
TRP H    H  N N 326 
TRP H2   H  N N 327 
TRP HA   H  N N 328 
TRP HB2  H  N N 329 
TRP HB3  H  N N 330 
TRP HD1  H  N N 331 
TRP HE1  H  N N 332 
TRP HE3  H  N N 333 
TRP HZ2  H  N N 334 
TRP HZ3  H  N N 335 
TRP HH2  H  N N 336 
TRP HXT  H  N N 337 
TYR N    N  N N 338 
TYR CA   C  N S 339 
TYR C    C  N N 340 
TYR O    O  N N 341 
TYR CB   C  N N 342 
TYR CG   C  Y N 343 
TYR CD1  C  Y N 344 
TYR CD2  C  Y N 345 
TYR CE1  C  Y N 346 
TYR CE2  C  Y N 347 
TYR CZ   C  Y N 348 
TYR OH   O  N N 349 
TYR OXT  O  N N 350 
TYR H    H  N N 351 
TYR H2   H  N N 352 
TYR HA   H  N N 353 
TYR HB2  H  N N 354 
TYR HB3  H  N N 355 
TYR HD1  H  N N 356 
TYR HD2  H  N N 357 
TYR HE1  H  N N 358 
TYR HE2  H  N N 359 
TYR HH   H  N N 360 
TYR HXT  H  N N 361 
VAL N    N  N N 362 
VAL CA   C  N S 363 
VAL C    C  N N 364 
VAL O    O  N N 365 
VAL CB   C  N N 366 
VAL CG1  C  N N 367 
VAL CG2  C  N N 368 
VAL OXT  O  N N 369 
VAL H    H  N N 370 
VAL H2   H  N N 371 
VAL HA   H  N N 372 
VAL HB   H  N N 373 
VAL HG11 H  N N 374 
VAL HG12 H  N N 375 
VAL HG13 H  N N 376 
VAL HG21 H  N N 377 
VAL HG22 H  N N 378 
VAL HG23 H  N N 379 
VAL HXT  H  N N 380 
# 
loop_
_chem_comp_bond.comp_id 
_chem_comp_bond.atom_id_1 
_chem_comp_bond.atom_id_2 
_chem_comp_bond.value_order 
_chem_comp_bond.pdbx_aromatic_flag 
_chem_comp_bond.pdbx_stereo_config 
_chem_comp_bond.pdbx_ordinal 
ALA N   CA   sing N N 1   
ALA N   H    sing N N 2   
ALA N   H2   sing N N 3   
ALA CA  C    sing N N 4   
ALA CA  CB   sing N N 5   
ALA CA  HA   sing N N 6   
ALA C   O    doub N N 7   
ALA C   OXT  sing N N 8   
ALA CB  HB1  sing N N 9   
ALA CB  HB2  sing N N 10  
ALA CB  HB3  sing N N 11  
ALA OXT HXT  sing N N 12  
ARG N   CA   sing N N 13  
ARG N   H    sing N N 14  
ARG N   H2   sing N N 15  
ARG CA  C    sing N N 16  
ARG CA  CB   sing N N 17  
ARG CA  HA   sing N N 18  
ARG C   O    doub N N 19  
ARG C   OXT  sing N N 20  
ARG CB  CG   sing N N 21  
ARG CB  HB2  sing N N 22  
ARG CB  HB3  sing N N 23  
ARG CG  CD   sing N N 24  
ARG CG  HG2  sing N N 25  
ARG CG  HG3  sing N N 26  
ARG CD  NE   sing N N 27  
ARG CD  HD2  sing N N 28  
ARG CD  HD3  sing N N 29  
ARG NE  CZ   sing N N 30  
ARG NE  HE   sing N N 31  
ARG CZ  NH1  sing N N 32  
ARG CZ  NH2  doub N N 33  
ARG NH1 HH11 sing N N 34  
ARG NH1 HH12 sing N N 35  
ARG NH2 HH21 sing N N 36  
ARG NH2 HH22 sing N N 37  
ARG OXT HXT  sing N N 38  
ASN N   CA   sing N N 39  
ASN N   H    sing N N 40  
ASN N   H2   sing N N 41  
ASN CA  C    sing N N 42  
ASN CA  CB   sing N N 43  
ASN CA  HA   sing N N 44  
ASN C   O    doub N N 45  
ASN C   OXT  sing N N 46  
ASN CB  CG   sing N N 47  
ASN CB  HB2  sing N N 48  
ASN CB  HB3  sing N N 49  
ASN CG  OD1  doub N N 50  
ASN CG  ND2  sing N N 51  
ASN ND2 HD21 sing N N 52  
ASN ND2 HD22 sing N N 53  
ASN OXT HXT  sing N N 54  
ASP N   CA   sing N N 55  
ASP N   H    sing N N 56  
ASP N   H2   sing N N 57  
ASP CA  C    sing N N 58  
ASP CA  CB   sing N N 59  
ASP CA  HA   sing N N 60  
ASP C   O    doub N N 61  
ASP C   OXT  sing N N 62  
ASP CB  CG   sing N N 63  
ASP CB  HB2  sing N N 64  
ASP CB  HB3  sing N N 65  
ASP CG  OD1  doub N N 66  
ASP CG  OD2  sing N N 67  
ASP OD2 HD2  sing N N 68  
ASP OXT HXT  sing N N 69  
GLN N   CA   sing N N 70  
GLN N   H    sing N N 71  
GLN N   H2   sing N N 72  
GLN CA  C    sing N N 73  
GLN CA  CB   sing N N 74  
GLN CA  HA   sing N N 75  
GLN C   O    doub N N 76  
GLN C   OXT  sing N N 77  
GLN CB  CG   sing N N 78  
GLN CB  HB2  sing N N 79  
GLN CB  HB3  sing N N 80  
GLN CG  CD   sing N N 81  
GLN CG  HG2  sing N N 82  
GLN CG  HG3  sing N N 83  
GLN CD  OE1  doub N N 84  
GLN CD  NE2  sing N N 85  
GLN NE2 HE21 sing N N 86  
GLN NE2 HE22 sing N N 87  
GLN OXT HXT  sing N N 88  
GLU N   CA   sing N N 89  
GLU N   H    sing N N 90  
GLU N   H2   sing N N 91  
GLU CA  C    sing N N 92  
GLU CA  CB   sing N N 93  
GLU CA  HA   sing N N 94  
GLU C   O    doub N N 95  
GLU C   OXT  sing N N 96  
GLU CB  CG   sing N N 97  
GLU CB  HB2  sing N N 98  
GLU CB  HB3  sing N N 99  
GLU CG  CD   sing N N 100 
GLU CG  HG2  sing N N 101 
GLU CG  HG3  sing N N 102 
GLU CD  OE1  doub N N 103 
GLU CD  OE2  sing N N 104 
GLU OE2 HE2  sing N N 105 
GLU OXT HXT  sing N N 106 
GLY N   CA   sing N N 107 
GLY N   H    sing N N 108 
GLY N   H2   sing N N 109 
GLY CA  C    sing N N 110 
GLY CA  HA2  sing N N 111 
GLY CA  HA3  sing N N 112 
GLY C   O    doub N N 113 
GLY C   OXT  sing N N 114 
GLY OXT HXT  sing N N 115 
HOH O   H1   sing N N 116 
HOH O   H2   sing N N 117 
ILE N   CA   sing N N 118 
ILE N   H    sing N N 119 
ILE N   H2   sing N N 120 
ILE CA  C    sing N N 121 
ILE CA  CB   sing N N 122 
ILE CA  HA   sing N N 123 
ILE C   O    doub N N 124 
ILE C   OXT  sing N N 125 
ILE CB  CG1  sing N N 126 
ILE CB  CG2  sing N N 127 
ILE CB  HB   sing N N 128 
ILE CG1 CD1  sing N N 129 
ILE CG1 HG12 sing N N 130 
ILE CG1 HG13 sing N N 131 
ILE CG2 HG21 sing N N 132 
ILE CG2 HG22 sing N N 133 
ILE CG2 HG23 sing N N 134 
ILE CD1 HD11 sing N N 135 
ILE CD1 HD12 sing N N 136 
ILE CD1 HD13 sing N N 137 
ILE OXT HXT  sing N N 138 
LEU N   CA   sing N N 139 
LEU N   H    sing N N 140 
LEU N   H2   sing N N 141 
LEU CA  C    sing N N 142 
LEU CA  CB   sing N N 143 
LEU CA  HA   sing N N 144 
LEU C   O    doub N N 145 
LEU C   OXT  sing N N 146 
LEU CB  CG   sing N N 147 
LEU CB  HB2  sing N N 148 
LEU CB  HB3  sing N N 149 
LEU CG  CD1  sing N N 150 
LEU CG  CD2  sing N N 151 
LEU CG  HG   sing N N 152 
LEU CD1 HD11 sing N N 153 
LEU CD1 HD12 sing N N 154 
LEU CD1 HD13 sing N N 155 
LEU CD2 HD21 sing N N 156 
LEU CD2 HD22 sing N N 157 
LEU CD2 HD23 sing N N 158 
LEU OXT HXT  sing N N 159 
LYS N   CA   sing N N 160 
LYS N   H    sing N N 161 
LYS N   H2   sing N N 162 
LYS CA  C    sing N N 163 
LYS CA  CB   sing N N 164 
LYS CA  HA   sing N N 165 
LYS C   O    doub N N 166 
LYS C   OXT  sing N N 167 
LYS CB  CG   sing N N 168 
LYS CB  HB2  sing N N 169 
LYS CB  HB3  sing N N 170 
LYS CG  CD   sing N N 171 
LYS CG  HG2  sing N N 172 
LYS CG  HG3  sing N N 173 
LYS CD  CE   sing N N 174 
LYS CD  HD2  sing N N 175 
LYS CD  HD3  sing N N 176 
LYS CE  NZ   sing N N 177 
LYS CE  HE2  sing N N 178 
LYS CE  HE3  sing N N 179 
LYS NZ  HZ1  sing N N 180 
LYS NZ  HZ2  sing N N 181 
LYS NZ  HZ3  sing N N 182 
LYS OXT HXT  sing N N 183 
MET N   CA   sing N N 184 
MET N   H    sing N N 185 
MET N   H2   sing N N 186 
MET CA  C    sing N N 187 
MET CA  CB   sing N N 188 
MET CA  HA   sing N N 189 
MET C   O    doub N N 190 
MET C   OXT  sing N N 191 
MET CB  CG   sing N N 192 
MET CB  HB2  sing N N 193 
MET CB  HB3  sing N N 194 
MET CG  SD   sing N N 195 
MET CG  HG2  sing N N 196 
MET CG  HG3  sing N N 197 
MET SD  CE   sing N N 198 
MET CE  HE1  sing N N 199 
MET CE  HE2  sing N N 200 
MET CE  HE3  sing N N 201 
MET OXT HXT  sing N N 202 
PGE C1  O1   sing N N 203 
PGE C1  C2   sing N N 204 
PGE C1  H1   sing N N 205 
PGE C1  H12  sing N N 206 
PGE O1  HO1  sing N N 207 
PGE C2  O2   sing N N 208 
PGE C2  H2   sing N N 209 
PGE C2  H22  sing N N 210 
PGE O2  C3   sing N N 211 
PGE C3  C4   sing N N 212 
PGE C3  H3   sing N N 213 
PGE C3  H32  sing N N 214 
PGE C4  O3   sing N N 215 
PGE C4  H4   sing N N 216 
PGE C4  H42  sing N N 217 
PGE O4  C6   sing N N 218 
PGE O4  HO4  sing N N 219 
PGE C6  C5   sing N N 220 
PGE C6  H6   sing N N 221 
PGE C6  H62  sing N N 222 
PGE C5  O3   sing N N 223 
PGE C5  H5   sing N N 224 
PGE C5  H52  sing N N 225 
PHE N   CA   sing N N 226 
PHE N   H    sing N N 227 
PHE N   H2   sing N N 228 
PHE CA  C    sing N N 229 
PHE CA  CB   sing N N 230 
PHE CA  HA   sing N N 231 
PHE C   O    doub N N 232 
PHE C   OXT  sing N N 233 
PHE CB  CG   sing N N 234 
PHE CB  HB2  sing N N 235 
PHE CB  HB3  sing N N 236 
PHE CG  CD1  doub Y N 237 
PHE CG  CD2  sing Y N 238 
PHE CD1 CE1  sing Y N 239 
PHE CD1 HD1  sing N N 240 
PHE CD2 CE2  doub Y N 241 
PHE CD2 HD2  sing N N 242 
PHE CE1 CZ   doub Y N 243 
PHE CE1 HE1  sing N N 244 
PHE CE2 CZ   sing Y N 245 
PHE CE2 HE2  sing N N 246 
PHE CZ  HZ   sing N N 247 
PHE OXT HXT  sing N N 248 
PRO N   CA   sing N N 249 
PRO N   CD   sing N N 250 
PRO N   H    sing N N 251 
PRO CA  C    sing N N 252 
PRO CA  CB   sing N N 253 
PRO CA  HA   sing N N 254 
PRO C   O    doub N N 255 
PRO C   OXT  sing N N 256 
PRO CB  CG   sing N N 257 
PRO CB  HB2  sing N N 258 
PRO CB  HB3  sing N N 259 
PRO CG  CD   sing N N 260 
PRO CG  HG2  sing N N 261 
PRO CG  HG3  sing N N 262 
PRO CD  HD2  sing N N 263 
PRO CD  HD3  sing N N 264 
PRO OXT HXT  sing N N 265 
SER N   CA   sing N N 266 
SER N   H    sing N N 267 
SER N   H2   sing N N 268 
SER CA  C    sing N N 269 
SER CA  CB   sing N N 270 
SER CA  HA   sing N N 271 
SER C   O    doub N N 272 
SER C   OXT  sing N N 273 
SER CB  OG   sing N N 274 
SER CB  HB2  sing N N 275 
SER CB  HB3  sing N N 276 
SER OG  HG   sing N N 277 
SER OXT HXT  sing N N 278 
THR N   CA   sing N N 279 
THR N   H    sing N N 280 
THR N   H2   sing N N 281 
THR CA  C    sing N N 282 
THR CA  CB   sing N N 283 
THR CA  HA   sing N N 284 
THR C   O    doub N N 285 
THR C   OXT  sing N N 286 
THR CB  OG1  sing N N 287 
THR CB  CG2  sing N N 288 
THR CB  HB   sing N N 289 
THR OG1 HG1  sing N N 290 
THR CG2 HG21 sing N N 291 
THR CG2 HG22 sing N N 292 
THR CG2 HG23 sing N N 293 
THR OXT HXT  sing N N 294 
TRP N   CA   sing N N 295 
TRP N   H    sing N N 296 
TRP N   H2   sing N N 297 
TRP CA  C    sing N N 298 
TRP CA  CB   sing N N 299 
TRP CA  HA   sing N N 300 
TRP C   O    doub N N 301 
TRP C   OXT  sing N N 302 
TRP CB  CG   sing N N 303 
TRP CB  HB2  sing N N 304 
TRP CB  HB3  sing N N 305 
TRP CG  CD1  doub Y N 306 
TRP CG  CD2  sing Y N 307 
TRP CD1 NE1  sing Y N 308 
TRP CD1 HD1  sing N N 309 
TRP CD2 CE2  doub Y N 310 
TRP CD2 CE3  sing Y N 311 
TRP NE1 CE2  sing Y N 312 
TRP NE1 HE1  sing N N 313 
TRP CE2 CZ2  sing Y N 314 
TRP CE3 CZ3  doub Y N 315 
TRP CE3 HE3  sing N N 316 
TRP CZ2 CH2  doub Y N 317 
TRP CZ2 HZ2  sing N N 318 
TRP CZ3 CH2  sing Y N 319 
TRP CZ3 HZ3  sing N N 320 
TRP CH2 HH2  sing N N 321 
TRP OXT HXT  sing N N 322 
TYR N   CA   sing N N 323 
TYR N   H    sing N N 324 
TYR N   H2   sing N N 325 
TYR CA  C    sing N N 326 
TYR CA  CB   sing N N 327 
TYR CA  HA   sing N N 328 
TYR C   O    doub N N 329 
TYR C   OXT  sing N N 330 
TYR CB  CG   sing N N 331 
TYR CB  HB2  sing N N 332 
TYR CB  HB3  sing N N 333 
TYR CG  CD1  doub Y N 334 
TYR CG  CD2  sing Y N 335 
TYR CD1 CE1  sing Y N 336 
TYR CD1 HD1  sing N N 337 
TYR CD2 CE2  doub Y N 338 
TYR CD2 HD2  sing N N 339 
TYR CE1 CZ   doub Y N 340 
TYR CE1 HE1  sing N N 341 
TYR CE2 CZ   sing Y N 342 
TYR CE2 HE2  sing N N 343 
TYR CZ  OH   sing N N 344 
TYR OH  HH   sing N N 345 
TYR OXT HXT  sing N N 346 
VAL N   CA   sing N N 347 
VAL N   H    sing N N 348 
VAL N   H2   sing N N 349 
VAL CA  C    sing N N 350 
VAL CA  CB   sing N N 351 
VAL CA  HA   sing N N 352 
VAL C   O    doub N N 353 
VAL C   OXT  sing N N 354 
VAL CB  CG1  sing N N 355 
VAL CB  CG2  sing N N 356 
VAL CB  HB   sing N N 357 
VAL CG1 HG11 sing N N 358 
VAL CG1 HG12 sing N N 359 
VAL CG1 HG13 sing N N 360 
VAL CG2 HG21 sing N N 361 
VAL CG2 HG22 sing N N 362 
VAL CG2 HG23 sing N N 363 
VAL OXT HXT  sing N N 364 
# 
_atom_sites.entry_id                    3ZR8 
_atom_sites.fract_transf_matrix[1][1]   0.03798001 
_atom_sites.fract_transf_matrix[1][2]   -0.02363324 
_atom_sites.fract_transf_matrix[1][3]   0.01425145 
_atom_sites.fract_transf_matrix[2][1]   0.01427913 
_atom_sites.fract_transf_matrix[2][2]   0.00075700 
_atom_sites.fract_transf_matrix[2][3]   -0.03679844 
_atom_sites.fract_transf_matrix[3][1]   0.00510889 
_atom_sites.fract_transf_matrix[3][2]   0.00952390 
_atom_sites.fract_transf_matrix[3][3]   0.00217836 
_atom_sites.fract_transf_vector[1]      0.654476 
_atom_sites.fract_transf_vector[2]      0.652641 
_atom_sites.fract_transf_vector[3]      0.622357 
# 
loop_
_atom_type.symbol 
C  
CL 
N  
O  
S  
# 
loop_
_atom_site.group_PDB 
_atom_site.id 
_atom_site.type_symbol 
_atom_site.label_atom_id 
_atom_site.label_alt_id 
_atom_site.label_comp_id 
_atom_site.label_asym_id 
_atom_site.label_entity_id 
_atom_site.label_seq_id 
_atom_site.pdbx_PDB_ins_code 
_atom_site.Cartn_x 
_atom_site.Cartn_y 
_atom_site.Cartn_z 
_atom_site.occupancy 
_atom_site.B_iso_or_equiv 
_atom_site.pdbx_formal_charge 
_atom_site.auth_seq_id 
_atom_site.auth_comp_id 
_atom_site.auth_asym_id 
_atom_site.auth_atom_id 
_atom_site.pdbx_PDB_model_num 
ATOM   1   N  N   . GLY A 1 1  ? -5.441  -12.893 6.020   1.00 9.67  ? 68   GLY X N   1 
ATOM   2   C  CA  . GLY A 1 1  ? -5.434  -12.995 7.504   1.00 8.89  ? 68   GLY X CA  1 
ATOM   3   C  C   . GLY A 1 1  ? -4.262  -12.223 8.090   1.00 7.20  ? 68   GLY X C   1 
ATOM   4   O  O   . GLY A 1 1  ? -3.663  -11.396 7.386   1.00 6.91  ? 68   GLY X O   1 
ATOM   5   N  N   . PRO A 1 2  ? -3.944  -12.419 9.385   1.00 7.60  ? 69   PRO X N   1 
ATOM   6   C  CA  . PRO A 1 2  ? -2.916  -11.659 10.031  1.00 7.07  ? 69   PRO X CA  1 
ATOM   7   C  C   . PRO A 1 2  ? -1.565  -11.614 9.324   1.00 6.71  ? 69   PRO X C   1 
ATOM   8   O  O   . PRO A 1 2  ? -0.955  -10.544 9.292   1.00 7.30  ? 69   PRO X O   1 
ATOM   9   C  CB  . PRO A 1 2  ? -2.828  -12.343 11.391  1.00 8.48  ? 69   PRO X CB  1 
ATOM   10  C  CG  . PRO A 1 2  ? -4.238  -12.876 11.631  1.00 9.17  ? 69   PRO X CG  1 
ATOM   11  C  CD  . PRO A 1 2  ? -4.649  -13.356 10.307  1.00 9.10  ? 69   PRO X CD  1 
ATOM   12  N  N   . THR A 1 3  ? -1.095  -12.727 8.771   1.00 6.01  ? 70   THR X N   1 
ATOM   13  C  CA  . THR A 1 3  ? 0.182   -12.715 8.092   1.00 6.03  ? 70   THR X CA  1 
ATOM   14  C  C   . THR A 1 3  ? 0.192   -11.749 6.916   1.00 5.25  ? 70   THR X C   1 
ATOM   15  O  O   . THR A 1 3  ? 1.136   -10.938 6.770   1.00 5.66  ? 70   THR X O   1 
ATOM   16  C  CB  . THR A 1 3  ? 0.586   -14.140 7.622   1.00 7.26  ? 70   THR X CB  1 
ATOM   17  O  OG1 . THR A 1 3  ? 0.761   -14.967 8.778   1.00 9.96  ? 70   THR X OG1 1 
ATOM   18  C  CG2 . THR A 1 3  ? 1.848   -14.140 6.779   1.00 7.74  ? 70   THR X CG2 1 
ATOM   19  N  N   . GLU A 1 4  ? -0.836  -11.848 6.091   1.00 4.94  ? 71   GLU X N   1 
ATOM   20  C  CA  . GLU A 1 4  ? -0.925  -10.987 4.916   1.00 5.02  ? 71   GLU X CA  1 
ATOM   21  C  C   . GLU A 1 4  ? -1.044  -9.515  5.324   1.00 4.82  ? 71   GLU X C   1 
ATOM   22  O  O   . GLU A 1 4  ? -0.387  -8.632  4.762   1.00 5.10  ? 71   GLU X O   1 
ATOM   23  C  CB  . GLU A 1 4  ? -2.098  -11.426 4.036   1.00 4.81  ? 71   GLU X CB  1 
ATOM   24  C  CG  . GLU A 1 4  ? -2.216  -10.602 2.775   1.00 5.78  ? 71   GLU X CG  1 
ATOM   25  C  CD  . GLU A 1 4  ? -3.324  -11.086 1.861   1.00 6.50  ? 71   GLU X CD  1 
ATOM   26  O  OE1 . GLU A 1 4  ? -4.441  -11.251 2.338   1.00 10.93 ? 71   GLU X OE1 1 
ATOM   27  O  OE2 . GLU A 1 4  ? -3.080  -11.246 0.640   1.00 8.03  ? 71   GLU X OE2 1 
ATOM   28  N  N   . LYS A 1 5  ? -1.902  -9.233  6.297   1.00 5.16  ? 72   LYS X N   1 
ATOM   29  C  CA  . LYS A 1 5  ? -2.088  -7.836  6.730   1.00 5.76  ? 72   LYS X CA  1 
ATOM   30  C  C   . LYS A 1 5  ? -0.778  -7.242  7.192   1.00 6.06  ? 72   LYS X C   1 
ATOM   31  O  O   . LYS A 1 5  ? -0.434  -6.099  6.841   1.00 6.96  ? 72   LYS X O   1 
ATOM   32  C  CB  . LYS A 1 5  ? -3.137  -7.749  7.842   1.00 6.80  ? 72   LYS X CB  1 
ATOM   33  C  CG  . LYS A 1 5  ? -4.543  -8.049  7.388   1.00 7.72  ? 72   LYS X CG  1 
ATOM   34  C  CD  . LYS A 1 5  ? -5.460  -7.922  8.581   1.00 10.92 ? 72   LYS X CD  1 
ATOM   35  C  CE  . LYS A 1 5  ? -6.895  -8.225  8.288   1.00 14.74 ? 72   LYS X CE  1 
ATOM   36  N  NZ  . LYS A 1 5  ? -7.751  -8.003  9.507   1.00 15.77 ? 72   LYS X NZ  1 
ATOM   37  N  N   . ALA A 1 6  ? -0.040  -7.965  8.013   1.00 6.03  ? 73   ALA X N   1 
ATOM   38  C  CA  . ALA A 1 6  ? 1.200   -7.455  8.515   1.00 6.41  ? 73   ALA X CA  1 
ATOM   39  C  C   . ALA A 1 6  ? 2.239   -7.271  7.390   1.00 5.89  ? 73   ALA X C   1 
ATOM   40  O  O   . ALA A 1 6  ? 2.963   -6.279  7.345   1.00 5.94  ? 73   ALA X O   1 
ATOM   41  C  CB  . ALA A 1 6  ? 1.745   -8.356  9.622   1.00 7.81  ? 73   ALA X CB  1 
ATOM   42  N  N   . ALA A 1 7  ? 2.303   -8.232  6.471   1.00 5.56  ? 74   ALA X N   1 
ATOM   43  C  CA  . ALA A 1 7  ? 3.303   -8.174  5.418   1.00 6.16  ? 74   ALA X CA  1 
ATOM   44  C  C   . ALA A 1 7  ? 3.047   -6.991  4.488   1.00 5.17  ? 74   ALA X C   1 
ATOM   45  O  O   . ALA A 1 7  ? 3.991   -6.297  4.061   1.00 5.36  ? 74   ALA X O   1 
ATOM   46  C  CB  . ALA A 1 7  ? 3.329   -9.490  4.606   1.00 9.05  ? 74   ALA X CB  1 
ATOM   47  N  N   . VAL A 1 8  ? 1.790   -6.778  4.114   1.00 4.52  ? 75   VAL X N   1 
ATOM   48  C  CA  . VAL A 1 8  ? 1.461   -5.667  3.209   1.00 5.01  ? 75   VAL X CA  1 
ATOM   49  C  C   . VAL A 1 8  ? 1.738   -4.357  3.934   1.00 3.80  ? 75   VAL X C   1 
ATOM   50  O  O   . VAL A 1 8  ? 2.314   -3.428  3.337   1.00 4.26  ? 75   VAL X O   1 
ATOM   51  C  CB  . VAL A 1 8  ? 0.012   -5.764  2.711   1.00 6.33  ? 75   VAL X CB  1 
ATOM   52  C  CG1 . VAL A 1 8  ? -0.346  -4.514  1.898   1.00 9.24  ? 75   VAL X CG1 1 
ATOM   53  C  CG2 . VAL A 1 8  ? -0.142  -7.048  1.872   1.00 8.60  ? 75   VAL X CG2 1 
ATOM   54  N  N   . LYS A 1 9  ? 1.337   -4.231  5.193   1.00 3.77  ? 76   LYS X N   1 
ATOM   55  C  CA  . LYS A 1 9  ? 1.623   -3.006  5.933   1.00 3.83  ? 76   LYS X CA  1 
ATOM   56  C  C   . LYS A 1 9  ? 3.142   -2.773  6.081   1.00 3.48  ? 76   LYS X C   1 
ATOM   57  O  O   . LYS A 1 9  ? 3.595   -1.624  5.995   1.00 4.22  ? 76   LYS X O   1 
ATOM   58  C  CB  . LYS A 1 9  ? 0.922   -3.013  7.280   1.00 4.41  ? 76   LYS X CB  1 
ATOM   59  C  CG  . LYS A 1 9  ? 1.175   -1.747  8.084   1.00 5.98  ? 76   LYS X CG  1 
ATOM   60  C  CD  . LYS A 1 9  ? 0.339   -1.651  9.316   1.00 6.20  ? 76   LYS X CD  1 
ATOM   61  C  CE  . LYS A 1 9  ? -1.036  -1.132  9.066   1.00 6.16  ? 76   LYS X CE  1 
ATOM   62  N  NZ  . LYS A 1 9  ? -1.860  -1.134  10.274  1.00 9.74  ? 76   LYS X NZ  1 
ATOM   63  N  N   . LYS A 1 10 ? 3.945   -3.822  6.255   1.00 3.43  ? 77   LYS X N   1 
ATOM   64  C  CA  A LYS A 1 10 ? 5.376   -3.643  6.350   0.50 3.94  ? 77   LYS X CA  1 
ATOM   65  C  CA  B LYS A 1 10 ? 5.374   -3.618  6.368   0.50 3.69  ? 77   LYS X CA  1 
ATOM   66  C  C   . LYS A 1 10 ? 5.931   -3.061  5.045   1.00 3.48  ? 77   LYS X C   1 
ATOM   67  O  O   . LYS A 1 10 ? 6.808   -2.183  5.061   1.00 3.89  ? 77   LYS X O   1 
ATOM   68  C  CB  A LYS A 1 10 ? 6.067   -4.966  6.690   0.50 4.83  ? 77   LYS X CB  1 
ATOM   69  C  CB  B LYS A 1 10 ? 6.091   -4.903  6.784   0.50 4.58  ? 77   LYS X CB  1 
ATOM   70  C  CG  A LYS A 1 10 ? 7.563   -4.788  6.846   0.50 6.99  ? 77   LYS X CG  1 
ATOM   71  C  CG  B LYS A 1 10 ? 7.506   -4.657  7.309   0.50 5.36  ? 77   LYS X CG  1 
ATOM   72  C  CD  A LYS A 1 10 ? 8.102   -5.623  7.961   0.50 9.21  ? 77   LYS X CD  1 
ATOM   73  C  CD  B LYS A 1 10 ? 8.172   -6.014  7.560   0.50 6.29  ? 77   LYS X CD  1 
ATOM   74  C  CE  A LYS A 1 10 ? 9.543   -5.305  8.253   0.50 9.74  ? 77   LYS X CE  1 
ATOM   75  C  CE  B LYS A 1 10 ? 9.621   -5.950  8.039   0.50 7.74  ? 77   LYS X CE  1 
ATOM   76  N  NZ  A LYS A 1 10 ? 10.176  -6.458  8.958   0.50 11.37 ? 77   LYS X NZ  1 
ATOM   77  N  NZ  B LYS A 1 10 ? 9.816   -5.391  9.404   0.50 9.43  ? 77   LYS X NZ  1 
ATOM   78  N  N   . MET A 1 11 ? 5.419   -3.546  3.906   1.00 3.49  ? 78   MET X N   1 
ATOM   79  C  CA  A MET A 1 11 ? 5.810   -2.984  2.610   0.30 4.29  ? 78   MET X CA  1 
ATOM   80  C  CA  B MET A 1 11 ? 5.850   -2.982  2.622   0.70 3.83  ? 78   MET X CA  1 
ATOM   81  C  C   . MET A 1 11 ? 5.412   -1.531  2.486   1.00 3.59  ? 78   MET X C   1 
ATOM   82  O  O   . MET A 1 11 ? 6.176   -0.688  1.989   1.00 4.47  ? 78   MET X O   1 
ATOM   83  C  CB  A MET A 1 11 ? 5.160   -3.788  1.487   0.30 4.61  ? 78   MET X CB  1 
ATOM   84  C  CB  B MET A 1 11 ? 5.300   -3.848  1.462   0.70 4.28  ? 78   MET X CB  1 
ATOM   85  C  CG  A MET A 1 11 ? 5.793   -5.130  1.338   0.30 6.28  ? 78   MET X CG  1 
ATOM   86  C  CG  B MET A 1 11 ? 5.813   -5.292  1.438   0.70 4.97  ? 78   MET X CG  1 
ATOM   87  S  SD  A MET A 1 11 ? 7.390   -4.996  0.561   0.30 10.85 ? 78   MET X SD  1 
ATOM   88  S  SD  B MET A 1 11 ? 5.057   -6.281  0.105   0.70 6.32  ? 78   MET X SD  1 
ATOM   89  C  CE  A MET A 1 11 ? 6.937   -5.285  -1.143  0.30 10.86 ? 78   MET X CE  1 
ATOM   90  C  CE  B MET A 1 11 ? 6.186   -5.744  -1.144  0.70 11.91 ? 78   MET X CE  1 
ATOM   91  N  N   . ALA A 1 12 ? 4.199   -1.211  2.941   1.00 3.61  ? 79   ALA X N   1 
ATOM   92  C  CA  . ALA A 1 12 ? 3.744   0.161   2.934   1.00 3.63  ? 79   ALA X CA  1 
ATOM   93  C  C   . ALA A 1 12 ? 4.656   1.055   3.783   1.00 3.06  ? 79   ALA X C   1 
ATOM   94  O  O   . ALA A 1 12 ? 4.973   2.178   3.377   1.00 3.60  ? 79   ALA X O   1 
ATOM   95  C  CB  . ALA A 1 12 ? 2.300   0.223   3.463   1.00 4.36  ? 79   ALA X CB  1 
ATOM   96  N  N   . LYS A 1 13 ? 5.072   0.571   4.953   1.00 3.46  ? 80   LYS X N   1 
ATOM   97  C  CA  . LYS A 1 13 ? 5.946   1.336   5.825   1.00 3.31  ? 80   LYS X CA  1 
ATOM   98  C  C   . LYS A 1 13 ? 7.315   1.537   5.162   1.00 3.23  ? 80   LYS X C   1 
ATOM   99  O  O   . LYS A 1 13 ? 7.963   2.568   5.386   1.00 3.81  ? 80   LYS X O   1 
ATOM   100 C  CB  . LYS A 1 13 ? 6.053   0.692   7.195   1.00 4.10  ? 80   LYS X CB  1 
ATOM   101 C  CG  . LYS A 1 13 ? 4.729   0.866   7.966   1.00 6.00  ? 80   LYS X CG  1 
ATOM   102 C  CD  . LYS A 1 13 ? 4.693   0.225   9.319   1.00 7.98  ? 80   LYS X CD  1 
ATOM   103 C  CE  . LYS A 1 13 ? 5.548   0.923   10.248  1.00 10.97 ? 80   LYS X CE  1 
ATOM   104 N  NZ  . LYS A 1 13 ? 5.245   0.499   11.663  1.00 13.85 ? 80   LYS X NZ  1 
ATOM   105 N  N   . ALA A 1 14 ? 7.771   0.579   4.359   1.00 3.22  ? 81   ALA X N   1 
ATOM   106 C  CA  . ALA A 1 14 ? 9.031   0.741   3.652   1.00 3.15  ? 81   ALA X CA  1 
ATOM   107 C  C   . ALA A 1 14 ? 8.925   1.909   2.645   1.00 3.06  ? 81   ALA X C   1 
ATOM   108 O  O   . ALA A 1 14 ? 9.869   2.692   2.480   1.00 3.62  ? 81   ALA X O   1 
ATOM   109 C  CB  . ALA A 1 14 ? 9.437   -0.537  2.966   1.00 5.11  ? 81   ALA X CB  1 
ATOM   110 N  N   . ILE A 1 15 ? 7.779   2.016   1.955   1.00 2.87  ? 82   ILE X N   1 
ATOM   111 C  CA  . ILE A 1 15 ? 7.538   3.163   1.074   1.00 2.95  ? 82   ILE X CA  1 
ATOM   112 C  C   . ILE A 1 15 ? 7.469   4.457   1.880   1.00 2.75  ? 82   ILE X C   1 
ATOM   113 O  O   . ILE A 1 15 ? 8.015   5.494   1.467   1.00 2.98  ? 82   ILE X O   1 
ATOM   114 C  CB  . ILE A 1 15 ? 6.226   2.983   0.274   1.00 3.06  ? 82   ILE X CB  1 
ATOM   115 C  CG1 . ILE A 1 15 ? 6.267   1.730   -0.608  1.00 3.80  ? 82   ILE X CG1 1 
ATOM   116 C  CG2 . ILE A 1 15 ? 5.922   4.238   -0.532  1.00 4.96  ? 82   ILE X CG2 1 
ATOM   117 C  CD1 . ILE A 1 15 ? 4.912   1.425   -1.258  1.00 4.76  ? 82   ILE X CD1 1 
ATOM   118 N  N   . MET A 1 16 ? 6.794   4.430   3.015   1.00 2.82  ? 83   MET X N   1 
ATOM   119 C  CA  . MET A 1 16 ? 6.727   5.649   3.835   1.00 2.55  ? 83   MET X CA  1 
ATOM   120 C  C   . MET A 1 16 ? 8.127   6.138   4.186   1.00 3.14  ? 83   MET X C   1 
ATOM   121 O  O   . MET A 1 16 ? 8.397   7.348   4.142   1.00 3.12  ? 83   MET X O   1 
ATOM   122 C  CB  . MET A 1 16 ? 5.916   5.430   5.113   1.00 2.91  ? 83   MET X CB  1 
ATOM   123 C  CG  . MET A 1 16 ? 4.417   5.222   4.869   1.00 2.96  ? 83   MET X CG  1 
ATOM   124 S  SD  . MET A 1 16 ? 3.583   6.569   4.017   1.00 3.37  ? 83   MET X SD  1 
ATOM   125 C  CE  . MET A 1 16 ? 3.747   7.876   5.248   1.00 4.69  ? 83   MET X CE  1 
ATOM   126 N  N   . ALA A 1 17 ? 9.024   5.227   4.555   1.00 3.50  ? 84   ALA X N   1 
ATOM   127 C  CA  . ALA A 1 17 ? 10.375  5.570   4.953   1.00 3.70  ? 84   ALA X CA  1 
ATOM   128 C  C   . ALA A 1 17 ? 11.258  5.973   3.781   1.00 4.05  ? 84   ALA X C   1 
ATOM   129 O  O   . ALA A 1 17 ? 12.227  6.687   3.980   1.00 7.15  ? 84   ALA X O   1 
ATOM   130 C  CB  . ALA A 1 17 ? 11.027  4.413   5.694   1.00 4.91  ? 84   ALA X CB  1 
ATOM   131 N  N   . ASP A 1 18 ? 10.968  5.509   2.588   1.00 3.87  ? 85   ASP X N   1 
ATOM   132 C  CA  . ASP A 1 18 ? 11.790  5.744   1.401   1.00 3.86  ? 85   ASP X CA  1 
ATOM   133 C  C   . ASP A 1 18 ? 10.849  5.825   0.209   1.00 3.43  ? 85   ASP X C   1 
ATOM   134 O  O   . ASP A 1 18 ? 10.506  4.790   -0.409  1.00 3.92  ? 85   ASP X O   1 
ATOM   135 C  CB  . ASP A 1 18 ? 12.783  4.609   1.208   1.00 4.27  ? 85   ASP X CB  1 
ATOM   136 C  CG  . ASP A 1 18 ? 13.674  4.819   0.004   1.00 5.43  ? 85   ASP X CG  1 
ATOM   137 O  OD1 . ASP A 1 18 ? 13.554  5.891   -0.658  1.00 5.11  ? 85   ASP X OD1 1 
ATOM   138 O  OD2 . ASP A 1 18 ? 14.447  3.879   -0.309  1.00 6.24  ? 85   ASP X OD2 1 
ATOM   139 N  N   . PRO A 1 19 ? 10.429  7.028   -0.180  1.00 3.30  ? 86   PRO X N   1 
ATOM   140 C  CA  . PRO A 1 19 ? 9.504   7.185   -1.308  1.00 3.80  ? 86   PRO X CA  1 
ATOM   141 C  C   . PRO A 1 19 ? 9.953   6.467   -2.558  1.00 3.97  ? 86   PRO X C   1 
ATOM   142 O  O   . PRO A 1 19 ? 9.148   6.011   -3.352  1.00 5.57  ? 86   PRO X O   1 
ATOM   143 C  CB  . PRO A 1 19 ? 9.423   8.719   -1.486  1.00 4.36  ? 86   PRO X CB  1 
ATOM   144 C  CG  . PRO A 1 19 ? 9.664   9.266   -0.128  1.00 4.71  ? 86   PRO X CG  1 
ATOM   145 C  CD  . PRO A 1 19 ? 10.692  8.295   0.512   1.00 4.01  ? 86   PRO X CD  1 
ATOM   146 N  N   . SER A 1 20 ? 11.266  6.390   -2.766  1.00 4.16  ? 87   SER X N   1 
ATOM   147 C  CA  . SER A 1 20 ? 11.804  5.783   -3.961  1.00 5.38  ? 87   SER X CA  1 
ATOM   148 C  C   . SER A 1 20 ? 11.552  4.282   -4.090  1.00 5.01  ? 87   SER X C   1 
ATOM   149 O  O   . SER A 1 20 ? 11.664  3.745   -5.187  1.00 6.27  ? 87   SER X O   1 
ATOM   150 C  CB  . SER A 1 20 ? 13.320  6.028   -4.063  1.00 6.58  ? 87   SER X CB  1 
ATOM   151 O  OG  . SER A 1 20 ? 14.088  5.274   -3.151  1.00 7.12  ? 87   SER X OG  1 
ATOM   152 N  N   . LYS A 1 21 ? 11.174  3.596   -3.012  1.00 4.24  ? 88   LYS X N   1 
ATOM   153 C  CA  . LYS A 1 21 ? 10.839  2.192   -3.071  1.00 4.77  ? 88   LYS X CA  1 
ATOM   154 C  C   . LYS A 1 21 ? 9.469   1.917   -3.649  1.00 4.35  ? 88   LYS X C   1 
ATOM   155 O  O   . LYS A 1 21 ? 9.132   0.755   -3.901  1.00 5.71  ? 88   LYS X O   1 
ATOM   156 C  CB  . LYS A 1 21 ? 10.891  1.527   -1.675  1.00 4.96  ? 88   LYS X CB  1 
ATOM   157 C  CG  . LYS A 1 21 ? 12.264  1.333   -1.139  1.00 5.05  ? 88   LYS X CG  1 
ATOM   158 C  CD  . LYS A 1 21 ? 12.268  0.579   0.182   1.00 5.50  ? 88   LYS X CD  1 
ATOM   159 C  CE  . LYS A 1 21 ? 13.635  0.322   0.753   1.00 5.90  ? 88   LYS X CE  1 
ATOM   160 N  NZ  . LYS A 1 21 ? 14.281  1.574   1.336   1.00 6.22  ? 88   LYS X NZ  1 
ATOM   161 N  N   . ALA A 1 22 ? 8.646   2.936   -3.872  1.00 3.98  ? 89   ALA X N   1 
ATOM   162 C  CA  . ALA A 1 22 ? 7.250   2.693   -4.224  1.00 3.93  ? 89   ALA X CA  1 
ATOM   163 C  C   . ALA A 1 22 ? 7.065   1.759   -5.414  1.00 3.57  ? 89   ALA X C   1 
ATOM   164 O  O   . ALA A 1 22 ? 6.285   0.816   -5.304  1.00 4.13  ? 89   ALA X O   1 
ATOM   165 C  CB  . ALA A 1 22 ? 6.589   4.032   -4.493  1.00 4.66  ? 89   ALA X CB  1 
ATOM   166 N  N   . ASP A 1 23 ? 7.746   1.986   -6.538  1.00 3.38  ? 90   ASP X N   1 
ATOM   167 C  CA  . ASP A 1 23 ? 7.480   1.140   -7.689  1.00 4.12  ? 90   ASP X CA  1 
ATOM   168 C  C   . ASP A 1 23 ? 7.929   -0.307  -7.421  1.00 4.38  ? 90   ASP X C   1 
ATOM   169 O  O   . ASP A 1 23 ? 7.305   -1.202  -7.979  1.00 5.14  ? 90   ASP X O   1 
ATOM   170 C  CB  . ASP A 1 23 ? 8.150   1.683   -8.954  1.00 4.14  ? 90   ASP X CB  1 
ATOM   171 C  CG  . ASP A 1 23 ? 7.379   2.854   -9.603  1.00 3.82  ? 90   ASP X CG  1 
ATOM   172 O  OD1 . ASP A 1 23 ? 6.254   3.137   -9.187  1.00 4.80  ? 90   ASP X OD1 1 
ATOM   173 O  OD2 . ASP A 1 23 ? 7.976   3.422   -10.586 1.00 4.43  ? 90   ASP X OD2 1 
ATOM   174 N  N   . ASP A 1 24 ? 8.964   -0.528  -6.619  1.00 4.42  ? 91   ASP X N   1 
ATOM   175 C  CA  . ASP A 1 24 ? 9.356   -1.914  -6.319  1.00 5.55  ? 91   ASP X CA  1 
ATOM   176 C  C   . ASP A 1 24 ? 8.156   -2.651  -5.678  1.00 4.81  ? 91   ASP X C   1 
ATOM   177 O  O   . ASP A 1 24 ? 7.851   -3.797  -6.002  1.00 6.86  ? 91   ASP X O   1 
ATOM   178 C  CB  . ASP A 1 24 ? 10.513  -1.972  -5.313  1.00 7.47  ? 91   ASP X CB  1 
ATOM   179 C  CG  . ASP A 1 24 ? 11.814  -1.341  -5.811  1.00 9.89  ? 91   ASP X CG  1 
ATOM   180 O  OD1 . ASP A 1 24 ? 11.870  -0.608  -6.818  1.00 10.61 ? 91   ASP X OD1 1 
ATOM   181 O  OD2 . ASP A 1 24 ? 12.819  -1.635  -5.158  1.00 14.33 ? 91   ASP X OD2 1 
ATOM   182 N  N   . VAL A 1 25 ? 7.552   -1.984  -4.708  1.00 4.18  ? 92   VAL X N   1 
ATOM   183 C  CA  . VAL A 1 25 ? 6.424   -2.567  -3.982  1.00 4.25  ? 92   VAL X CA  1 
ATOM   184 C  C   . VAL A 1 25 ? 5.176   -2.687  -4.860  1.00 3.90  ? 92   VAL X C   1 
ATOM   185 O  O   . VAL A 1 25 ? 4.491   -3.727  -4.842  1.00 4.43  ? 92   VAL X O   1 
ATOM   186 C  CB  . VAL A 1 25 ? 6.137   -1.730  -2.741  1.00 4.43  ? 92   VAL X CB  1 
ATOM   187 C  CG1 . VAL A 1 25 ? 4.828   -2.143  -2.065  1.00 5.53  ? 92   VAL X CG1 1 
ATOM   188 C  CG2 . VAL A 1 25 ? 7.318   -1.771  -1.746  1.00 6.29  ? 92   VAL X CG2 1 
ATOM   189 N  N   . TYR A 1 26 ? 4.853   -1.639  -5.608  1.00 3.53  ? 93   TYR X N   1 
ATOM   190 C  CA  . TYR A 1 26 ? 3.627   -1.658  -6.383  1.00 3.51  ? 93   TYR X CA  1 
ATOM   191 C  C   . TYR A 1 26 ? 3.686   -2.710  -7.464  1.00 3.54  ? 93   TYR X C   1 
ATOM   192 O  O   . TYR A 1 26 ? 2.662   -3.315  -7.754  1.00 4.54  ? 93   TYR X O   1 
ATOM   193 C  CB  . TYR A 1 26 ? 3.331   -0.279  -6.991  1.00 3.16  ? 93   TYR X CB  1 
ATOM   194 C  CG  . TYR A 1 26 ? 3.101   0.796   -5.972  1.00 2.88  ? 93   TYR X CG  1 
ATOM   195 C  CD1 . TYR A 1 26 ? 2.603   0.518   -4.688  1.00 3.17  ? 93   TYR X CD1 1 
ATOM   196 C  CD2 . TYR A 1 26 ? 3.386   2.119   -6.286  1.00 2.90  ? 93   TYR X CD2 1 
ATOM   197 C  CE1 . TYR A 1 26 ? 2.371   1.525   -3.782  1.00 3.12  ? 93   TYR X CE1 1 
ATOM   198 C  CE2 . TYR A 1 26 ? 3.149   3.134   -5.358  1.00 3.05  ? 93   TYR X CE2 1 
ATOM   199 C  CZ  . TYR A 1 26 ? 2.635   2.835   -4.119  1.00 3.19  ? 93   TYR X CZ  1 
ATOM   200 O  OH  . TYR A 1 26 ? 2.399   3.876   -3.246  1.00 4.07  ? 93   TYR X OH  1 
ATOM   201 N  N   . GLN A 1 27 ? 4.847   -2.942  -8.077  1.00 4.60  ? 94   GLN X N   1 
ATOM   202 C  CA  A GLN A 1 27 ? 5.068   -4.029  -9.021  0.50 5.06  ? 94   GLN X CA  1 
ATOM   203 C  CA  B GLN A 1 27 ? 4.937   -4.014  -9.065  0.50 5.36  ? 94   GLN X CA  1 
ATOM   204 C  C   . GLN A 1 27 ? 4.667   -5.366  -8.390  1.00 5.62  ? 94   GLN X C   1 
ATOM   205 O  O   . GLN A 1 27 ? 3.981   -6.190  -8.958  1.00 6.57  ? 94   GLN X O   1 
ATOM   206 C  CB  A GLN A 1 27 ? 6.555   -4.004  -9.418  0.50 5.95  ? 94   GLN X CB  1 
ATOM   207 C  CB  B GLN A 1 27 ? 6.281   -3.955  -9.805  0.50 6.54  ? 94   GLN X CB  1 
ATOM   208 C  CG  A GLN A 1 27 ? 6.860   -2.841  -10.383 0.50 8.00  ? 94   GLN X CG  1 
ATOM   209 C  CG  B GLN A 1 27 ? 6.481   -4.968  -10.867 0.50 9.25  ? 94   GLN X CG  1 
ATOM   210 C  CD  A GLN A 1 27 ? 8.314   -2.362  -10.406 0.50 8.86  ? 94   GLN X CD  1 
ATOM   211 C  CD  B GLN A 1 27 ? 7.317   -4.519  -12.043 0.50 8.64  ? 94   GLN X CD  1 
ATOM   212 O  OE1 A GLN A 1 27 ? 8.580   -1.325  -10.927 0.50 11.61 ? 94   GLN X OE1 1 
ATOM   213 O  OE1 B GLN A 1 27 ? 7.549   -5.351  -12.902 0.50 14.22 ? 94   GLN X OE1 1 
ATOM   214 N  NE2 A GLN A 1 27 ? 9.217   -3.064  -9.800  0.50 8.77  ? 94   GLN X NE2 1 
ATOM   215 N  NE2 B GLN A 1 27 ? 7.716   -3.237  -12.136 0.50 8.08  ? 94   GLN X NE2 1 
ATOM   216 N  N   . LYS A 1 28 ? 5.145   -5.579  -7.175  1.00 5.13  ? 95   LYS X N   1 
ATOM   217 C  CA  A LYS A 1 28 ? 4.867   -6.787  -6.387  0.50 5.60  ? 95   LYS X CA  1 
ATOM   218 C  CA  B LYS A 1 28 ? 4.846   -6.827  -6.487  0.50 5.39  ? 95   LYS X CA  1 
ATOM   219 C  C   . LYS A 1 28 ? 3.361   -6.938  -6.103  1.00 4.98  ? 95   LYS X C   1 
ATOM   220 O  O   . LYS A 1 28 ? 2.765   -8.011  -6.233  1.00 5.91  ? 95   LYS X O   1 
ATOM   221 C  CB  A LYS A 1 28 ? 5.642   -6.686  -5.069  0.50 7.30  ? 95   LYS X CB  1 
ATOM   222 C  CB  B LYS A 1 28 ? 5.748   -6.974  -5.282  0.50 5.73  ? 95   LYS X CB  1 
ATOM   223 C  CG  A LYS A 1 28 ? 6.011   -7.956  -4.411  0.50 8.43  ? 95   LYS X CG  1 
ATOM   224 C  CG  B LYS A 1 28 ? 5.745   -8.321  -4.700  0.50 8.31  ? 95   LYS X CG  1 
ATOM   225 C  CD  A LYS A 1 28 ? 6.831   -7.619  -3.202  0.50 9.54  ? 95   LYS X CD  1 
ATOM   226 C  CD  B LYS A 1 28 ? 7.053   -8.558  -3.980  0.50 11.68 ? 95   LYS X CD  1 
ATOM   227 C  CE  A LYS A 1 28 ? 7.084   -8.795  -2.293  0.50 10.16 ? 95   LYS X CE  1 
ATOM   228 C  CE  B LYS A 1 28 ? 7.212   -7.776  -2.690  0.50 11.65 ? 95   LYS X CE  1 
ATOM   229 N  NZ  A LYS A 1 28 ? 8.272   -9.556  -2.704  0.50 7.84  ? 95   LYS X NZ  1 
ATOM   230 N  N   . TRP A 1 29 ? 2.749   -5.837  -5.641  1.00 4.13  ? 96   TRP X N   1 
ATOM   231 C  CA  . TRP A 1 29 ? 1.332   -5.858  -5.324  1.00 4.18  ? 96   TRP X CA  1 
ATOM   232 C  C   . TRP A 1 29 ? 0.478   -6.141  -6.539  1.00 4.24  ? 96   TRP X C   1 
ATOM   233 O  O   . TRP A 1 29 ? -0.505  -6.869  -6.452  1.00 5.01  ? 96   TRP X O   1 
ATOM   234 C  CB  . TRP A 1 29 ? 0.901   -4.539  -4.683  1.00 3.89  ? 96   TRP X CB  1 
ATOM   235 C  CG  . TRP A 1 29 ? 1.408   -4.345  -3.281  1.00 3.82  ? 96   TRP X CG  1 
ATOM   236 C  CD1 . TRP A 1 29 ? 2.089   -5.249  -2.499  1.00 4.54  ? 96   TRP X CD1 1 
ATOM   237 C  CD2 . TRP A 1 29 ? 1.224   -3.182  -2.474  1.00 3.77  ? 96   TRP X CD2 1 
ATOM   238 N  NE1 . TRP A 1 29 ? 2.348   -4.702  -1.260  1.00 4.65  ? 96   TRP X NE1 1 
ATOM   239 C  CE2 . TRP A 1 29 ? 1.831   -3.435  -1.233  1.00 3.81  ? 96   TRP X CE2 1 
ATOM   240 C  CE3 . TRP A 1 29 ? 0.619   -1.941  -2.716  1.00 4.02  ? 96   TRP X CE3 1 
ATOM   241 C  CZ2 . TRP A 1 29 ? 1.852   -2.477  -0.202  1.00 4.70  ? 96   TRP X CZ2 1 
ATOM   242 C  CZ3 . TRP A 1 29 ? 0.636   -0.981  -1.700  1.00 5.03  ? 96   TRP X CZ3 1 
ATOM   243 C  CH2 . TRP A 1 29 ? 1.260   -1.264  -0.466  1.00 5.91  ? 96   TRP X CH2 1 
ATOM   244 N  N   . ALA A 1 30 ? 0.859   -5.576  -7.689  1.00 4.84  ? 97   ALA X N   1 
ATOM   245 C  CA  . ALA A 1 30 ? 0.128   -5.840  -8.919  1.00 5.20  ? 97   ALA X CA  1 
ATOM   246 C  C   . ALA A 1 30 ? 0.240   -7.328  -9.308  1.00 5.26  ? 97   ALA X C   1 
ATOM   247 O  O   . ALA A 1 30 ? -0.764  -7.974  -9.650  1.00 6.38  ? 97   ALA X O   1 
ATOM   248 C  CB  . ALA A 1 30 ? 0.610   -4.909  -10.042 1.00 6.67  ? 97   ALA X CB  1 
ATOM   249 N  N   . ASP A 1 31 ? 1.441   -7.889  -9.180  1.00 5.28  ? 98   ASP X N   1 
ATOM   250 C  CA  . ASP A 1 31 ? 1.629   -9.301  -9.483  1.00 6.24  ? 98   ASP X CA  1 
ATOM   251 C  C   . ASP A 1 31 ? 0.838   -10.205 -8.492  1.00 6.11  ? 98   ASP X C   1 
ATOM   252 O  O   . ASP A 1 31 ? 0.442   -11.317 -8.845  1.00 7.33  ? 98   ASP X O   1 
ATOM   253 C  CB  . ASP A 1 31 ? 3.138   -9.666  -9.496  1.00 7.82  ? 98   ASP X CB  1 
ATOM   254 C  CG  . ASP A 1 31 ? 3.917   -9.073  -10.681 1.00 8.53  ? 98   ASP X CG  1 
ATOM   255 O  OD1 . ASP A 1 31 ? 3.280   -8.698  -11.683 1.00 10.71 ? 98   ASP X OD1 1 
ATOM   256 O  OD2 . ASP A 1 31 ? 5.174   -9.044  -10.580 1.00 11.78 ? 98   ASP X OD2 1 
ATOM   257 N  N   . LYS A 1 32 ? 0.625   -9.711  -7.254  1.00 5.29  ? 99   LYS X N   1 
ATOM   258 C  CA  . LYS A 1 32 ? -0.135  -10.407 -6.252  1.00 5.07  ? 99   LYS X CA  1 
ATOM   259 C  C   . LYS A 1 32 ? -1.634  -10.190 -6.415  1.00 4.74  ? 99   LYS X C   1 
ATOM   260 O  O   . LYS A 1 32 ? -2.427  -10.857 -5.719  1.00 5.95  ? 99   LYS X O   1 
ATOM   261 C  CB  . LYS A 1 32 ? 0.275   -9.985  -4.847  1.00 5.12  ? 99   LYS X CB  1 
ATOM   262 C  CG  . LYS A 1 32 ? 1.630   -10.620 -4.433  1.00 5.63  ? 99   LYS X CG  1 
ATOM   263 C  CD  . LYS A 1 32 ? 2.179   -10.027 -3.152  1.00 7.64  ? 99   LYS X CD  1 
ATOM   264 C  CE  . LYS A 1 32 ? 3.401   -10.756 -2.639  1.00 7.62  ? 99   LYS X CE  1 
ATOM   265 N  NZ  . LYS A 1 32 ? 2.929   -11.980 -1.880  1.00 10.06 ? 99   LYS X NZ  1 
ATOM   266 N  N   . GLY A 1 33 ? -2.066  -9.294  -7.277  1.00 5.48  ? 100  GLY X N   1 
ATOM   267 C  CA  . GLY A 1 33 ? -3.472  -9.088  -7.561  1.00 5.84  ? 100  GLY X CA  1 
ATOM   268 C  C   . GLY A 1 33 ? -4.190  -8.106  -6.692  1.00 5.16  ? 100  GLY X C   1 
ATOM   269 O  O   . GLY A 1 33 ? -5.412  -8.044  -6.756  1.00 6.30  ? 100  GLY X O   1 
ATOM   270 N  N   . TYR A 1 34 ? -3.507  -7.308  -5.889  1.00 4.78  ? 101  TYR X N   1 
ATOM   271 C  CA  . TYR A 1 34 ? -4.235  -6.419  -4.965  1.00 4.22  ? 101  TYR X CA  1 
ATOM   272 C  C   . TYR A 1 34 ? -4.911  -5.267  -5.730  1.00 4.41  ? 101  TYR X C   1 
ATOM   273 O  O   . TYR A 1 34 ? -4.270  -4.547  -6.502  1.00 4.96  ? 101  TYR X O   1 
ATOM   274 C  CB  . TYR A 1 34 ? -3.302  -5.862  -3.877  1.00 4.66  ? 101  TYR X CB  1 
ATOM   275 C  CG  . TYR A 1 34 ? -2.723  -6.906  -2.966  1.00 3.95  ? 101  TYR X CG  1 
ATOM   276 C  CD1 . TYR A 1 34 ? -3.512  -7.943  -2.466  1.00 5.72  ? 101  TYR X CD1 1 
ATOM   277 C  CD2 . TYR A 1 34 ? -1.394  -6.854  -2.571  1.00 4.95  ? 101  TYR X CD2 1 
ATOM   278 C  CE1 . TYR A 1 34 ? -2.988  -8.914  -1.625  1.00 5.17  ? 101  TYR X CE1 1 
ATOM   279 C  CE2 . TYR A 1 34 ? -0.868  -7.831  -1.693  1.00 5.05  ? 101  TYR X CE2 1 
ATOM   280 C  CZ  . TYR A 1 34 ? -1.677  -8.825  -1.232  1.00 4.36  ? 101  TYR X CZ  1 
ATOM   281 O  OH  . TYR A 1 34 ? -1.163  -9.774  -0.387  1.00 5.44  ? 101  TYR X OH  1 
ATOM   282 N  N   . THR A 1 35 ? -6.194  -5.063  -5.452  1.00 4.62  ? 102  THR X N   1 
ATOM   283 C  CA  . THR A 1 35 ? -6.902  -3.903  -5.990  1.00 4.81  ? 102  THR X CA  1 
ATOM   284 C  C   . THR A 1 35 ? -6.768  -2.746  -5.002  1.00 5.37  ? 102  THR X C   1 
ATOM   285 O  O   . THR A 1 35 ? -6.472  -2.883  -3.826  1.00 6.30  ? 102  THR X O   1 
ATOM   286 C  CB  . THR A 1 35 ? -8.373  -4.195  -6.253  1.00 4.59  ? 102  THR X CB  1 
ATOM   287 O  OG1 . THR A 1 35 ? -9.028  -4.365  -5.006  1.00 4.48  ? 102  THR X OG1 1 
ATOM   288 C  CG2 . THR A 1 35 ? -8.535  -5.427  -7.174  1.00 5.59  ? 102  THR X CG2 1 
ATOM   289 N  N   . LEU A 1 36 ? -7.067  -1.549  -5.501  1.00 6.75  ? 103  LEU X N   1 
ATOM   290 C  CA  . LEU A 1 36 ? -7.083  -0.364  -4.614  1.00 8.19  ? 103  LEU X CA  1 
ATOM   291 C  C   . LEU A 1 36 ? -8.094  -0.488  -3.466  1.00 9.35  ? 103  LEU X C   1 
ATOM   292 O  O   . LEU A 1 36 ? -7.806  -0.059  -2.351  1.00 10.82 ? 103  LEU X O   1 
ATOM   293 C  CB  . LEU A 1 36 ? -7.332  0.885   -5.468  1.00 9.52  ? 103  LEU X CB  1 
ATOM   294 C  CG  . LEU A 1 36 ? -6.994  2.239   -4.913  1.00 10.71 ? 103  LEU X CG  1 
ATOM   295 C  CD1 . LEU A 1 36 ? -5.522  2.374   -4.612  1.00 8.61  ? 103  LEU X CD1 1 
ATOM   296 C  CD2 . LEU A 1 36 ? -7.488  3.325   -5.880  1.00 13.98 ? 103  LEU X CD2 1 
ATOM   297 N  N   . THR A 1 37 ? -9.271  -1.055  -3.721  1.00 9.12  ? 104  THR X N   1 
ATOM   298 C  CA  . THR A 1 37 ? -10.281 -1.289  -2.639  1.00 9.74  ? 104  THR X CA  1 
ATOM   299 C  C   . THR A 1 37 ? -9.716  -2.159  -1.545  1.00 10.32 ? 104  THR X C   1 
ATOM   300 O  O   . THR A 1 37 ? -9.897  -1.886  -0.365  1.00 12.90 ? 104  THR X O   1 
ATOM   301 C  CB  . THR A 1 37 ? -11.583 -1.941  -3.167  1.00 9.40  ? 104  THR X CB  1 
ATOM   302 O  OG1 . THR A 1 37 ? -12.327 -1.018  -3.975  1.00 13.48 ? 104  THR X OG1 1 
ATOM   303 C  CG2 . THR A 1 37 ? -12.508 -2.447  -2.049  1.00 10.40 ? 104  THR X CG2 1 
ATOM   304 N  N   . GLN A 1 38 ? -9.037  -3.218  -1.982  1.00 11.52 ? 105  GLN X N   1 
ATOM   305 C  CA  . GLN A 1 38 ? -8.561  -4.276  -1.130  1.00 14.15 ? 105  GLN X CA  1 
ATOM   306 C  C   . GLN A 1 38 ? -7.421  -3.674  -0.309  1.00 14.03 ? 105  GLN X C   1 
ATOM   307 O  O   . GLN A 1 38 ? -7.344  -3.902  0.912   1.00 15.35 ? 105  GLN X O   1 
ATOM   308 C  CB  . GLN A 1 38 ? -8.236  -5.542  -1.997  1.00 13.60 ? 105  GLN X CB  1 
ATOM   309 C  CG  . GLN A 1 38 ? -7.559  -6.724  -1.398  1.00 15.73 ? 105  GLN X CG  1 
ATOM   310 C  CD  . GLN A 1 38 ? -7.141  -7.710  -2.454  1.00 14.55 ? 105  GLN X CD  1 
ATOM   311 O  OE1 . GLN A 1 38 ? -7.003  -7.397  -3.627  1.00 8.85  ? 105  GLN X OE1 1 
ATOM   312 N  NE2 . GLN A 1 38 ? -6.804  -8.915  -1.977  1.00 19.44 ? 105  GLN X NE2 1 
ATOM   313 N  N   . LEU A 1 39 ? -6.592  -2.843  -0.947  1.00 12.89 ? 106  LEU X N   1 
ATOM   314 C  CA  . LEU A 1 39 ? -5.391  -2.313  -0.302  1.00 11.69 ? 106  LEU X CA  1 
ATOM   315 C  C   . LEU A 1 39 ? -5.701  -1.600  0.966   1.00 10.78 ? 106  LEU X C   1 
ATOM   316 O  O   . LEU A 1 39 ? -5.000  -1.720  1.959   1.00 10.33 ? 106  LEU X O   1 
ATOM   317 C  CB  . LEU A 1 39 ? -4.620  -1.339  -1.239  1.00 12.37 ? 106  LEU X CB  1 
ATOM   318 C  CG  . LEU A 1 39 ? -3.403  -0.675  -0.621  1.00 11.47 ? 106  LEU X CG  1 
ATOM   319 C  CD1 . LEU A 1 39 ? -2.355  -1.671  -0.201  1.00 12.20 ? 106  LEU X CD1 1 
ATOM   320 C  CD2 . LEU A 1 39 ? -2.941  0.353   -1.710  1.00 10.70 ? 106  LEU X CD2 1 
ATOM   321 N  N   . SER A 1 40 ? -6.695  -0.775  0.942   1.00 11.33 ? 107  SER X N   1 
ATOM   322 C  CA  A SER A 1 40 ? -7.190  -0.095  2.102   0.50 10.44 ? 107  SER X CA  1 
ATOM   323 C  CA  B SER A 1 40 ? -7.034  -0.060  2.163   0.50 9.72  ? 107  SER X CA  1 
ATOM   324 C  C   . SER A 1 40 ? -7.308  -0.902  3.443   1.00 9.89  ? 107  SER X C   1 
ATOM   325 O  O   . SER A 1 40 ? -7.016  -0.414  4.529   1.00 10.05 ? 107  SER X O   1 
ATOM   326 C  CB  A SER A 1 40 ? -8.561  0.335   1.716   0.50 10.80 ? 107  SER X CB  1 
ATOM   327 C  CB  B SER A 1 40 ? -8.222  0.891   1.994   0.50 7.95  ? 107  SER X CB  1 
ATOM   328 O  OG  A SER A 1 40 ? -9.252  0.654   2.872   0.50 13.63 ? 107  SER X OG  1 
ATOM   329 O  OG  B SER A 1 40 ? -7.994  1.906   1.058   0.50 9.28  ? 107  SER X OG  1 
ATOM   330 N  N   A ASP A 1 41 ? -7.649  -2.196  3.280   0.50 7.59  ? 108  ASP X N   1 
ATOM   331 N  N   B ASP A 1 41 ? -8.063  -2.001  3.469   0.50 11.55 ? 108  ASP X N   1 
ATOM   332 C  CA  A ASP A 1 41 ? -7.772  -3.111  4.427   0.50 7.17  ? 108  ASP X CA  1 
ATOM   333 C  CA  B ASP A 1 41 ? -8.281  -2.632  4.804   0.50 10.79 ? 108  ASP X CA  1 
ATOM   334 C  C   A ASP A 1 41 ? -6.448  -3.378  5.147   0.50 5.80  ? 108  ASP X C   1 
ATOM   335 C  C   B ASP A 1 41 ? -6.865  -2.728  5.321   0.50 9.01  ? 108  ASP X C   1 
ATOM   336 O  O   A ASP A 1 41 ? -6.450  -3.752  6.321   0.50 7.27  ? 108  ASP X O   1 
ATOM   337 O  O   B ASP A 1 41 ? -6.617  -2.547  6.518   0.50 9.79  ? 108  ASP X O   1 
ATOM   338 C  CB  A ASP A 1 41 ? -8.381  -4.444  4.093   0.50 8.51  ? 108  ASP X CB  1 
ATOM   339 C  CB  B ASP A 1 41 ? -9.023  -3.991  4.744   0.50 11.03 ? 108  ASP X CB  1 
ATOM   340 C  CG  A ASP A 1 41 ? -9.137  -5.038  5.312   0.50 12.23 ? 108  ASP X CG  1 
ATOM   341 C  CG  B ASP A 1 41 ? -8.903  -4.851  6.051   0.50 11.34 ? 108  ASP X CG  1 
ATOM   342 O  OD1 A ASP A 1 41 ? -10.020 -4.334  5.903   0.50 14.10 ? 108  ASP X OD1 1 
ATOM   343 O  OD1 B ASP A 1 41 ? -9.254  -4.412  7.166   0.50 12.66 ? 108  ASP X OD1 1 
ATOM   344 O  OD2 A ASP A 1 41 ? -8.854  -6.193  5.701   0.50 15.40 ? 108  ASP X OD2 1 
ATOM   345 O  OD2 B ASP A 1 41 ? -8.481  -6.017  5.962   0.50 13.35 ? 108  ASP X OD2 1 
ATOM   346 N  N   A PHE A 1 42 ? -5.330  -3.095  4.454   0.50 4.44  ? 109  PHE X N   1 
ATOM   347 N  N   B PHE A 1 42 ? -5.908  -2.860  4.383   0.50 7.48  ? 109  PHE X N   1 
ATOM   348 C  CA  A PHE A 1 42 ? -4.000  -3.270  4.954   0.50 5.34  ? 109  PHE X CA  1 
ATOM   349 C  CA  B PHE A 1 42 ? -4.482  -3.134  4.725   0.50 7.35  ? 109  PHE X CA  1 
ATOM   350 C  C   A PHE A 1 42 ? -3.392  -1.911  5.396   0.50 5.47  ? 109  PHE X C   1 
ATOM   351 C  C   B PHE A 1 42 ? -3.673  -1.975  5.395   0.50 7.83  ? 109  PHE X C   1 
ATOM   352 O  O   A PHE A 1 42 ? -2.211  -1.932  5.866   0.50 5.42  ? 109  PHE X O   1 
ATOM   353 O  O   B PHE A 1 42 ? -2.640  -2.159  6.027   0.50 9.08  ? 109  PHE X O   1 
ATOM   354 C  CB  A PHE A 1 42 ? -3.152  -3.849  3.820   0.50 4.79  ? 109  PHE X CB  1 
ATOM   355 C  CB  B PHE A 1 42 ? -3.687  -3.530  3.475   0.50 6.97  ? 109  PHE X CB  1 
ATOM   356 C  CG  A PHE A 1 42 ? -3.715  -5.096  3.209   0.50 5.45  ? 109  PHE X CG  1 
ATOM   357 C  CG  B PHE A 1 42 ? -4.014  -4.905  2.902   0.50 6.48  ? 109  PHE X CG  1 
ATOM   358 C  CD1 A PHE A 1 42 ? -3.932  -6.140  4.009   0.50 6.32  ? 109  PHE X CD1 1 
ATOM   359 C  CD1 B PHE A 1 42 ? -4.331  -5.972  3.701   0.50 5.50  ? 109  PHE X CD1 1 
ATOM   360 C  CD2 A PHE A 1 42 ? -3.985  -5.224  1.856   0.50 9.02  ? 109  PHE X CD2 1 
ATOM   361 C  CD2 B PHE A 1 42 ? -3.880  -5.107  1.539   0.50 9.40  ? 109  PHE X CD2 1 
ATOM   362 C  CE1 A PHE A 1 42 ? -4.387  -7.309  3.538   0.50 7.47  ? 109  PHE X CE1 1 
ATOM   363 C  CE1 B PHE A 1 42 ? -4.609  -7.210  3.116   0.50 8.86  ? 109  PHE X CE1 1 
ATOM   364 C  CE2 A PHE A 1 42 ? -4.483  -6.432  1.351   0.50 6.86  ? 109  PHE X CE2 1 
ATOM   365 C  CE2 B PHE A 1 42 ? -4.130  -6.332  0.962   0.50 7.72  ? 109  PHE X CE2 1 
ATOM   366 C  CZ  A PHE A 1 42 ? -4.672  -7.469  2.214   0.50 6.00  ? 109  PHE X CZ  1 
ATOM   367 C  CZ  B PHE A 1 42 ? -4.499  -7.383  1.737   0.50 6.70  ? 109  PHE X CZ  1 
ATOM   368 N  N   . LEU A 1 43 ? -4.189  -0.786  5.227   1.00 6.55  ? 110  LEU X N   1 
ATOM   369 C  CA  . LEU A 1 43 ? -3.631  0.533   5.531   1.00 5.40  ? 110  LEU X CA  1 
ATOM   370 C  C   . LEU A 1 43 ? -4.374  1.255   6.671   1.00 4.99  ? 110  LEU X C   1 
ATOM   371 O  O   . LEU A 1 43 ? -4.293  2.461   6.822   1.00 5.02  ? 110  LEU X O   1 
ATOM   372 C  CB  . LEU A 1 43 ? -3.594  1.439   4.277   1.00 5.40  ? 110  LEU X CB  1 
ATOM   373 C  CG  . LEU A 1 43 ? -2.808  0.926   3.090   1.00 5.78  ? 110  LEU X CG  1 
ATOM   374 C  CD1 . LEU A 1 43 ? -2.856  1.997   2.000   1.00 7.49  ? 110  LEU X CD1 1 
ATOM   375 C  CD2 . LEU A 1 43 ? -1.375  0.562   3.465   1.00 6.67  ? 110  LEU X CD2 1 
ATOM   376 N  N   . LYS A 1 44 ? -5.014  0.481   7.559   1.00 6.86  ? 111  LYS X N   1 
ATOM   377 C  CA  . LYS A 1 44 ? -5.712  1.079   8.683   1.00 6.13  ? 111  LYS X CA  1 
ATOM   378 C  C   . LYS A 1 44 ? -4.709  1.639   9.695   1.00 4.71  ? 111  LYS X C   1 
ATOM   379 O  O   . LYS A 1 44 ? -3.625  1.080   9.976   1.00 5.66  ? 111  LYS X O   1 
ATOM   380 C  CB  . LYS A 1 44 ? -6.669  0.090   9.346   1.00 7.53  ? 111  LYS X CB  1 
ATOM   381 C  CG  . LYS A 1 44 ? -7.936  -0.211  8.425   1.00 11.27 ? 111  LYS X CG  1 
ATOM   382 C  CD  . LYS A 1 44 ? -8.898  -1.197  9.022   1.00 12.54 ? 111  LYS X CD  1 
ATOM   383 C  CE  . LYS A 1 44 ? -10.290 -1.186  8.335   1.00 16.17 ? 111  LYS X CE  1 
ATOM   384 N  NZ  . LYS A 1 44 ? -11.023 -2.496  8.400   1.00 17.69 ? 111  LYS X NZ  1 
ATOM   385 N  N   . SER A 1 45 ? -5.122  2.790   10.274  1.00 4.36  ? 112  SER X N   1 
ATOM   386 C  CA  . SER A 1 45 ? -4.344  3.424   11.307  1.00 3.39  ? 112  SER X CA  1 
ATOM   387 C  C   . SER A 1 45 ? -5.226  4.280   12.223  1.00 3.22  ? 112  SER X C   1 
ATOM   388 O  O   . SER A 1 45 ? -6.222  4.843   11.789  1.00 3.81  ? 112  SER X O   1 
ATOM   389 C  CB  . SER A 1 45 ? -3.265  4.340   10.695  1.00 3.45  ? 112  SER X CB  1 
ATOM   390 O  OG  . SER A 1 45 ? -2.470  4.955   11.685  1.00 3.60  ? 112  SER X OG  1 
ATOM   391 N  N   . LYS A 1 46 ? -4.796  4.417   13.467  1.00 3.10  ? 113  LYS X N   1 
ATOM   392 C  CA  A LYS A 1 46 ? -5.358  5.413   14.396  0.33 3.07  ? 113  LYS X CA  1 
ATOM   393 C  CA  B LYS A 1 46 ? -5.464  5.411   14.306  0.33 3.17  ? 113  LYS X CA  1 
ATOM   394 C  CA  C LYS A 1 46 ? -5.328  5.404   14.414  0.33 3.05  ? 113  LYS X CA  1 
ATOM   395 C  C   . LYS A 1 46 ? -5.093  6.842   13.928  1.00 2.85  ? 113  LYS X C   1 
ATOM   396 O  O   . LYS A 1 46 ? -5.744  7.779   14.401  1.00 3.37  ? 113  LYS X O   1 
ATOM   397 C  CB  A LYS A 1 46 ? -4.780  5.251   15.819  0.33 3.67  ? 113  LYS X CB  1 
ATOM   398 C  CB  B LYS A 1 46 ? -5.163  5.164   15.763  0.33 3.64  ? 113  LYS X CB  1 
ATOM   399 C  CB  C LYS A 1 46 ? -4.681  5.200   15.810  0.33 3.44  ? 113  LYS X CB  1 
ATOM   400 C  CG  A LYS A 1 46 ? -3.307  5.580   15.967  0.33 3.28  ? 113  LYS X CG  1 
ATOM   401 C  CG  B LYS A 1 46 ? -3.699  5.340   16.113  0.33 4.63  ? 113  LYS X CG  1 
ATOM   402 C  CG  C LYS A 1 46 ? -3.200  5.551   15.934  0.33 3.76  ? 113  LYS X CG  1 
ATOM   403 C  CD  A LYS A 1 46 ? -3.025  6.450   17.183  0.33 4.07  ? 113  LYS X CD  1 
ATOM   404 C  CD  B LYS A 1 46 ? -3.385  6.697   16.716  0.33 6.19  ? 113  LYS X CD  1 
ATOM   405 C  CD  C LYS A 1 46 ? -3.013  6.889   16.628  0.33 4.25  ? 113  LYS X CD  1 
ATOM   406 C  CE  A LYS A 1 46 ? -1.540  6.825   17.240  0.33 4.25  ? 113  LYS X CE  1 
ATOM   407 C  CE  B LYS A 1 46 ? -1.899  6.820   17.082  0.33 6.33  ? 113  LYS X CE  1 
ATOM   408 C  CE  C LYS A 1 46 ? -1.569  7.296   16.856  0.33 5.18  ? 113  LYS X CE  1 
ATOM   409 N  NZ  A LYS A 1 46 ? -1.140  7.535   18.485  0.33 4.39  ? 113  LYS X NZ  1 
ATOM   410 N  NZ  B LYS A 1 46 ? -1.452  8.164   17.615  0.33 6.90  ? 113  LYS X NZ  1 
ATOM   411 N  NZ  C LYS A 1 46 ? -0.854  6.462   17.809  0.33 7.93  ? 113  LYS X NZ  1 
ATOM   412 N  N   . THR A 1 47 ? -4.098  7.021   13.070  1.00 2.56  ? 114  THR X N   1 
ATOM   413 C  CA  . THR A 1 47 ? -3.727  8.337   12.580  1.00 3.00  ? 114  THR X CA  1 
ATOM   414 C  C   . THR A 1 47 ? -4.411  8.546   11.237  1.00 2.62  ? 114  THR X C   1 
ATOM   415 O  O   . THR A 1 47 ? -4.133  7.841   10.273  1.00 2.95  ? 114  THR X O   1 
ATOM   416 C  CB  . THR A 1 47 ? -2.215  8.433   12.418  1.00 3.68  ? 114  THR X CB  1 
ATOM   417 O  OG1 . THR A 1 47 ? -1.575  8.166   13.677  1.00 5.05  ? 114  THR X OG1 1 
ATOM   418 C  CG2 . THR A 1 47 ? -1.805  9.784   11.857  1.00 5.89  ? 114  THR X CG2 1 
ATOM   419 N  N   . ARG A 1 48 ? -5.335  9.510   11.193  1.00 2.61  ? 115  ARG X N   1 
ATOM   420 C  CA  . ARG A 1 48 ? -6.068  9.783   9.968   1.00 2.56  ? 115  ARG X CA  1 
ATOM   421 C  C   . ARG A 1 48 ? -5.115  10.062  8.827   1.00 2.82  ? 115  ARG X C   1 
ATOM   422 O  O   . ARG A 1 48 ? -4.295  10.956  8.909   1.00 3.37  ? 115  ARG X O   1 
ATOM   423 C  CB  . ARG A 1 48 ? -6.975  11.014  10.132  1.00 2.80  ? 115  ARG X CB  1 
ATOM   424 C  CG  . ARG A 1 48 ? -8.122  10.821  11.087  1.00 3.27  ? 115  ARG X CG  1 
ATOM   425 C  CD  . ARG A 1 48 ? -8.873  12.144  11.269  1.00 3.23  ? 115  ARG X CD  1 
ATOM   426 N  NE  . ARG A 1 48 ? -10.025 11.959  12.121  1.00 4.50  ? 115  ARG X NE  1 
ATOM   427 C  CZ  . ARG A 1 48 ? -10.589 12.932  12.837  1.00 4.97  ? 115  ARG X CZ  1 
ATOM   428 N  NH1 . ARG A 1 48 ? -10.209 14.177  12.731  1.00 5.43  ? 115  ARG X NH1 1 
ATOM   429 N  NH2 . ARG A 1 48 ? -11.615 12.640  13.643  1.00 6.80  ? 115  ARG X NH2 1 
ATOM   430 N  N   . GLY A 1 49 ? -5.286  9.286   7.735   1.00 2.99  ? 116  GLY X N   1 
ATOM   431 C  CA  . GLY A 1 49 ? -4.506  9.502   6.533   1.00 3.65  ? 116  GLY X CA  1 
ATOM   432 C  C   . GLY A 1 49 ? -3.066  8.988   6.564   1.00 2.93  ? 116  GLY X C   1 
ATOM   433 O  O   . GLY A 1 49 ? -2.308  9.282   5.645   1.00 3.16  ? 116  GLY X O   1 
ATOM   434 N  N   . LYS A 1 50 ? -2.704  8.202   7.579   1.00 2.66  ? 117  LYS X N   1 
ATOM   435 C  CA  A LYS A 1 50 ? -1.295  7.895   7.761   0.50 2.89  ? 117  LYS X CA  1 
ATOM   436 C  CA  B LYS A 1 50 ? -1.327  7.811   7.797   0.50 2.72  ? 117  LYS X CA  1 
ATOM   437 C  C   . LYS A 1 50 ? -0.636  7.373   6.495   1.00 2.35  ? 117  LYS X C   1 
ATOM   438 O  O   . LYS A 1 50 ? 0.492   7.797   6.178   1.00 2.98  ? 117  LYS X O   1 
ATOM   439 C  CB  A LYS A 1 50 ? -1.055  6.879   8.886   0.50 3.11  ? 117  LYS X CB  1 
ATOM   440 C  CB  B LYS A 1 50 ? -1.324  6.657   8.821   0.50 2.94  ? 117  LYS X CB  1 
ATOM   441 C  CG  A LYS A 1 50 ? 0.425   6.731   9.227   0.50 4.39  ? 117  LYS X CG  1 
ATOM   442 C  CG  B LYS A 1 50 ? 0.036   6.110   9.212   0.50 3.13  ? 117  LYS X CG  1 
ATOM   443 C  CD  A LYS A 1 50 ? 0.629   5.727   10.367  0.50 6.00  ? 117  LYS X CD  1 
ATOM   444 C  CD  B LYS A 1 50 ? 0.878   7.089   10.057  0.50 4.82  ? 117  LYS X CD  1 
ATOM   445 C  CE  A LYS A 1 50 ? 2.071   5.470   10.756  0.50 8.25  ? 117  LYS X CE  1 
ATOM   446 C  CE  B LYS A 1 50 ? 2.117   6.416   10.604  0.50 5.61  ? 117  LYS X CE  1 
ATOM   447 N  NZ  A LYS A 1 50 ? 2.734   6.659   11.273  0.50 10.19 ? 117  LYS X NZ  1 
ATOM   448 N  NZ  B LYS A 1 50 ? 2.914   7.415   11.411  0.50 7.77  ? 117  LYS X NZ  1 
ATOM   449 N  N   . TYR A 1 51 ? -1.281  6.446   5.784   1.00 2.13  ? 118  TYR X N   1 
ATOM   450 C  CA  . TYR A 1 51 ? -0.700  5.817   4.613   1.00 2.29  ? 118  TYR X CA  1 
ATOM   451 C  C   . TYR A 1 51 ? -1.287  6.359   3.311   1.00 2.29  ? 118  TYR X C   1 
ATOM   452 O  O   . TYR A 1 51 ? -1.180  5.692   2.257   1.00 2.72  ? 118  TYR X O   1 
ATOM   453 C  CB  . TYR A 1 51 ? -0.839  4.285   4.686   1.00 2.80  ? 118  TYR X CB  1 
ATOM   454 C  CG  . TYR A 1 51 ? -0.210  3.704   5.914   1.00 2.78  ? 118  TYR X CG  1 
ATOM   455 C  CD1 . TYR A 1 51 ? 1.170   3.709   6.063   1.00 5.09  ? 118  TYR X CD1 1 
ATOM   456 C  CD2 . TYR A 1 51 ? -0.982  3.158   6.947   1.00 3.49  ? 118  TYR X CD2 1 
ATOM   457 C  CE1 . TYR A 1 51 ? 1.776   3.203   7.195   1.00 6.67  ? 118  TYR X CE1 1 
ATOM   458 C  CE2 . TYR A 1 51 ? -0.391  2.635   8.083   1.00 4.56  ? 118  TYR X CE2 1 
ATOM   459 C  CZ  . TYR A 1 51 ? 0.986   2.648   8.212   1.00 5.59  ? 118  TYR X CZ  1 
ATOM   460 O  OH  . TYR A 1 51 ? 1.616   2.143   9.325   1.00 8.49  ? 118  TYR X OH  1 
ATOM   461 N  N   . ASP A 1 52 ? -1.845  7.572   3.322   1.00 2.56  ? 119  ASP X N   1 
ATOM   462 C  CA  . ASP A 1 52 ? -2.395  8.137   2.117   1.00 3.15  ? 119  ASP X CA  1 
ATOM   463 C  C   . ASP A 1 52 ? -1.381  8.185   0.966   1.00 2.61  ? 119  ASP X C   1 
ATOM   464 O  O   . ASP A 1 52 ? -1.776  7.982   -0.187  1.00 2.91  ? 119  ASP X O   1 
ATOM   465 C  CB  . ASP A 1 52 ? -2.971  9.524   2.349   1.00 4.55  ? 119  ASP X CB  1 
ATOM   466 C  CG  . ASP A 1 52 ? -4.295  9.525   3.120   1.00 6.29  ? 119  ASP X CG  1 
ATOM   467 O  OD1 . ASP A 1 52 ? -4.881  8.446   3.359   1.00 6.74  ? 119  ASP X OD1 1 
ATOM   468 O  OD2 . ASP A 1 52 ? -4.684  10.667  3.539   1.00 8.62  ? 119  ASP X OD2 1 
ATOM   469 N  N   . ARG A 1 53 ? -0.100  8.468   1.227   1.00 2.56  ? 120  ARG X N   1 
ATOM   470 C  CA  . ARG A 1 53 ? 0.859   8.486   0.124   1.00 2.42  ? 120  ARG X CA  1 
ATOM   471 C  C   . ARG A 1 53 ? 0.962   7.117   -0.549  1.00 2.48  ? 120  ARG X C   1 
ATOM   472 O  O   . ARG A 1 53 ? 1.125   7.015   -1.764  1.00 2.95  ? 120  ARG X O   1 
ATOM   473 C  CB  . ARG A 1 53 ? 2.232   8.961   0.626   1.00 2.98  ? 120  ARG X CB  1 
ATOM   474 C  CG  . ARG A 1 53 ? 3.332   8.790   -0.419  1.00 2.85  ? 120  ARG X CG  1 
ATOM   475 C  CD  . ARG A 1 53 ? 4.511   9.736   -0.206  1.00 3.41  ? 120  ARG X CD  1 
ATOM   476 N  NE  . ARG A 1 53 ? 5.088   9.677   1.130   1.00 3.00  ? 120  ARG X NE  1 
ATOM   477 C  CZ  . ARG A 1 53 ? 6.018   8.816   1.546   1.00 3.28  ? 120  ARG X CZ  1 
ATOM   478 N  NH1 . ARG A 1 53 ? 6.486   7.853   0.749   1.00 3.34  ? 120  ARG X NH1 1 
ATOM   479 N  NH2 . ARG A 1 53 ? 6.474   8.946   2.782   1.00 3.77  ? 120  ARG X NH2 1 
ATOM   480 N  N   . VAL A 1 54 ? 0.923   6.052   0.261   1.00 2.33  ? 121  VAL X N   1 
ATOM   481 C  CA  . VAL A 1 54 ? 0.992   4.707   -0.274  1.00 2.43  ? 121  VAL X CA  1 
ATOM   482 C  C   . VAL A 1 54 ? -0.248  4.399   -1.141  1.00 2.31  ? 121  VAL X C   1 
ATOM   483 O  O   . VAL A 1 54 ? -0.140  3.864   -2.245  1.00 2.71  ? 121  VAL X O   1 
ATOM   484 C  CB  . VAL A 1 54 ? 1.139   3.678   0.858   1.00 2.95  ? 121  VAL X CB  1 
ATOM   485 C  CG1 . VAL A 1 54 ? 1.082   2.250   0.311   1.00 3.68  ? 121  VAL X CG1 1 
ATOM   486 C  CG2 . VAL A 1 54 ? 2.461   3.916   1.614   1.00 5.40  ? 121  VAL X CG2 1 
ATOM   487 N  N   . TYR A 1 55 ? -1.428  4.729   -0.613  1.00 2.27  ? 122  TYR X N   1 
ATOM   488 C  CA  . TYR A 1 55 ? -2.693  4.549   -1.351  1.00 2.71  ? 122  TYR X CA  1 
ATOM   489 C  C   . TYR A 1 55 ? -2.642  5.352   -2.679  1.00 2.59  ? 122  TYR X C   1 
ATOM   490 O  O   . TYR A 1 55 ? -2.942  4.822   -3.754  1.00 2.89  ? 122  TYR X O   1 
ATOM   491 C  CB  . TYR A 1 55 ? -3.837  5.016   -0.458  1.00 3.36  ? 122  TYR X CB  1 
ATOM   492 C  CG  . TYR A 1 55 ? -5.197  5.007   -1.131  1.00 3.65  ? 122  TYR X CG  1 
ATOM   493 C  CD1 . TYR A 1 55 ? -5.994  3.886   -1.153  1.00 4.45  ? 122  TYR X CD1 1 
ATOM   494 C  CD2 . TYR A 1 55 ? -5.678  6.153   -1.718  1.00 5.65  ? 122  TYR X CD2 1 
ATOM   495 C  CE1 . TYR A 1 55 ? -7.266  3.912   -1.754  1.00 5.97  ? 122  TYR X CE1 1 
ATOM   496 C  CE2 . TYR A 1 55 ? -6.927  6.196   -2.320  1.00 7.01  ? 122  TYR X CE2 1 
ATOM   497 C  CZ  . TYR A 1 55 ? -7.722  5.083   -2.319  1.00 6.37  ? 122  TYR X CZ  1 
ATOM   498 O  OH  . TYR A 1 55 ? -8.947  5.191   -2.913  1.00 9.02  ? 122  TYR X OH  1 
ATOM   499 N  N   . ASN A 1 56 ? -2.278  6.628   -2.565  1.00 2.68  ? 123  ASN X N   1 
ATOM   500 C  CA  . ASN A 1 56 ? -2.255  7.525   -3.726  1.00 3.12  ? 123  ASN X CA  1 
ATOM   501 C  C   . ASN A 1 56 ? -1.279  7.024   -4.800  1.00 2.60  ? 123  ASN X C   1 
ATOM   502 O  O   . ASN A 1 56 ? -1.577  7.066   -5.997  1.00 3.45  ? 123  ASN X O   1 
ATOM   503 C  CB  . ASN A 1 56 ? -1.822  8.935   -3.296  1.00 3.96  ? 123  ASN X CB  1 
ATOM   504 C  CG  . ASN A 1 56 ? -2.826  9.642   -2.493  1.00 5.25  ? 123  ASN X CG  1 
ATOM   505 O  OD1 . ASN A 1 56 ? -3.990  9.259   -2.485  1.00 6.48  ? 123  ASN X OD1 1 
ATOM   506 N  ND2 . ASN A 1 56 ? -2.418  10.693  -1.810  1.00 6.76  ? 123  ASN X ND2 1 
ATOM   507 N  N   . GLY A 1 57 ? -0.095  6.575   -4.373  1.00 2.53  ? 124  GLY X N   1 
ATOM   508 C  CA  . GLY A 1 57 ? 0.882   6.095   -5.327  1.00 2.65  ? 124  GLY X CA  1 
ATOM   509 C  C   . GLY A 1 57 ? 0.397   4.855   -6.055  1.00 2.36  ? 124  GLY X C   1 
ATOM   510 O  O   . GLY A 1 57 ? 0.665   4.680   -7.243  1.00 2.76  ? 124  GLY X O   1 
ATOM   511 N  N   . TYR A 1 58 ? -0.287  3.951   -5.326  1.00 2.43  ? 125  TYR X N   1 
ATOM   512 C  CA  . TYR A 1 58 ? -0.809  2.749   -5.980  1.00 2.69  ? 125  TYR X CA  1 
ATOM   513 C  C   . TYR A 1 58 ? -1.966  3.095   -6.935  1.00 3.09  ? 125  TYR X C   1 
ATOM   514 O  O   . TYR A 1 58 ? -2.073  2.483   -7.996  1.00 3.47  ? 125  TYR X O   1 
ATOM   515 C  CB  . TYR A 1 58 ? -1.227  1.705   -4.947  1.00 3.01  ? 125  TYR X CB  1 
ATOM   516 C  CG  . TYR A 1 58 ? -1.421  0.318   -5.527  1.00 2.80  ? 125  TYR X CG  1 
ATOM   517 C  CD1 . TYR A 1 58 ? -0.416  -0.325  -6.255  1.00 3.22  ? 125  TYR X CD1 1 
ATOM   518 C  CD2 . TYR A 1 58 ? -2.595  -0.390  -5.302  1.00 3.45  ? 125  TYR X CD2 1 
ATOM   519 C  CE1 . TYR A 1 58 ? -0.560  -1.593  -6.751  1.00 3.02  ? 125  TYR X CE1 1 
ATOM   520 C  CE2 . TYR A 1 58 ? -2.753  -1.696  -5.783  1.00 3.88  ? 125  TYR X CE2 1 
ATOM   521 C  CZ  . TYR A 1 58 ? -1.729  -2.309  -6.488  1.00 3.33  ? 125  TYR X CZ  1 
ATOM   522 O  OH  . TYR A 1 58 ? -1.822  -3.585  -7.007  1.00 4.60  ? 125  TYR X OH  1 
ATOM   523 N  N   . MET A 1 59 ? -2.791  4.073   -6.578  1.00 3.06  ? 126  MET X N   1 
ATOM   524 C  CA  A MET A 1 59 ? -3.827  4.521   -7.497  0.70 3.67  ? 126  MET X CA  1 
ATOM   525 C  CA  B MET A 1 59 ? -3.811  4.602   -7.495  0.30 3.91  ? 126  MET X CA  1 
ATOM   526 C  C   . MET A 1 59 ? -3.162  5.061   -8.786  1.00 3.46  ? 126  MET X C   1 
ATOM   527 O  O   . MET A 1 59 ? -3.635  4.764   -9.899  1.00 4.37  ? 126  MET X O   1 
ATOM   528 C  CB  A MET A 1 59 ? -4.695  5.565   -6.818  0.70 5.06  ? 126  MET X CB  1 
ATOM   529 C  CB  B MET A 1 59 ? -4.528  5.809   -6.899  0.30 4.91  ? 126  MET X CB  1 
ATOM   530 C  CG  A MET A 1 59 ? -5.823  6.141   -7.737  0.70 8.01  ? 126  MET X CG  1 
ATOM   531 C  CG  B MET A 1 59 ? -5.467  6.485   -7.908  0.30 5.75  ? 126  MET X CG  1 
ATOM   532 S  SD  A MET A 1 59 ? -6.510  7.785   -7.185  0.70 7.76  ? 126  MET X SD  1 
ATOM   533 S  SD  B MET A 1 59 ? -7.069  6.908   -7.189  0.30 15.14 ? 126  MET X SD  1 
ATOM   534 C  CE  A MET A 1 59 ? -7.589  7.110   -5.991  0.70 9.57  ? 126  MET X CE  1 
ATOM   535 C  CE  B MET A 1 59 ? -7.739  5.342   -6.773  0.30 5.72  ? 126  MET X CE  1 
ATOM   536 N  N   . THR A 1 60 ? -2.089  5.834   -8.671  1.00 3.28  ? 127  THR X N   1 
ATOM   537 C  CA  . THR A 1 60 ? -1.432  6.335   -9.857  1.00 3.53  ? 127  THR X CA  1 
ATOM   538 C  C   . THR A 1 60 ? -0.830  5.164   -10.658 1.00 3.61  ? 127  THR X C   1 
ATOM   539 O  O   . THR A 1 60 ? -1.006  5.080   -11.877 1.00 4.29  ? 127  THR X O   1 
ATOM   540 C  CB  . THR A 1 60 ? -0.353  7.364   -9.452  1.00 3.43  ? 127  THR X CB  1 
ATOM   541 O  OG1 . THR A 1 60 ? -1.057  8.474   -8.867  1.00 4.52  ? 127  THR X OG1 1 
ATOM   542 C  CG2 . THR A 1 60 ? 0.468   7.850   -10.649 1.00 4.35  ? 127  THR X CG2 1 
ATOM   543 N  N   . TYR A 1 61 ? -0.138  4.263   -9.959  1.00 3.18  ? 128  TYR X N   1 
ATOM   544 C  CA  . TYR A 1 61 ? 0.475   3.129   -10.623 1.00 3.77  ? 128  TYR X CA  1 
ATOM   545 C  C   . TYR A 1 61 ? -0.564  2.349   -11.451 1.00 4.22  ? 128  TYR X C   1 
ATOM   546 O  O   . TYR A 1 61 ? -0.333  2.012   -12.611 1.00 5.25  ? 128  TYR X O   1 
ATOM   547 C  CB  . TYR A 1 61 ? 1.129   2.217   -9.524  1.00 3.45  ? 128  TYR X CB  1 
ATOM   548 C  CG  . TYR A 1 61 ? 1.974   1.112   -10.066 1.00 4.20  ? 128  TYR X CG  1 
ATOM   549 C  CD1 . TYR A 1 61 ? 1.463   -0.130  -10.415 1.00 5.73  ? 128  TYR X CD1 1 
ATOM   550 C  CD2 . TYR A 1 61 ? 3.364   1.301   -10.240 1.00 5.28  ? 128  TYR X CD2 1 
ATOM   551 C  CE1 . TYR A 1 61 ? 2.322   -1.123  -10.970 1.00 7.04  ? 128  TYR X CE1 1 
ATOM   552 C  CE2 . TYR A 1 61 ? 4.176   0.313   -10.763 1.00 6.45  ? 128  TYR X CE2 1 
ATOM   553 C  CZ  . TYR A 1 61 ? 3.658   -0.876  -11.143 1.00 7.34  ? 128  TYR X CZ  1 
ATOM   554 O  OH  . TYR A 1 61 ? 4.487   -1.803  -11.712 1.00 10.38 ? 128  TYR X OH  1 
ATOM   555 N  N   . ARG A 1 62 ? -1.697  2.033   -10.819 1.00 4.37  ? 129  ARG X N   1 
ATOM   556 C  CA  A ARG A 1 62 ? -2.739  1.236   -11.464 0.50 4.94  ? 129  ARG X CA  1 
ATOM   557 C  CA  B ARG A 1 62 ? -2.693  1.220   -11.513 0.50 5.26  ? 129  ARG X CA  1 
ATOM   558 C  C   . ARG A 1 62 ? -3.559  1.999   -12.509 1.00 5.99  ? 129  ARG X C   1 
ATOM   559 O  O   . ARG A 1 62 ? -3.902  1.452   -13.577 1.00 7.78  ? 129  ARG X O   1 
ATOM   560 C  CB  A ARG A 1 62 ? -3.719  0.706   -10.398 0.50 5.10  ? 129  ARG X CB  1 
ATOM   561 C  CB  B ARG A 1 62 ? -3.620  0.514   -10.523 0.50 5.69  ? 129  ARG X CB  1 
ATOM   562 C  CG  A ARG A 1 62 ? -3.119  -0.341  -9.472  0.50 4.75  ? 129  ARG X CG  1 
ATOM   563 C  CG  B ARG A 1 62 ? -2.937  -0.496  -9.640  0.50 7.14  ? 129  ARG X CG  1 
ATOM   564 C  CD  A ARG A 1 62 ? -2.690  -1.662  -10.190 0.50 5.22  ? 129  ARG X CD  1 
ATOM   565 C  CD  B ARG A 1 62 ? -3.965  -1.448  -9.037  0.50 8.86  ? 129  ARG X CD  1 
ATOM   566 N  NE  A ARG A 1 62 ? -3.757  -2.352  -10.923 0.50 6.57  ? 129  ARG X NE  1 
ATOM   567 N  NE  B ARG A 1 62 ? -4.566  -2.273  -10.078 0.50 8.82  ? 129  ARG X NE  1 
ATOM   568 C  CZ  A ARG A 1 62 ? -4.453  -3.355  -10.419 0.50 7.11  ? 129  ARG X CZ  1 
ATOM   569 C  CZ  B ARG A 1 62 ? -4.175  -3.481  -10.486 0.50 8.65  ? 129  ARG X CZ  1 
ATOM   570 N  NH1 A ARG A 1 62 ? -4.096  -3.853  -9.256  0.50 7.61  ? 129  ARG X NH1 1 
ATOM   571 N  NH1 B ARG A 1 62 ? -3.177  -4.117  -9.913  0.50 11.30 ? 129  ARG X NH1 1 
ATOM   572 N  NH2 A ARG A 1 62 ? -5.440  -3.908  -11.122 0.50 8.49  ? 129  ARG X NH2 1 
ATOM   573 N  NH2 B ARG A 1 62 ? -4.829  -4.087  -11.477 0.50 10.65 ? 129  ARG X NH2 1 
ATOM   574 N  N   . ASP A 1 63 ? -3.934  3.236   -12.172 1.00 5.36  ? 130  ASP X N   1 
ATOM   575 C  CA  . ASP A 1 63 ? -5.057  3.925   -12.839 1.00 6.64  ? 130  ASP X CA  1 
ATOM   576 C  C   . ASP A 1 63 ? -4.696  5.213   -13.588 1.00 6.03  ? 130  ASP X C   1 
ATOM   577 O  O   . ASP A 1 63 ? -5.520  5.685   -14.353 1.00 9.19  ? 130  ASP X O   1 
ATOM   578 C  CB  . ASP A 1 63 ? -6.178  4.220   -11.808 1.00 7.06  ? 130  ASP X CB  1 
ATOM   579 C  CG  . ASP A 1 63 ? -6.776  2.944   -11.215 1.00 8.38  ? 130  ASP X CG  1 
ATOM   580 O  OD1 . ASP A 1 63 ? -6.993  1.989   -11.996 1.00 11.98 ? 130  ASP X OD1 1 
ATOM   581 O  OD2 . ASP A 1 63 ? -7.014  2.874   -9.994  1.00 12.20 ? 130  ASP X OD2 1 
ATOM   582 N  N   . TYR A 1 64 ? -3.489  5.755   -13.423 1.00 5.28  ? 131  TYR X N   1 
ATOM   583 C  CA  . TYR A 1 64 ? -3.107  6.890   -14.222 1.00 5.27  ? 131  TYR X CA  1 
ATOM   584 C  C   . TYR A 1 64 ? -2.904  6.475   -15.673 1.00 5.56  ? 131  TYR X C   1 
ATOM   585 O  O   . TYR A 1 64 ? -2.284  5.456   -15.925 1.00 7.47  ? 131  TYR X O   1 
ATOM   586 C  CB  . TYR A 1 64 ? -1.841  7.551   -13.664 1.00 5.13  ? 131  TYR X CB  1 
ATOM   587 C  CG  . TYR A 1 64 ? -1.334  8.710   -14.484 1.00 4.47  ? 131  TYR X CG  1 
ATOM   588 C  CD1 . TYR A 1 64 ? -1.924  9.965   -14.418 1.00 5.41  ? 131  TYR X CD1 1 
ATOM   589 C  CD2 . TYR A 1 64 ? -0.236  8.520   -15.337 1.00 6.16  ? 131  TYR X CD2 1 
ATOM   590 C  CE1 . TYR A 1 64 ? -1.384  11.004  -15.195 1.00 7.19  ? 131  TYR X CE1 1 
ATOM   591 C  CE2 . TYR A 1 64 ? 0.284   9.529   -16.095 1.00 7.21  ? 131  TYR X CE2 1 
ATOM   592 C  CZ  . TYR A 1 64 ? -0.283  10.762  -16.014 1.00 7.15  ? 131  TYR X CZ  1 
ATOM   593 O  OH  . TYR A 1 64 ? 0.280   11.810  -16.775 1.00 9.50  ? 131  TYR X OH  1 
ATOM   594 N  N   . VAL A 1 65 ? -3.394  7.269   -16.599 1.00 7.22  ? 132  VAL X N   1 
ATOM   595 C  CA  . VAL A 1 65 ? -3.171  7.006   -18.031 1.00 9.79  ? 132  VAL X CA  1 
ATOM   596 C  C   . VAL A 1 65 ? -1.924  7.715   -18.591 1.00 11.54 ? 132  VAL X C   1 
ATOM   597 O  O   . VAL A 1 65 ? -1.921  8.897   -18.672 1.00 12.00 ? 132  VAL X O   1 
ATOM   598 C  CB  . VAL A 1 65 ? -4.416  7.360   -18.834 1.00 10.70 ? 132  VAL X CB  1 
ATOM   599 C  CG1 . VAL A 1 65 ? -4.187  7.132   -20.300 1.00 13.14 ? 132  VAL X CG1 1 
ATOM   600 C  CG2 . VAL A 1 65 ? -5.557  6.544   -18.342 1.00 13.27 ? 132  VAL X CG2 1 
ATOM   601 O  OXT . VAL A 1 65 ? -0.881  7.140   -18.939 1.00 16.22 ? 132  VAL X OXT 1 
HETATM 602 C  C1  . PGE B 2 .  ? 0.712   11.835  -1.631  0.80 10.42 ? 1133 PGE X C1  1 
HETATM 603 O  O1  . PGE B 2 .  ? 1.241   10.894  -2.553  0.80 7.56  ? 1133 PGE X O1  1 
HETATM 604 C  C2  . PGE B 2 .  ? -0.439  11.661  -0.639  0.80 14.56 ? 1133 PGE X C2  1 
HETATM 605 O  O2  . PGE B 2 .  ? -0.275  11.730  0.810   0.80 17.09 ? 1133 PGE X O2  1 
HETATM 606 C  C3  . PGE B 2 .  ? 0.041   12.921  1.602   0.80 10.70 ? 1133 PGE X C3  1 
HETATM 607 C  C4  . PGE B 2 .  ? 0.717   12.720  3.013   0.80 13.44 ? 1133 PGE X C4  1 
HETATM 608 O  O4  . PGE B 2 .  ? -2.996  12.161  3.711   0.80 20.64 ? 1133 PGE X O4  1 
HETATM 609 C  C6  . PGE B 2 .  ? -2.396  12.305  4.972   0.80 6.29  ? 1133 PGE X C6  1 
HETATM 610 C  C5  . PGE B 2 .  ? -0.860  11.908  5.088   0.80 13.18 ? 1133 PGE X C5  1 
HETATM 611 O  O3  . PGE B 2 .  ? 0.091   11.806  3.995   0.80 10.06 ? 1133 PGE X O3  1 
HETATM 612 CL CL  . CL  C 3 .  ? 4.869   11.352  3.956   0.80 4.99  ? 1134 CL  X CL  1 
HETATM 613 CL CL  . CL  D 3 .  ? -2.739  -14.665 5.690   0.80 8.92  ? 1135 CL  X CL  1 
HETATM 614 O  O   . HOH E 4 .  ? -5.430  -10.406 4.735   1.00 9.02  ? 2001 HOH X O   1 
HETATM 615 O  O   . HOH E 4 .  ? -7.495  -14.733 5.534   1.00 18.59 ? 2002 HOH X O   1 
HETATM 616 O  O   . HOH E 4 .  ? 0.327   -14.472 11.635  1.00 17.43 ? 2003 HOH X O   1 
HETATM 617 O  O   . HOH E 4 .  ? 3.525   -11.113 8.113   1.00 10.73 ? 2004 HOH X O   1 
HETATM 618 O  O   . HOH E 4 .  ? 3.096   -16.311 9.169   1.00 53.59 ? 2005 HOH X O   1 
HETATM 619 O  O   . HOH E 4 .  ? -4.981  -12.056 -1.219  1.00 12.60 ? 2006 HOH X O   1 
HETATM 620 O  O   . HOH E 4 .  ? -2.499  -4.485  7.106   1.00 16.44 ? 2007 HOH X O   1 
HETATM 621 O  O   . HOH E 4 .  ? -10.192 -7.400  7.851   1.00 11.98 ? 2008 HOH X O   1 
HETATM 622 O  O   . HOH E 4 .  ? -8.409  -5.111  9.968   1.00 20.18 ? 2009 HOH X O   1 
HETATM 623 O  O   . HOH E 4 .  ? 0.143   1.141   11.342  1.00 7.26  ? 2010 HOH X O   1 
HETATM 624 O  O   . HOH E 4 .  ? 8.917   -1.364  6.810   1.00 10.79 ? 2011 HOH X O   1 
HETATM 625 O  O   . HOH E 4 .  ? 10.238  -8.049  11.419  1.00 20.57 ? 2012 HOH X O   1 
HETATM 626 O  O   . HOH E 4 .  ? 12.639  -5.169  9.904   1.00 8.58  ? 2013 HOH X O   1 
HETATM 627 O  O   . HOH E 4 .  ? 10.047  -3.406  11.348  1.00 14.24 ? 2014 HOH X O   1 
HETATM 628 O  O   . HOH E 4 .  ? 3.236   -7.827  0.047   1.00 21.95 ? 2015 HOH X O   1 
HETATM 629 O  O   . HOH E 4 .  ? 8.043   3.887   7.913   1.00 9.47  ? 2016 HOH X O   1 
HETATM 630 O  O   . HOH E 4 .  ? 3.508   3.290   10.566  1.00 17.33 ? 2017 HOH X O   1 
HETATM 631 O  O   . HOH E 4 .  ? 12.457  2.042   3.407   1.00 6.30  ? 2018 HOH X O   1 
HETATM 632 O  O   . HOH E 4 .  ? 12.429  9.312   4.524   1.00 18.65 ? 2019 HOH X O   1 
HETATM 633 O  O   . HOH E 4 .  ? 13.602  7.301   6.298   1.00 23.03 ? 2020 HOH X O   1 
HETATM 634 O  O   . HOH E 4 .  ? 14.599  8.041   0.764   1.00 9.69  ? 2021 HOH X O   1 
HETATM 635 O  O   . HOH E 4 .  ? 17.078  4.467   -0.987  1.00 7.74  ? 2022 HOH X O   1 
HETATM 636 O  O   . HOH E 4 .  ? 6.170   7.201   -2.029  1.00 6.78  ? 2023 HOH X O   1 
HETATM 637 O  O   . HOH E 4 .  ? 13.144  9.305   -2.341  1.00 8.91  ? 2024 HOH X O   1 
HETATM 638 O  O   . HOH E 4 .  ? 9.381   4.366   -6.934  1.00 5.91  ? 2025 HOH X O   1 
HETATM 639 O  O   . HOH E 4 .  ? 13.002  1.961   -6.895  1.00 13.51 ? 2026 HOH X O   1 
HETATM 640 O  O   . HOH E 4 .  ? 17.022  0.927   1.501   1.00 6.06  ? 2027 HOH X O   1 
HETATM 641 O  O   . HOH E 4 .  ? 10.047  4.886   -9.567  1.00 8.79  ? 2028 HOH X O   1 
HETATM 642 O  O   . HOH E 4 .  ? 8.834   -4.972  -3.392  1.00 32.57 ? 2029 HOH X O   1 
HETATM 643 O  O   . HOH E 4 .  ? 11.726  -1.382  -9.382  1.00 11.26 ? 2030 HOH X O   1 
HETATM 644 O  O   . HOH E 4 .  ? 14.849  -0.433  -4.050  1.00 6.61  ? 2031 HOH X O   1 
HETATM 645 O  O   . HOH E 4 .  ? 4.004   6.165   -3.410  1.00 6.15  ? 2032 HOH X O   1 
HETATM 646 O  O   . HOH E 4 .  ? 3.159   -11.404 10.901  1.00 24.42 ? 2033 HOH X O   1 
HETATM 647 O  O   . HOH E 4 .  ? 3.982   -6.116  -11.804 1.00 16.32 ? 2034 HOH X O   1 
HETATM 648 O  O   . HOH E 4 .  ? 7.313   -8.187  -12.176 1.00 13.40 ? 2035 HOH X O   1 
HETATM 649 O  O   . HOH E 4 .  ? 6.651   -3.540  -14.511 1.00 66.54 ? 2036 HOH X O   1 
HETATM 650 O  O   . HOH E 4 .  ? 4.594   -10.447 -6.449  1.00 16.77 ? 2037 HOH X O   1 
HETATM 651 O  O   . HOH E 4 .  ? 14.713  5.059   6.725   1.00 18.94 ? 2038 HOH X O   1 
HETATM 652 O  O   . HOH E 4 .  ? -3.210  -7.267  -10.831 1.00 16.74 ? 2039 HOH X O   1 
HETATM 653 O  O   . HOH E 4 .  ? 1.225   -12.717 -11.099 1.00 14.49 ? 2040 HOH X O   1 
HETATM 654 O  O   . HOH E 4 .  ? 6.477   -9.623  -8.310  1.00 15.93 ? 2041 HOH X O   1 
HETATM 655 O  O   . HOH E 4 .  ? -4.967  -10.959 -4.315  1.00 15.63 ? 2042 HOH X O   1 
HETATM 656 O  O   . HOH E 4 .  ? 1.460   -10.739 0.183   1.00 16.13 ? 2043 HOH X O   1 
HETATM 657 O  O   . HOH E 4 .  ? -5.699  -6.768  -9.467  1.00 16.33 ? 2044 HOH X O   1 
HETATM 658 O  O   . HOH E 4 .  ? -7.308  -1.538  -8.707  1.00 5.56  ? 2045 HOH X O   1 
HETATM 659 O  O   . HOH E 4 .  ? -10.122 1.629   -0.471  1.00 13.18 ? 2046 HOH X O   1 
HETATM 660 O  O   . HOH E 4 .  ? -10.703 -0.672  -6.754  1.00 16.31 ? 2047 HOH X O   1 
HETATM 661 O  O   . HOH E 4 .  ? -11.554 -2.171  1.503   1.00 16.44 ? 2048 HOH X O   1 
HETATM 662 O  O   . HOH E 4 .  ? -15.312 -1.060  -3.812  1.00 67.10 ? 2049 HOH X O   1 
HETATM 663 O  O   . HOH E 4 .  ? -9.173  -6.026  2.055   1.00 84.48 ? 2050 HOH X O   1 
HETATM 664 O  O   . HOH E 4 .  ? -11.841 1.731   1.649   1.00 25.21 ? 2051 HOH X O   1 
HETATM 665 O  O   . HOH E 4 .  ? -11.560 3.330   3.636   1.00 22.33 ? 2052 HOH X O   1 
HETATM 666 O  O   . HOH E 4 .  ? -10.657 -0.837  3.994   1.00 24.22 ? 2053 HOH X O   1 
HETATM 667 O  O   . HOH E 4 .  ? -8.795  17.868  16.984  1.00 3.91  ? 2054 HOH X O   1 
HETATM 668 O  O   . HOH E 4 .  ? -4.659  -2.709  8.265   1.00 14.56 ? 2055 HOH X O   1 
HETATM 669 O  O   . HOH E 4 .  ? -7.835  -8.879  4.709   1.00 19.92 ? 2056 HOH X O   1 
HETATM 670 O  O   . HOH E 4 .  ? -3.937  5.192   6.219   1.00 4.80  ? 2057 HOH X O   1 
HETATM 671 O  O   . HOH E 4 .  ? -10.545 -3.849  10.856  1.00 17.92 ? 2058 HOH X O   1 
HETATM 672 O  O   . HOH E 4 .  ? -7.216  4.774   9.187   1.00 7.42  ? 2059 HOH X O   1 
HETATM 673 O  O   . HOH E 4 .  ? -0.421  5.577   13.953  1.00 23.80 ? 2060 HOH X O   1 
HETATM 674 O  O   . HOH E 4 .  ? -6.449  8.781   16.799  1.00 5.75  ? 2061 HOH X O   1 
HETATM 675 O  O   . HOH E 4 .  ? 1.306   8.250   17.971  1.00 21.05 ? 2062 HOH X O   1 
HETATM 676 O  O   . HOH E 4 .  ? -3.291  8.763   19.782  1.00 7.06  ? 2063 HOH X O   1 
HETATM 677 O  O   . HOH E 4 .  ? 0.898   7.110   13.610  1.00 9.29  ? 2064 HOH X O   1 
HETATM 678 O  O   . HOH E 4 .  ? -10.474 16.424  14.890  1.00 21.32 ? 2065 HOH X O   1 
HETATM 679 O  O   . HOH E 4 .  ? -1.912  11.708  7.786   1.00 7.96  ? 2066 HOH X O   1 
HETATM 680 O  O   . HOH E 4 .  ? -8.160  12.236  14.824  1.00 7.79  ? 2067 HOH X O   1 
HETATM 681 O  O   . HOH E 4 .  ? -6.159  6.557   7.223   1.00 7.13  ? 2068 HOH X O   1 
HETATM 682 O  O   . HOH E 4 .  ? 0.875   9.262   3.777   1.00 4.73  ? 2069 HOH X O   1 
HETATM 683 O  O   . HOH E 4 .  ? 1.880   9.821   7.462   1.00 4.72  ? 2070 HOH X O   1 
HETATM 684 O  O   . HOH E 4 .  ? 3.776   9.100   9.406   1.00 9.07  ? 2071 HOH X O   1 
HETATM 685 O  O   . HOH E 4 .  ? 4.868   5.823   12.748  1.00 11.36 ? 2072 HOH X O   1 
HETATM 686 O  O   . HOH E 4 .  ? 4.536   8.763   13.862  1.00 21.56 ? 2073 HOH X O   1 
HETATM 687 O  O   . HOH E 4 .  ? -4.865  13.096  2.202   1.00 12.25 ? 2074 HOH X O   1 
HETATM 688 O  O   . HOH E 4 .  ? -7.243  11.170  4.502   1.00 11.17 ? 2075 HOH X O   1 
HETATM 689 O  O   . HOH E 4 .  ? 3.144   8.676   -4.188  1.00 7.18  ? 2076 HOH X O   1 
HETATM 690 O  O   . HOH E 4 .  ? 2.992   11.187  3.375   1.00 23.06 ? 2077 HOH X O   1 
HETATM 691 O  O   . HOH E 4 .  ? -10.692 3.207   -2.525  1.00 8.26  ? 2078 HOH X O   1 
HETATM 692 O  O   . HOH E 4 .  ? -4.850  11.902  -0.298  1.00 11.74 ? 2079 HOH X O   1 
HETATM 693 O  O   . HOH E 4 .  ? -0.409  3.889   -14.761 1.00 8.39  ? 2080 HOH X O   1 
HETATM 694 O  O   . HOH E 4 .  ? 0.305   10.429  -7.446  1.00 7.41  ? 2081 HOH X O   1 
HETATM 695 O  O   . HOH E 4 .  ? 3.359   -3.824  -12.987 1.00 11.10 ? 2082 HOH X O   1 
HETATM 696 O  O   . HOH E 4 .  ? -3.855  2.930   -16.053 1.00 22.74 ? 2083 HOH X O   1 
HETATM 697 O  O   . HOH E 4 .  ? -7.056  -0.651  -11.560 1.00 14.25 ? 2084 HOH X O   1 
HETATM 698 O  O   . HOH E 4 .  ? -8.260  5.374   -14.498 1.00 9.27  ? 2085 HOH X O   1 
HETATM 699 O  O   . HOH E 4 .  ? -8.513  2.585   -14.327 1.00 13.97 ? 2086 HOH X O   1 
HETATM 700 O  O   . HOH E 4 .  ? -1.371  13.622  -17.083 1.00 12.28 ? 2087 HOH X O   1 
HETATM 701 O  O   . HOH E 4 .  ? 0.125   9.896   -20.470 1.00 14.95 ? 2088 HOH X O   1 
HETATM 702 O  O   . HOH E 4 .  ? -0.151  4.895   -19.116 1.00 29.90 ? 2089 HOH X O   1 
HETATM 703 O  O   . HOH E 4 .  ? 3.755   12.390  -2.904  1.00 10.46 ? 2090 HOH X O   1 
HETATM 704 O  O   . HOH E 4 .  ? 2.421   11.958  5.793   1.00 8.34  ? 2091 HOH X O   1 
# 
loop_
_atom_site_anisotrop.id 
_atom_site_anisotrop.type_symbol 
_atom_site_anisotrop.pdbx_label_atom_id 
_atom_site_anisotrop.pdbx_label_alt_id 
_atom_site_anisotrop.pdbx_label_comp_id 
_atom_site_anisotrop.pdbx_label_asym_id 
_atom_site_anisotrop.pdbx_label_seq_id 
_atom_site_anisotrop.pdbx_PDB_ins_code 
_atom_site_anisotrop.U[1][1] 
_atom_site_anisotrop.U[2][2] 
_atom_site_anisotrop.U[3][3] 
_atom_site_anisotrop.U[1][2] 
_atom_site_anisotrop.U[1][3] 
_atom_site_anisotrop.U[2][3] 
_atom_site_anisotrop.pdbx_auth_seq_id 
_atom_site_anisotrop.pdbx_auth_comp_id 
_atom_site_anisotrop.pdbx_auth_asym_id 
_atom_site_anisotrop.pdbx_auth_atom_id 
1   N  N   . GLY A 1  ? 0.1150 0.0959 0.1566 -0.0360 -0.0107 -0.0006 68   GLY X N   
2   C  CA  . GLY A 1  ? 0.1080 0.0915 0.1382 -0.0300 0.0053  -0.0009 68   GLY X CA  
3   C  C   . GLY A 1  ? 0.1034 0.0608 0.1093 -0.0331 0.0171  0.0067  68   GLY X C   
4   O  O   . GLY A 1  ? 0.0914 0.0737 0.0974 -0.0289 -0.0065 0.0088  68   GLY X O   
5   N  N   . PRO A 2  ? 0.1276 0.0579 0.1034 -0.0294 0.0016  -0.0045 69   PRO X N   
6   C  CA  . PRO A 2  ? 0.1334 0.0621 0.0733 -0.0180 0.0098  0.0162  69   PRO X CA  
7   C  C   . PRO A 2  ? 0.1272 0.0632 0.0645 -0.0136 0.0000  0.0146  69   PRO X C   
8   O  O   . PRO A 2  ? 0.1332 0.0606 0.0836 -0.0301 0.0003  0.0093  69   PRO X O   
9   C  CB  . PRO A 2  ? 0.1506 0.0907 0.0810 -0.0120 0.0170  0.0177  69   PRO X CB  
10  C  CG  . PRO A 2  ? 0.1515 0.0961 0.1008 -0.0205 0.0173  0.0294  69   PRO X CG  
11  C  CD  . PRO A 2  ? 0.1361 0.0904 0.1193 -0.0262 0.0369  0.0297  69   PRO X CD  
12  N  N   . THR A 3  ? 0.1012 0.0506 0.0767 -0.0188 0.0003  0.0138  70   THR X N   
13  C  CA  . THR A 3  ? 0.0891 0.0524 0.0877 -0.0103 -0.0103 0.0134  70   THR X CA  
14  C  C   . THR A 3  ? 0.0822 0.0458 0.0714 -0.0121 -0.0050 0.0037  70   THR X C   
15  O  O   . THR A 3  ? 0.0741 0.0543 0.0865 -0.0186 -0.0046 0.0047  70   THR X O   
16  C  CB  . THR A 3  ? 0.1035 0.0590 0.1135 -0.0014 -0.0092 0.0072  70   THR X CB  
17  O  OG1 . THR A 3  ? 0.1672 0.0778 0.1335 0.0023  -0.0019 0.0346  70   THR X OG1 
18  C  CG2 . THR A 3  ? 0.1038 0.0648 0.1255 0.0054  -0.0101 0.0029  70   THR X CG2 
19  N  N   . GLU A 4  ? 0.0731 0.0471 0.0674 -0.0140 0.0017  0.0027  71   GLU X N   
20  C  CA  . GLU A 4  ? 0.0663 0.0439 0.0806 -0.0080 0.0038  -0.0014 71   GLU X CA  
21  C  C   . GLU A 4  ? 0.0575 0.0440 0.0816 -0.0111 -0.0003 0.0089  71   GLU X C   
22  O  O   . GLU A 4  ? 0.0605 0.0486 0.0847 -0.0127 0.0002  0.0044  71   GLU X O   
23  C  CB  . GLU A 4  ? 0.0650 0.0465 0.0713 -0.0100 0.0067  -0.0043 71   GLU X CB  
24  C  CG  . GLU A 4  ? 0.0786 0.0723 0.0687 -0.0002 0.0004  -0.0123 71   GLU X CG  
25  C  CD  . GLU A 4  ? 0.0836 0.0819 0.0815 -0.0072 -0.0019 -0.0012 71   GLU X CD  
26  O  OE1 . GLU A 4  ? 0.0874 0.2326 0.0951 -0.0199 -0.0056 -0.0232 71   GLU X OE1 
27  O  OE2 . GLU A 4  ? 0.1307 0.0953 0.0791 -0.0453 0.0020  -0.0146 71   GLU X OE2 
28  N  N   . LYS A 5  ? 0.0714 0.0392 0.0853 -0.0154 0.0161  -0.0010 72   LYS X N   
29  C  CA  . LYS A 5  ? 0.0828 0.0447 0.0914 -0.0126 0.0232  0.0015  72   LYS X CA  
30  C  C   . LYS A 5  ? 0.0940 0.0543 0.0821 -0.0188 0.0301  -0.0037 72   LYS X C   
31  O  O   . LYS A 5  ? 0.1070 0.0482 0.1094 -0.0226 0.0246  -0.0070 72   LYS X O   
32  C  CB  . LYS A 5  ? 0.1065 0.0558 0.0962 -0.0025 0.0269  0.0011  72   LYS X CB  
33  C  CG  . LYS A 5  ? 0.0831 0.0959 0.1141 -0.0024 0.0267  0.0030  72   LYS X CG  
34  C  CD  . LYS A 5  ? 0.1090 0.1427 0.1632 0.0190  0.0305  0.0000  72   LYS X CD  
35  C  CE  . LYS A 5  ? 0.1456 0.1847 0.2299 -0.0103 0.0513  0.0089  72   LYS X CE  
36  N  NZ  . LYS A 5  ? 0.1630 0.2126 0.2235 -0.0135 0.0630  0.0146  72   LYS X NZ  
37  N  N   . ALA A 6  ? 0.1000 0.0512 0.0779 -0.0284 0.0126  -0.0039 73   ALA X N   
38  C  CA  . ALA A 6  ? 0.1101 0.0563 0.0770 -0.0337 0.0054  0.0007  73   ALA X CA  
39  C  C   . ALA A 6  ? 0.1005 0.0489 0.0745 -0.0188 -0.0012 -0.0021 73   ALA X C   
40  O  O   . ALA A 6  ? 0.0918 0.0469 0.0869 -0.0333 -0.0050 -0.0013 73   ALA X O   
41  C  CB  . ALA A 6  ? 0.1290 0.0865 0.0812 -0.0439 -0.0150 0.0051  73   ALA X CB  
42  N  N   . ALA A 7  ? 0.0772 0.0377 0.0965 -0.0162 0.0136  -0.0019 74   ALA X N   
43  C  CA  . ALA A 7  ? 0.0771 0.0495 0.1074 0.0004  0.0165  -0.0097 74   ALA X CA  
44  C  C   . ALA A 7  ? 0.0571 0.0551 0.0844 -0.0166 0.0173  -0.0231 74   ALA X C   
45  O  O   . ALA A 7  ? 0.0585 0.0621 0.0832 -0.0212 0.0160  -0.0146 74   ALA X O   
46  C  CB  . ALA A 7  ? 0.1462 0.0471 0.1505 0.0025  0.0408  -0.0215 74   ALA X CB  
47  N  N   . VAL A 8  ? 0.0641 0.0506 0.0571 -0.0214 0.0156  -0.0143 75   VAL X N   
48  C  CA  . VAL A 8  ? 0.0663 0.0693 0.0549 -0.0355 0.0016  -0.0060 75   VAL X CA  
49  C  C   . VAL A 8  ? 0.0442 0.0544 0.0457 -0.0172 -0.0023 0.0032  75   VAL X C   
50  O  O   . VAL A 8  ? 0.0593 0.0565 0.0462 -0.0232 -0.0090 0.0033  75   VAL X O   
51  C  CB  . VAL A 8  ? 0.0878 0.0919 0.0608 -0.0542 -0.0193 0.0112  75   VAL X CB  
52  C  CG1 . VAL A 8  ? 0.1070 0.1418 0.1020 -0.0620 -0.0542 0.0479  75   VAL X CG1 
53  C  CG2 . VAL A 8  ? 0.1420 0.1211 0.0638 -0.0849 -0.0108 -0.0144 75   VAL X CG2 
54  N  N   . LYS A 9  ? 0.0480 0.0453 0.0501 -0.0143 0.0002  0.0005  76   LYS X N   
55  C  CA  . LYS A 9  ? 0.0490 0.0417 0.0549 -0.0056 -0.0005 0.0001  76   LYS X CA  
56  C  C   . LYS A 9  ? 0.0543 0.0361 0.0419 -0.0091 0.0000  -0.0014 76   LYS X C   
57  O  O   . LYS A 9  ? 0.0613 0.0382 0.0606 -0.0131 0.0038  0.0009  76   LYS X O   
58  C  CB  . LYS A 9  ? 0.0575 0.0492 0.0609 -0.0048 0.0098  -0.0114 76   LYS X CB  
59  C  CG  . LYS A 9  ? 0.0691 0.0720 0.0861 -0.0098 0.0026  -0.0249 76   LYS X CG  
60  C  CD  . LYS A 9  ? 0.1010 0.0678 0.0668 0.0035  0.0031  -0.0157 76   LYS X CD  
61  C  CE  . LYS A 9  ? 0.0945 0.0602 0.0795 0.0052  -0.0006 -0.0082 76   LYS X CE  
62  N  NZ  . LYS A 9  ? 0.1474 0.1244 0.0984 0.0479  0.0294  -0.0011 76   LYS X NZ  
63  N  N   . LYS A 10 ? 0.0533 0.0337 0.0432 -0.0107 -0.0026 -0.0013 77   LYS X N   
64  C  CA  A LYS A 10 ? 0.0557 0.0407 0.0534 -0.0078 -0.0117 0.0046  77   LYS X CA  
65  C  CA  B LYS A 10 ? 0.0527 0.0338 0.0536 -0.0095 -0.0042 0.0055  77   LYS X CA  
66  C  C   . LYS A 10 ? 0.0403 0.0380 0.0539 -0.0014 -0.0032 0.0024  77   LYS X C   
67  O  O   . LYS A 10 ? 0.0496 0.0431 0.0551 -0.0093 -0.0092 0.0047  77   LYS X O   
68  C  CB  A LYS A 10 ? 0.0690 0.0573 0.0570 0.0007  -0.0159 0.0011  77   LYS X CB  
69  C  CB  B LYS A 10 ? 0.0646 0.0501 0.0596 -0.0075 -0.0039 0.0101  77   LYS X CB  
70  C  CG  A LYS A 10 ? 0.0808 0.1129 0.0718 0.0000  -0.0231 0.0081  77   LYS X CG  
71  C  CG  B LYS A 10 ? 0.0780 0.0779 0.0476 -0.0145 0.0192  0.0218  77   LYS X CG  
72  C  CD  A LYS A 10 ? 0.1225 0.1459 0.0814 0.0158  -0.0208 -0.0097 77   LYS X CD  
73  C  CD  B LYS A 10 ? 0.0704 0.0975 0.0711 -0.0256 -0.0032 0.0145  77   LYS X CD  
74  C  CE  A LYS A 10 ? 0.1275 0.1690 0.0736 0.0229  -0.0186 -0.0459 77   LYS X CE  
75  C  CE  B LYS A 10 ? 0.0820 0.1289 0.0830 -0.0168 -0.0268 0.0283  77   LYS X CE  
76  N  NZ  A LYS A 10 ? 0.1695 0.1502 0.1122 -0.0012 -0.0021 -0.0188 77   LYS X NZ  
77  N  NZ  B LYS A 10 ? 0.0819 0.1641 0.1124 -0.0249 -0.0256 -0.0032 77   LYS X NZ  
78  N  N   . MET A 11 ? 0.0487 0.0391 0.0447 -0.0070 -0.0018 0.0011  78   MET X N   
79  C  CA  A MET A 11 ? 0.0516 0.0558 0.0556 -0.0140 -0.0005 -0.0052 78   MET X CA  
80  C  CA  B MET A 11 ? 0.0395 0.0596 0.0464 -0.0164 0.0072  -0.0123 78   MET X CA  
81  C  C   . MET A 11 ? 0.0512 0.0437 0.0413 -0.0190 -0.0040 -0.0021 78   MET X C   
82  O  O   . MET A 11 ? 0.0571 0.0583 0.0543 -0.0145 0.0038  0.0057  78   MET X O   
83  C  CB  A MET A 11 ? 0.0610 0.0601 0.0540 -0.0137 -0.0060 -0.0012 78   MET X CB  
84  C  CB  B MET A 11 ? 0.0604 0.0567 0.0456 -0.0066 0.0049  -0.0074 78   MET X CB  
85  C  CG  A MET A 11 ? 0.0815 0.0614 0.0956 -0.0062 -0.0068 -0.0102 78   MET X CG  
86  C  CG  B MET A 11 ? 0.0702 0.0630 0.0559 0.0149  0.0154  -0.0181 78   MET X CG  
87  S  SD  A MET A 11 ? 0.1171 0.1391 0.1562 0.0259  0.0302  -0.0166 78   MET X SD  
88  S  SD  B MET A 11 ? 0.0890 0.0680 0.0830 0.0152  -0.0187 -0.0285 78   MET X SD  
89  C  CE  A MET A 11 ? 0.1233 0.1194 0.1699 -0.0304 0.0192  -0.0067 78   MET X CE  
90  C  CE  B MET A 11 ? 0.1858 0.1297 0.1370 0.0199  0.0039  0.0542  78   MET X CE  
91  N  N   . ALA A 12 ? 0.0406 0.0470 0.0497 -0.0160 -0.0028 0.0040  79   ALA X N   
92  C  CA  . ALA A 12 ? 0.0441 0.0449 0.0490 -0.0104 -0.0096 0.0164  79   ALA X CA  
93  C  C   . ALA A 12 ? 0.0290 0.0341 0.0534 -0.0041 -0.0069 0.0099  79   ALA X C   
94  O  O   . ALA A 12 ? 0.0403 0.0351 0.0615 -0.0063 -0.0092 0.0119  79   ALA X O   
95  C  CB  . ALA A 12 ? 0.0408 0.0539 0.0711 -0.0110 -0.0172 0.0139  79   ALA X CB  
96  N  N   . LYS A 13 ? 0.0412 0.0378 0.0524 -0.0055 -0.0102 0.0127  80   LYS X N   
97  C  CA  . LYS A 13 ? 0.0378 0.0400 0.0480 0.0018  -0.0014 0.0084  80   LYS X CA  
98  C  C   . LYS A 13 ? 0.0340 0.0356 0.0530 -0.0037 -0.0127 0.0079  80   LYS X C   
99  O  O   . LYS A 13 ? 0.0450 0.0382 0.0615 -0.0032 -0.0106 -0.0020 80   LYS X O   
100 C  CB  . LYS A 13 ? 0.0626 0.0462 0.0470 -0.0012 -0.0028 0.0060  80   LYS X CB  
101 C  CG  . LYS A 13 ? 0.0932 0.0676 0.0670 -0.0011 0.0151  0.0006  80   LYS X CG  
102 C  CD  . LYS A 13 ? 0.1233 0.1190 0.0610 0.0034  0.0245  0.0003  80   LYS X CD  
103 C  CE  . LYS A 13 ? 0.1229 0.1833 0.1107 -0.0007 -0.0103 0.0134  80   LYS X CE  
104 N  NZ  . LYS A 13 ? 0.1652 0.2758 0.0854 0.0197  -0.0353 -0.0180 80   LYS X NZ  
105 N  N   . ALA A 14 ? 0.0335 0.0295 0.0594 -0.0033 -0.0040 0.0081  81   ALA X N   
106 C  CA  . ALA A 14 ? 0.0387 0.0302 0.0510 0.0029  -0.0033 0.0094  81   ALA X CA  
107 C  C   . ALA A 14 ? 0.0329 0.0378 0.0457 -0.0004 -0.0014 0.0061  81   ALA X C   
108 O  O   . ALA A 14 ? 0.0281 0.0400 0.0694 0.0019  -0.0015 0.0096  81   ALA X O   
109 C  CB  . ALA A 14 ? 0.0611 0.0487 0.0841 0.0094  0.0155  0.0054  81   ALA X CB  
110 N  N   . ILE A 15 ? 0.0339 0.0307 0.0443 0.0019  -0.0007 0.0057  82   ILE X N   
111 C  CA  . ILE A 15 ? 0.0320 0.0392 0.0410 0.0052  0.0001  0.0068  82   ILE X CA  
112 C  C   . ILE A 15 ? 0.0275 0.0371 0.0399 0.0010  -0.0038 0.0078  82   ILE X C   
113 O  O   . ILE A 15 ? 0.0302 0.0354 0.0477 0.0001  -0.0011 0.0086  82   ILE X O   
114 C  CB  . ILE A 15 ? 0.0386 0.0431 0.0344 0.0021  -0.0063 -0.0010 82   ILE X CB  
115 C  CG1 . ILE A 15 ? 0.0510 0.0503 0.0430 -0.0041 -0.0016 -0.0029 82   ILE X CG1 
116 C  CG2 . ILE A 15 ? 0.0819 0.0524 0.0540 -0.0030 -0.0237 0.0070  82   ILE X CG2 
117 C  CD1 . ILE A 15 ? 0.0639 0.0597 0.0571 -0.0092 -0.0048 -0.0055 82   ILE X CD1 
118 N  N   . MET A 16 ? 0.0318 0.0301 0.0452 0.0012  -0.0073 0.0020  83   MET X N   
119 C  CA  . MET A 16 ? 0.0280 0.0262 0.0428 0.0008  -0.0069 -0.0023 83   MET X CA  
120 C  C   . MET A 16 ? 0.0367 0.0377 0.0451 -0.0021 -0.0072 -0.0024 83   MET X C   
121 O  O   . MET A 16 ? 0.0349 0.0342 0.0494 -0.0045 -0.0130 0.0021  83   MET X O   
122 C  CB  . MET A 16 ? 0.0339 0.0392 0.0376 -0.0008 -0.0087 0.0011  83   MET X CB  
123 C  CG  . MET A 16 ? 0.0369 0.0302 0.0454 -0.0034 0.0004  -0.0003 83   MET X CG  
124 S  SD  . MET A 16 ? 0.0295 0.0405 0.0581 0.0014  -0.0044 -0.0030 83   MET X SD  
125 C  CE  . MET A 16 ? 0.0466 0.0409 0.0909 0.0056  -0.0002 -0.0201 83   MET X CE  
126 N  N   . ALA A 17 ? 0.0347 0.0406 0.0576 0.0005  -0.0173 -0.0036 84   ALA X N   
127 C  CA  . ALA A 17 ? 0.0381 0.0370 0.0655 0.0062  -0.0185 -0.0030 84   ALA X CA  
128 C  C   . ALA A 17 ? 0.0413 0.0499 0.0626 -0.0030 -0.0132 0.0024  84   ALA X C   
129 O  O   . ALA A 17 ? 0.0666 0.1253 0.0796 -0.0474 -0.0101 -0.0104 84   ALA X O   
130 C  CB  . ALA A 17 ? 0.0459 0.0703 0.0705 0.0136  -0.0212 0.0085  84   ALA X CB  
131 N  N   . ASP A 18 ? 0.0361 0.0478 0.0633 -0.0006 0.0012  0.0048  85   ASP X N   
132 C  CA  . ASP A 18 ? 0.0391 0.0404 0.0670 -0.0104 -0.0003 -0.0003 85   ASP X CA  
133 C  C   . ASP A 18 ? 0.0329 0.0327 0.0646 -0.0044 0.0065  -0.0004 85   ASP X C   
134 O  O   . ASP A 18 ? 0.0338 0.0514 0.0638 0.0041  0.0037  0.0066  85   ASP X O   
135 C  CB  . ASP A 18 ? 0.0338 0.0483 0.0800 0.0031  -0.0024 0.0050  85   ASP X CB  
136 C  CG  . ASP A 18 ? 0.0275 0.0613 0.1176 0.0018  0.0100  0.0073  85   ASP X CG  
137 O  OD1 . ASP A 18 ? 0.0464 0.0579 0.0897 0.0059  0.0138  0.0091  85   ASP X OD1 
138 O  OD2 . ASP A 18 ? 0.0330 0.0583 0.1458 0.0075  0.0188  0.0008  85   ASP X OD2 
139 N  N   . PRO A 19 ? 0.0273 0.0446 0.0536 0.0045  0.0024  -0.0049 86   PRO X N   
140 C  CA  . PRO A 19 ? 0.0286 0.0437 0.0722 0.0012  0.0013  -0.0018 86   PRO X CA  
141 C  C   . PRO A 19 ? 0.0511 0.0354 0.0644 0.0018  -0.0214 -0.0019 86   PRO X C   
142 O  O   . PRO A 19 ? 0.0859 0.0479 0.0780 0.0006  -0.0286 0.0001  86   PRO X O   
143 C  CB  . PRO A 19 ? 0.0398 0.0497 0.0762 0.0186  -0.0045 -0.0011 86   PRO X CB  
144 C  CG  . PRO A 19 ? 0.0514 0.0358 0.0918 0.0046  -0.0032 -0.0078 86   PRO X CG  
145 C  CD  . PRO A 19 ? 0.0468 0.0398 0.0656 -0.0003 -0.0031 -0.0110 86   PRO X CD  
146 N  N   . SER A 20 ? 0.0503 0.0523 0.0555 0.0048  0.0060  -0.0035 87   SER X N   
147 C  CA  . SER A 20 ? 0.0804 0.0603 0.0638 0.0197  0.0066  -0.0060 87   SER X CA  
148 C  C   . SER A 20 ? 0.0598 0.0625 0.0680 0.0252  0.0036  -0.0089 87   SER X C   
149 O  O   . SER A 20 ? 0.0916 0.0684 0.0784 0.0329  0.0018  -0.0249 87   SER X O   
150 C  CB  . SER A 20 ? 0.0793 0.0784 0.0924 -0.0015 0.0268  -0.0087 87   SER X CB  
151 O  OG  . SER A 20 ? 0.0604 0.0913 0.1187 0.0096  0.0275  -0.0250 87   SER X OG  
152 N  N   . LYS A 21 ? 0.0526 0.0530 0.0555 0.0211  -0.0087 -0.0026 88   LYS X N   
153 C  CA  . LYS A 21 ? 0.0582 0.0601 0.0630 0.0251  -0.0164 -0.0040 88   LYS X CA  
154 C  C   . LYS A 21 ? 0.0640 0.0422 0.0589 0.0192  -0.0143 0.0072  88   LYS X C   
155 O  O   . LYS A 21 ? 0.0868 0.0614 0.0689 0.0204  -0.0290 0.0027  88   LYS X O   
156 C  CB  . LYS A 21 ? 0.0646 0.0490 0.0750 0.0219  -0.0155 0.0128  88   LYS X CB  
157 C  CG  . LYS A 21 ? 0.0499 0.0647 0.0774 0.0011  -0.0116 0.0175  88   LYS X CG  
158 C  CD  . LYS A 21 ? 0.0587 0.0681 0.0823 0.0122  -0.0064 0.0181  88   LYS X CD  
159 C  CE  . LYS A 21 ? 0.0616 0.0691 0.0936 0.0075  -0.0065 0.0067  88   LYS X CE  
160 N  NZ  . LYS A 21 ? 0.0584 0.0687 0.1094 0.0238  -0.0073 0.0120  88   LYS X NZ  
161 N  N   . ALA A 22 ? 0.0529 0.0472 0.0512 0.0097  -0.0042 0.0084  89   ALA X N   
162 C  CA  . ALA A 22 ? 0.0533 0.0560 0.0399 0.0097  0.0013  0.0134  89   ALA X CA  
163 C  C   . ALA A 22 ? 0.0447 0.0382 0.0527 0.0043  0.0037  0.0130  89   ALA X C   
164 O  O   . ALA A 22 ? 0.0492 0.0460 0.0616 0.0088  0.0072  0.0066  89   ALA X O   
165 C  CB  . ALA A 22 ? 0.0510 0.0649 0.0613 0.0229  -0.0061 -0.0067 89   ALA X CB  
166 N  N   . ASP A 23 ? 0.0434 0.0401 0.0450 0.0039  0.0080  0.0028  90   ASP X N   
167 C  CA  . ASP A 23 ? 0.0523 0.0463 0.0581 0.0062  0.0129  -0.0049 90   ASP X CA  
168 C  C   . ASP A 23 ? 0.0513 0.0538 0.0612 -0.0040 0.0038  -0.0122 90   ASP X C   
169 O  O   . ASP A 23 ? 0.0561 0.0604 0.0787 -0.0045 -0.0063 -0.0101 90   ASP X O   
170 C  CB  . ASP A 23 ? 0.0541 0.0470 0.0563 0.0032  0.0166  -0.0080 90   ASP X CB  
171 C  CG  . ASP A 23 ? 0.0580 0.0397 0.0476 0.0044  0.0082  -0.0095 90   ASP X CG  
172 O  OD1 . ASP A 23 ? 0.0683 0.0547 0.0593 0.0217  0.0119  0.0028  90   ASP X OD1 
173 O  OD2 . ASP A 23 ? 0.0636 0.0603 0.0445 -0.0001 -0.0006 0.0044  90   ASP X OD2 
174 N  N   . ASP A 24 ? 0.0363 0.0500 0.0818 0.0082  0.0001  -0.0014 91   ASP X N   
175 C  CA  . ASP A 24 ? 0.0508 0.0558 0.1041 0.0161  0.0123  -0.0031 91   ASP X CA  
176 C  C   . ASP A 24 ? 0.0525 0.0462 0.0839 0.0145  0.0014  0.0045  91   ASP X C   
177 O  O   . ASP A 24 ? 0.0954 0.0475 0.1177 0.0033  0.0131  -0.0052 91   ASP X O   
178 C  CB  . ASP A 24 ? 0.0561 0.0733 0.1545 0.0274  -0.0239 0.0075  91   ASP X CB  
179 C  CG  . ASP A 24 ? 0.0536 0.1337 0.1882 0.0207  -0.0253 -0.0355 91   ASP X CG  
180 O  OD1 . ASP A 24 ? 0.0687 0.1597 0.1747 -0.0009 -0.0005 -0.0389 91   ASP X OD1 
181 O  OD2 . ASP A 24 ? 0.0808 0.1947 0.2688 -0.0047 -0.0579 -0.0337 91   ASP X OD2 
182 N  N   . VAL A 25 ? 0.0517 0.0314 0.0756 0.0084  -0.0035 0.0067  92   VAL X N   
183 C  CA  . VAL A 25 ? 0.0520 0.0394 0.0699 0.0106  -0.0007 0.0161  92   VAL X CA  
184 C  C   . VAL A 25 ? 0.0581 0.0376 0.0525 0.0077  0.0038  0.0098  92   VAL X C   
185 O  O   . VAL A 25 ? 0.0801 0.0366 0.0517 0.0026  -0.0074 0.0112  92   VAL X O   
186 C  CB  . VAL A 25 ? 0.0603 0.0547 0.0532 0.0015  -0.0045 0.0230  92   VAL X CB  
187 C  CG1 . VAL A 25 ? 0.0740 0.0812 0.0550 -0.0165 0.0013  0.0190  92   VAL X CG1 
188 C  CG2 . VAL A 25 ? 0.0730 0.0761 0.0901 -0.0097 -0.0273 0.0199  92   VAL X CG2 
189 N  N   . TYR A 26 ? 0.0528 0.0337 0.0478 0.0097  0.0040  0.0117  93   TYR X N   
190 C  CA  . TYR A 26 ? 0.0541 0.0379 0.0414 0.0035  0.0068  0.0089  93   TYR X CA  
191 C  C   . TYR A 26 ? 0.0507 0.0304 0.0532 -0.0019 -0.0064 0.0021  93   TYR X C   
192 O  O   . TYR A 26 ? 0.0839 0.0416 0.0470 0.0144  -0.0046 0.0052  93   TYR X O   
193 C  CB  . TYR A 26 ? 0.0502 0.0343 0.0356 0.0096  0.0035  0.0042  93   TYR X CB  
194 C  CG  . TYR A 26 ? 0.0351 0.0357 0.0385 0.0057  -0.0017 0.0084  93   TYR X CG  
195 C  CD1 . TYR A 26 ? 0.0402 0.0457 0.0345 -0.0060 0.0000  0.0109  93   TYR X CD1 
196 C  CD2 . TYR A 26 ? 0.0406 0.0328 0.0368 0.0107  0.0122  0.0085  93   TYR X CD2 
197 C  CE1 . TYR A 26 ? 0.0445 0.0446 0.0294 -0.0020 0.0045  0.0061  93   TYR X CE1 
198 C  CE2 . TYR A 26 ? 0.0372 0.0373 0.0413 0.0093  0.0079  0.0133  93   TYR X CE2 
199 C  CZ  . TYR A 26 ? 0.0423 0.0414 0.0374 0.0112  0.0005  -0.0030 93   TYR X CZ  
200 O  OH  . TYR A 26 ? 0.0566 0.0498 0.0481 -0.0068 0.0154  -0.0057 93   TYR X OH  
201 N  N   . GLN A 27 ? 0.0768 0.0426 0.0551 0.0102  0.0107  0.0028  94   GLN X N   
202 C  CA  A GLN A 27 ? 0.0806 0.0425 0.0690 0.0025  0.0043  -0.0132 94   GLN X CA  
203 C  CA  B GLN A 27 ? 0.1014 0.0475 0.0548 0.0245  0.0191  -0.0086 94   GLN X CA  
204 C  C   . GLN A 27 ? 0.0998 0.0456 0.0681 0.0133  -0.0050 -0.0172 94   GLN X C   
205 O  O   . GLN A 27 ? 0.1140 0.0601 0.0754 0.0110  -0.0175 -0.0075 94   GLN X O   
206 C  CB  A GLN A 27 ? 0.0860 0.0630 0.0769 0.0021  0.0068  -0.0109 94   GLN X CB  
207 C  CB  B GLN A 27 ? 0.1187 0.0659 0.0640 0.0283  0.0238  0.0079  94   GLN X CB  
208 C  CG  A GLN A 27 ? 0.1178 0.0895 0.0967 -0.0106 0.0193  -0.0191 94   GLN X CG  
209 C  CG  B GLN A 27 ? 0.1774 0.0853 0.0888 0.0283  0.0435  -0.0140 94   GLN X CG  
210 C  CD  A GLN A 27 ? 0.1026 0.1085 0.1255 -0.0102 0.0348  -0.0249 94   GLN X CD  
211 C  CD  B GLN A 27 ? 0.1299 0.1081 0.0904 -0.0059 0.0073  0.0001  94   GLN X CD  
212 O  OE1 A GLN A 27 ? 0.1821 0.0825 0.1767 -0.0704 0.1195  -0.0803 94   GLN X OE1 
213 O  OE1 B GLN A 27 ? 0.2985 0.1172 0.1246 -0.0205 -0.0400 -0.0571 94   GLN X OE1 
214 N  NE2 A GLN A 27 ? 0.0714 0.1257 0.1362 -0.0152 -0.0086 -0.0013 94   GLN X NE2 
215 N  NE2 B GLN A 27 ? 0.1249 0.0762 0.1058 -0.0013 0.0231  0.0228  94   GLN X NE2 
216 N  N   . LYS A 28 ? 0.0840 0.0387 0.0724 0.0137  -0.0031 -0.0020 95   LYS X N   
217 C  CA  A LYS A 28 ? 0.0905 0.0429 0.0795 0.0232  -0.0085 0.0007  95   LYS X CA  
218 C  CA  B LYS A 28 ? 0.0987 0.0377 0.0683 0.0250  -0.0064 0.0059  95   LYS X CA  
219 C  C   . LYS A 28 ? 0.1070 0.0299 0.0526 0.0086  -0.0211 0.0000  95   LYS X C   
220 O  O   . LYS A 28 ? 0.1147 0.0393 0.0704 0.0103  -0.0257 -0.0042 95   LYS X O   
221 C  CB  A LYS A 28 ? 0.1076 0.0717 0.0981 0.0245  -0.0201 -0.0020 95   LYS X CB  
222 C  CB  B LYS A 28 ? 0.0986 0.0441 0.0751 0.0330  -0.0084 -0.0042 95   LYS X CB  
223 C  CG  A LYS A 28 ? 0.1133 0.1029 0.1043 0.0236  -0.0091 0.0139  95   LYS X CG  
224 C  CG  B LYS A 28 ? 0.1571 0.0682 0.0905 -0.0060 -0.0150 0.0022  95   LYS X CG  
225 C  CD  A LYS A 28 ? 0.1096 0.1575 0.0953 0.0302  -0.0145 0.0160  95   LYS X CD  
226 C  CD  B LYS A 28 ? 0.1963 0.1157 0.1319 -0.0038 -0.0206 0.0276  95   LYS X CD  
227 C  CE  A LYS A 28 ? 0.1146 0.1680 0.1035 0.0391  -0.0097 0.0197  95   LYS X CE  
228 C  CE  B LYS A 28 ? 0.1680 0.1428 0.1317 -0.0308 -0.0032 0.0235  95   LYS X CE  
229 N  NZ  A LYS A 28 ? 0.1064 0.0708 0.1205 0.0087  0.0417  0.0263  95   LYS X NZ  
230 N  N   . TRP A 29 ? 0.0797 0.0315 0.0459 0.0090  -0.0071 -0.0036 96   TRP X N   
231 C  CA  . TRP A 29 ? 0.0805 0.0260 0.0525 -0.0060 -0.0177 0.0025  96   TRP X CA  
232 C  C   . TRP A 29 ? 0.0753 0.0289 0.0569 -0.0005 -0.0142 -0.0052 96   TRP X C   
233 O  O   . TRP A 29 ? 0.0883 0.0401 0.0618 0.0030  -0.0198 -0.0089 96   TRP X O   
234 C  CB  . TRP A 29 ? 0.0671 0.0304 0.0504 -0.0052 -0.0131 -0.0031 96   TRP X CB  
235 C  CG  . TRP A 29 ? 0.0558 0.0480 0.0416 -0.0084 -0.0039 0.0006  96   TRP X CG  
236 C  CD1 . TRP A 29 ? 0.0737 0.0476 0.0513 0.0072  -0.0126 -0.0086 96   TRP X CD1 
237 C  CD2 . TRP A 29 ? 0.0543 0.0450 0.0439 -0.0121 0.0012  0.0041  96   TRP X CD2 
238 N  NE1 . TRP A 29 ? 0.0720 0.0553 0.0494 -0.0046 -0.0154 0.0051  96   TRP X NE1 
239 C  CE2 . TRP A 29 ? 0.0559 0.0361 0.0527 -0.0132 -0.0075 -0.0063 96   TRP X CE2 
240 C  CE3 . TRP A 29 ? 0.0764 0.0283 0.0481 -0.0118 -0.0010 -0.0002 96   TRP X CE3 
241 C  CZ2 . TRP A 29 ? 0.0761 0.0614 0.0411 -0.0182 -0.0036 -0.0053 96   TRP X CZ2 
242 C  CZ3 . TRP A 29 ? 0.1078 0.0315 0.0518 -0.0123 0.0106  0.0002  96   TRP X CZ3 
243 C  CH2 . TRP A 29 ? 0.1272 0.0442 0.0533 -0.0218 0.0077  -0.0082 96   TRP X CH2 
244 N  N   . ALA A 30 ? 0.0941 0.0395 0.0503 0.0021  -0.0219 0.0018  97   ALA X N   
245 C  CA  . ALA A 30 ? 0.0910 0.0427 0.0636 0.0060  -0.0257 0.0017  97   ALA X CA  
246 C  C   . ALA A 30 ? 0.0963 0.0512 0.0521 -0.0005 -0.0276 -0.0162 97   ALA X C   
247 O  O   . ALA A 30 ? 0.1150 0.0545 0.0729 0.0068  -0.0333 -0.0083 97   ALA X O   
248 C  CB  . ALA A 30 ? 0.1251 0.0657 0.0628 0.0058  -0.0205 0.0102  97   ALA X CB  
249 N  N   . ASP A 31 ? 0.0976 0.0444 0.0587 0.0115  -0.0147 -0.0147 98   ASP X N   
250 C  CA  . ASP A 31 ? 0.1166 0.0460 0.0745 0.0043  -0.0157 -0.0208 98   ASP X CA  
251 C  C   . ASP A 31 ? 0.1054 0.0442 0.0824 0.0196  -0.0214 -0.0186 98   ASP X C   
252 O  O   . ASP A 31 ? 0.1272 0.0578 0.0935 -0.0012 -0.0125 -0.0267 98   ASP X O   
253 C  CB  . ASP A 31 ? 0.1205 0.0496 0.1271 0.0071  0.0004  -0.0293 98   ASP X CB  
254 C  CG  . ASP A 31 ? 0.1360 0.0544 0.1337 0.0015  0.0070  -0.0218 98   ASP X CG  
255 O  OD1 . ASP A 31 ? 0.1749 0.1153 0.1170 0.0154  0.0027  -0.0042 98   ASP X OD1 
256 O  OD2 . ASP A 31 ? 0.1374 0.1232 0.1872 0.0119  0.0154  -0.0052 98   ASP X OD2 
257 N  N   . LYS A 32 ? 0.1046 0.0353 0.0611 0.0089  -0.0191 -0.0071 99   LYS X N   
258 C  CA  . LYS A 32 ? 0.0825 0.0291 0.0810 0.0106  -0.0241 -0.0096 99   LYS X CA  
259 C  C   . LYS A 32 ? 0.0907 0.0261 0.0632 0.0033  -0.0229 -0.0053 99   LYS X C   
260 O  O   . LYS A 32 ? 0.0904 0.0421 0.0937 0.0142  -0.0315 -0.0149 99   LYS X O   
261 C  CB  . LYS A 32 ? 0.0914 0.0400 0.0631 0.0094  -0.0292 0.0088  99   LYS X CB  
262 C  CG  . LYS A 32 ? 0.0980 0.0419 0.0739 -0.0033 -0.0257 0.0000  99   LYS X CG  
263 C  CD  . LYS A 32 ? 0.1281 0.0667 0.0954 -0.0181 -0.0488 0.0145  99   LYS X CD  
264 C  CE  . LYS A 32 ? 0.0853 0.0731 0.1313 -0.0164 -0.0567 0.0076  99   LYS X CE  
265 N  NZ  . LYS A 32 ? 0.1171 0.0892 0.1758 -0.0245 -0.0801 0.0418  99   LYS X NZ  
266 N  N   . GLY A 33 ? 0.0892 0.0414 0.0775 0.0096  -0.0249 0.0018  100  GLY X N   
267 C  CA  . GLY A 33 ? 0.0962 0.0449 0.0807 0.0098  -0.0332 -0.0128 100  GLY X CA  
268 C  C   . GLY A 33 ? 0.0684 0.0455 0.0820 0.0060  -0.0422 -0.0039 100  GLY X C   
269 O  O   . GLY A 33 ? 0.0816 0.0567 0.1010 0.0014  -0.0403 -0.0236 100  GLY X O   
270 N  N   . TYR A 34 ? 0.0631 0.0474 0.0711 0.0087  -0.0342 -0.0066 101  TYR X N   
271 C  CA  . TYR A 34 ? 0.0582 0.0322 0.0699 -0.0025 -0.0281 -0.0022 101  TYR X CA  
272 C  C   . TYR A 34 ? 0.0480 0.0380 0.0816 -0.0107 -0.0280 0.0051  101  TYR X C   
273 O  O   . TYR A 34 ? 0.0525 0.0448 0.0911 -0.0024 -0.0217 0.0109  101  TYR X O   
274 C  CB  . TYR A 34 ? 0.0571 0.0405 0.0795 0.0068  -0.0238 -0.0115 101  TYR X CB  
275 C  CG  . TYR A 34 ? 0.0540 0.0386 0.0576 -0.0058 -0.0140 -0.0100 101  TYR X CG  
276 C  CD1 . TYR A 34 ? 0.0671 0.0603 0.0898 -0.0021 -0.0302 0.0001  101  TYR X CD1 
277 C  CD2 . TYR A 34 ? 0.0621 0.0619 0.0642 -0.0056 -0.0266 0.0111  101  TYR X CD2 
278 C  CE1 . TYR A 34 ? 0.0700 0.0518 0.0746 -0.0185 -0.0166 0.0026  101  TYR X CE1 
279 C  CE2 . TYR A 34 ? 0.0612 0.0671 0.0635 -0.0024 -0.0227 0.0021  101  TYR X CE2 
280 C  CZ  . TYR A 34 ? 0.0635 0.0550 0.0472 -0.0029 -0.0226 -0.0060 101  TYR X CZ  
281 O  OH  . TYR A 34 ? 0.0810 0.0660 0.0598 0.0054  -0.0249 0.0055  101  TYR X OH  
282 N  N   . THR A 35 ? 0.0502 0.0420 0.0832 -0.0046 -0.0171 0.0122  102  THR X N   
283 C  CA  . THR A 35 ? 0.0596 0.0436 0.0796 -0.0053 -0.0246 0.0106  102  THR X CA  
284 C  C   . THR A 35 ? 0.0650 0.0514 0.0876 -0.0145 -0.0365 0.0066  102  THR X C   
285 O  O   . THR A 35 ? 0.0908 0.0613 0.0873 -0.0262 -0.0468 0.0119  102  THR X O   
286 C  CB  . THR A 35 ? 0.0625 0.0392 0.0726 -0.0058 -0.0280 -0.0004 102  THR X CB  
287 O  OG1 . THR A 35 ? 0.0423 0.0533 0.0747 0.0016  -0.0180 -0.0035 102  THR X OG1 
288 C  CG2 . THR A 35 ? 0.0727 0.0531 0.0866 -0.0136 -0.0150 -0.0128 102  THR X CG2 
289 N  N   . LEU A 36 ? 0.1115 0.0423 0.1028 -0.0094 -0.0600 0.0043  103  LEU X N   
290 C  CA  . LEU A 36 ? 0.1497 0.0414 0.1202 -0.0124 -0.0772 -0.0109 103  LEU X CA  
291 C  C   . LEU A 36 ? 0.1614 0.0677 0.1259 -0.0030 -0.0655 -0.0370 103  LEU X C   
292 O  O   . LEU A 36 ? 0.1792 0.0975 0.1345 -0.0123 -0.0847 -0.0416 103  LEU X O   
293 C  CB  . LEU A 36 ? 0.1684 0.0592 0.1343 -0.0127 -0.0810 -0.0153 103  LEU X CB  
294 C  CG  . LEU A 36 ? 0.1189 0.0970 0.1911 -0.0166 -0.0392 -0.0352 103  LEU X CG  
295 C  CD1 . LEU A 36 ? 0.0711 0.0949 0.1612 -0.0219 -0.0103 0.0037  103  LEU X CD1 
296 C  CD2 . LEU A 36 ? 0.1611 0.0975 0.2726 0.0105  -0.0484 0.0093  103  LEU X CD2 
297 N  N   . THR A 37 ? 0.1227 0.0937 0.1303 0.0188  -0.0525 -0.0632 104  THR X N   
298 C  CA  . THR A 37 ? 0.1169 0.1211 0.1319 0.0210  -0.0216 -0.0790 104  THR X CA  
299 C  C   . THR A 37 ? 0.0809 0.1759 0.1354 -0.0305 -0.0321 -0.0504 104  THR X C   
300 O  O   . THR A 37 ? 0.1151 0.2432 0.1316 -0.0688 -0.0207 -0.0602 104  THR X O   
301 C  CB  . THR A 37 ? 0.0911 0.1272 0.1391 0.0358  -0.0376 -0.0716 104  THR X CB  
302 O  OG1 . THR A 37 ? 0.1735 0.1840 0.1546 0.0897  -0.0354 -0.0647 104  THR X OG1 
303 C  CG2 . THR A 37 ? 0.0761 0.1588 0.1603 0.0415  -0.0125 -0.0809 104  THR X CG2 
304 N  N   . GLN A 38 ? 0.0825 0.2023 0.1528 -0.0394 -0.0041 0.0037  105  GLN X N   
305 C  CA  . GLN A 38 ? 0.1262 0.2637 0.1476 -0.0312 -0.0017 0.0468  105  GLN X CA  
306 C  C   . GLN A 38 ? 0.1192 0.2781 0.1359 -0.0413 0.0060  0.0620  105  GLN X C   
307 O  O   . GLN A 38 ? 0.1147 0.3225 0.1460 -0.0450 0.0132  0.0809  105  GLN X O   
308 C  CB  . GLN A 38 ? 0.1295 0.2802 0.1070 -0.0241 -0.0499 0.0390  105  GLN X CB  
309 C  CG  . GLN A 38 ? 0.1392 0.2988 0.1595 -0.0418 -0.0342 0.0639  105  GLN X CG  
310 C  CD  . GLN A 38 ? 0.1604 0.2374 0.1549 -0.1354 -0.0462 0.0710  105  GLN X CD  
311 O  OE1 . GLN A 38 ? 0.0734 0.1362 0.1264 -0.0328 -0.0201 0.0501  105  GLN X OE1 
312 N  NE2 . GLN A 38 ? 0.2724 0.2722 0.1940 -0.1500 -0.0928 0.1243  105  GLN X NE2 
313 N  N   . LEU A 39 ? 0.1075 0.2707 0.1116 -0.0526 -0.0069 0.0502  106  LEU X N   
314 C  CA  . LEU A 39 ? 0.1039 0.2533 0.0869 -0.0346 -0.0215 0.0188  106  LEU X CA  
315 C  C   . LEU A 39 ? 0.0912 0.2092 0.1093 -0.0468 -0.0206 0.0084  106  LEU X C   
316 O  O   . LEU A 39 ? 0.0930 0.1968 0.1027 -0.0395 -0.0288 0.0119  106  LEU X O   
317 C  CB  . LEU A 39 ? 0.1217 0.2704 0.0778 -0.0251 -0.0280 0.0209  106  LEU X CB  
318 C  CG  . LEU A 39 ? 0.0793 0.2870 0.0695 -0.0277 -0.0103 0.0072  106  LEU X CG  
319 C  CD1 . LEU A 39 ? 0.1488 0.1838 0.1309 -0.0292 0.0181  0.0268  106  LEU X CD1 
320 C  CD2 . LEU A 39 ? 0.1764 0.1575 0.0725 -0.0627 0.0229  0.0008  106  LEU X CD2 
321 N  N   . SER A 40 ? 0.1256 0.1838 0.1211 -0.0287 -0.0489 0.0095  107  SER X N   
322 C  CA  A SER A 40 ? 0.0911 0.1722 0.1333 -0.0351 -0.0388 0.0010  107  SER X CA  
323 C  CA  B SER A 40 ? 0.0839 0.1520 0.1335 -0.0284 -0.0243 0.0212  107  SER X CA  
324 C  C   . SER A 40 ? 0.0915 0.1518 0.1326 -0.0261 -0.0182 -0.0044 107  SER X C   
325 O  O   . SER A 40 ? 0.0921 0.1489 0.1410 -0.0099 -0.0020 -0.0140 107  SER X O   
326 C  CB  A SER A 40 ? 0.0996 0.1830 0.1277 -0.0473 -0.0487 -0.0046 107  SER X CB  
327 C  CB  B SER A 40 ? 0.0573 0.1448 0.0999 -0.0348 -0.0460 0.0394  107  SER X CB  
328 O  OG  A SER A 40 ? 0.1405 0.2094 0.1681 -0.0369 -0.0158 -0.0131 107  SER X OG  
329 O  OG  B SER A 40 ? 0.0881 0.1471 0.1175 -0.0378 -0.0098 0.0351  107  SER X OG  
330 N  N   A ASP A 41 ? 0.0330 0.1401 0.1152 -0.0294 -0.0003 -0.0116 108  ASP X N   
331 N  N   B ASP A 41 ? 0.1312 0.1530 0.1548 -0.0436 -0.0200 -0.0088 108  ASP X N   
332 C  CA  A ASP A 41 ? 0.0559 0.1080 0.1088 -0.0239 0.0122  -0.0138 108  ASP X CA  
333 C  CA  B ASP A 41 ? 0.1347 0.1269 0.1484 -0.0520 -0.0008 -0.0108 108  ASP X CA  
334 C  C   A ASP A 41 ? 0.0619 0.0814 0.0772 -0.0240 0.0068  -0.0155 108  ASP X C   
335 C  C   B ASP A 41 ? 0.1361 0.1021 0.1043 -0.0638 0.0238  -0.0118 108  ASP X C   
336 O  O   A ASP A 41 ? 0.1010 0.0934 0.0819 -0.0490 0.0332  -0.0008 108  ASP X O   
337 O  O   B ASP A 41 ? 0.1474 0.1255 0.0990 -0.0598 0.0458  -0.0199 108  ASP X O   
338 C  CB  A ASP A 41 ? 0.0628 0.1094 0.1510 -0.0361 0.0004  -0.0233 108  ASP X CB  
339 C  CB  B ASP A 41 ? 0.1369 0.1246 0.1577 -0.0540 0.0017  -0.0183 108  ASP X CB  
340 C  CG  A ASP A 41 ? 0.1307 0.1481 0.1859 -0.0479 0.0113  -0.0150 108  ASP X CG  
341 C  CG  B ASP A 41 ? 0.1198 0.1621 0.1490 -0.0616 -0.0342 -0.0117 108  ASP X CG  
342 O  OD1 A ASP A 41 ? 0.1526 0.1624 0.2206 -0.0690 -0.0058 -0.0440 108  ASP X OD1 
343 O  OD1 B ASP A 41 ? 0.1739 0.1285 0.1786 -0.0677 0.0196  -0.0048 108  ASP X OD1 
344 O  OD2 A ASP A 41 ? 0.1543 0.1990 0.2318 -0.0179 0.0102  0.0059  108  ASP X OD2 
345 O  OD2 B ASP A 41 ? 0.1152 0.1975 0.1945 -0.0638 -0.0338 0.0041  108  ASP X OD2 
346 N  N   A PHE A 42 ? 0.0559 0.0617 0.0512 -0.0097 0.0069  -0.0066 109  PHE X N   
347 N  N   B PHE A 42 ? 0.1470 0.0674 0.0698 -0.0675 0.0329  -0.0311 109  PHE X N   
348 C  CA  A PHE A 42 ? 0.0573 0.0715 0.0740 -0.0235 -0.0130 -0.0068 109  PHE X CA  
349 C  CA  B PHE A 42 ? 0.1423 0.0756 0.0613 -0.0685 0.0323  -0.0317 109  PHE X CA  
350 C  C   A PHE A 42 ? 0.0912 0.0369 0.0800 -0.0229 0.0120  -0.0146 109  PHE X C   
351 C  C   B PHE A 42 ? 0.1493 0.0769 0.0713 -0.0624 0.0439  -0.0248 109  PHE X C   
352 O  O   A PHE A 42 ? 0.0904 0.0510 0.0645 -0.0321 -0.0031 0.0096  109  PHE X O   
353 O  O   B PHE A 42 ? 0.1634 0.0908 0.0907 -0.0943 0.0304  -0.0127 109  PHE X O   
354 C  CB  A PHE A 42 ? 0.0546 0.0682 0.0593 0.0015  -0.0200 -0.0037 109  PHE X CB  
355 C  CB  B PHE A 42 ? 0.1420 0.0711 0.0516 -0.0691 0.0286  -0.0266 109  PHE X CB  
356 C  CG  A PHE A 42 ? 0.0910 0.0559 0.0603 0.0019  0.0082  0.0026  109  PHE X CG  
357 C  CG  B PHE A 42 ? 0.1596 0.0389 0.0479 -0.0346 0.0065  -0.0070 109  PHE X CG  
358 C  CD1 A PHE A 42 ? 0.1179 0.0374 0.0847 -0.0053 -0.0268 0.0079  109  PHE X CD1 
359 C  CD1 B PHE A 42 ? 0.1050 0.0483 0.0556 0.0271  -0.0031 -0.0053 109  PHE X CD1 
360 C  CD2 A PHE A 42 ? 0.2101 0.0555 0.0774 -0.0107 0.0121  -0.0014 109  PHE X CD2 
361 C  CD2 B PHE A 42 ? 0.2297 0.0694 0.0582 -0.0069 0.0035  -0.0220 109  PHE X CD2 
362 C  CE1 A PHE A 42 ? 0.1267 0.0557 0.1015 0.0009  -0.0230 0.0043  109  PHE X CE1 
363 C  CE1 B PHE A 42 ? 0.1815 0.0609 0.0940 -0.0009 0.0110  0.0009  109  PHE X CE1 
364 C  CE2 A PHE A 42 ? 0.1264 0.0536 0.0808 0.0056  0.0127  -0.0091 109  PHE X CE2 
365 C  CE2 B PHE A 42 ? 0.1706 0.0777 0.0449 0.0079  -0.0133 -0.0316 109  PHE X CE2 
366 C  CZ  A PHE A 42 ? 0.0915 0.0424 0.0940 0.0059  -0.0055 -0.0110 109  PHE X CZ  
367 C  CZ  B PHE A 42 ? 0.1028 0.0597 0.0920 -0.0084 0.0094  -0.0383 109  PHE X CZ  
368 N  N   . LEU A 43 ? 0.0977 0.0832 0.0679 -0.0465 0.0347  -0.0363 110  LEU X N   
369 C  CA  . LEU A 43 ? 0.0797 0.0664 0.0589 -0.0445 0.0211  -0.0282 110  LEU X CA  
370 C  C   . LEU A 43 ? 0.0724 0.0686 0.0487 -0.0404 0.0204  -0.0213 110  LEU X C   
371 O  O   . LEU A 43 ? 0.0757 0.0424 0.0727 -0.0205 0.0178  -0.0117 110  LEU X O   
372 C  CB  . LEU A 43 ? 0.0694 0.0788 0.0570 -0.0457 0.0149  -0.0274 110  LEU X CB  
373 C  CG  . LEU A 43 ? 0.0763 0.0993 0.0441 -0.0441 0.0105  -0.0168 110  LEU X CG  
374 C  CD1 . LEU A 43 ? 0.0907 0.1437 0.0500 -0.0289 0.0205  0.0048  110  LEU X CD1 
375 C  CD2 . LEU A 43 ? 0.0764 0.0965 0.0807 -0.0388 0.0110  -0.0231 110  LEU X CD2 
376 N  N   . LYS A 44 ? 0.1319 0.0601 0.0686 -0.0450 0.0446  -0.0329 111  LYS X N   
377 C  CA  . LYS A 44 ? 0.1129 0.0612 0.0588 -0.0347 0.0416  -0.0246 111  LYS X CA  
378 C  C   . LYS A 44 ? 0.0840 0.0461 0.0489 -0.0188 0.0300  -0.0175 111  LYS X C   
379 O  O   . LYS A 44 ? 0.1064 0.0458 0.0628 0.0098  0.0244  -0.0106 111  LYS X O   
380 C  CB  . LYS A 44 ? 0.1367 0.0749 0.0746 -0.0486 0.0452  -0.0293 111  LYS X CB  
381 C  CG  . LYS A 44 ? 0.1849 0.1412 0.1022 -0.0865 0.0398  -0.0502 111  LYS X CG  
382 C  CD  . LYS A 44 ? 0.1808 0.1349 0.1607 -0.0632 0.0340  -0.0514 111  LYS X CD  
383 C  CE  . LYS A 44 ? 0.2210 0.1996 0.1938 -0.0445 -0.0096 -0.0202 111  LYS X CE  
384 N  NZ  . LYS A 44 ? 0.2628 0.1898 0.2196 -0.0435 -0.0249 -0.0208 111  LYS X NZ  
385 N  N   . SER A 45 ? 0.0793 0.0366 0.0498 -0.0177 0.0192  -0.0161 112  SER X N   
386 C  CA  . SER A 45 ? 0.0636 0.0260 0.0390 -0.0052 0.0140  -0.0024 112  SER X CA  
387 C  C   . SER A 45 ? 0.0512 0.0322 0.0389 0.0012  0.0102  -0.0002 112  SER X C   
388 O  O   . SER A 45 ? 0.0493 0.0472 0.0480 -0.0089 0.0063  -0.0091 112  SER X O   
389 C  CB  . SER A 45 ? 0.0531 0.0337 0.0443 0.0007  0.0201  0.0011  112  SER X CB  
390 O  OG  . SER A 45 ? 0.0599 0.0302 0.0468 -0.0041 0.0149  0.0004  112  SER X OG  
391 N  N   . LYS A 46 ? 0.0498 0.0302 0.0379 -0.0008 0.0118  -0.0001 113  LYS X N   
392 C  CA  A LYS A 46 ? 0.0496 0.0310 0.0359 0.0021  0.0090  -0.0039 113  LYS X CA  
393 C  CA  B LYS A 46 ? 0.0564 0.0360 0.0281 -0.0054 0.0084  -0.0037 113  LYS X CA  
394 C  CA  C LYS A 46 ? 0.0463 0.0296 0.0400 0.0019  0.0088  -0.0037 113  LYS X CA  
395 C  C   . LYS A 46 ? 0.0418 0.0328 0.0335 0.0043  -0.0014 -0.0074 113  LYS X C   
396 O  O   . LYS A 46 ? 0.0451 0.0423 0.0406 0.0070  0.0054  -0.0098 113  LYS X O   
397 C  CB  A LYS A 46 ? 0.0600 0.0443 0.0352 0.0068  0.0162  0.0097  113  LYS X CB  
398 C  CB  B LYS A 46 ? 0.0682 0.0270 0.0432 -0.0059 0.0186  0.0004  113  LYS X CB  
399 C  CB  C LYS A 46 ? 0.0495 0.0424 0.0389 0.0039  0.0157  0.0100  113  LYS X CB  
400 C  CG  A LYS A 46 ? 0.0496 0.0376 0.0373 0.0121  0.0023  0.0097  113  LYS X CG  
401 C  CG  B LYS A 46 ? 0.0864 0.0573 0.0323 -0.0051 0.0123  0.0109  113  LYS X CG  
402 C  CG  C LYS A 46 ? 0.0472 0.0475 0.0480 0.0024  0.0045  0.0058  113  LYS X CG  
403 C  CD  A LYS A 46 ? 0.0627 0.0336 0.0584 0.0162  -0.0048 0.0044  113  LYS X CD  
404 C  CD  B LYS A 46 ? 0.1129 0.0777 0.0447 -0.0017 0.0034  -0.0047 113  LYS X CD  
405 C  CD  C LYS A 46 ? 0.0699 0.0495 0.0421 0.0068  0.0004  0.0142  113  LYS X CD  
406 C  CE  A LYS A 46 ? 0.0662 0.0402 0.0552 0.0042  0.0082  0.0160  113  LYS X CE  
407 C  CE  B LYS A 46 ? 0.1148 0.0813 0.0445 -0.0007 0.0084  0.0083  113  LYS X CE  
408 C  CE  C LYS A 46 ? 0.0613 0.0648 0.0709 -0.0185 -0.0292 0.0149  113  LYS X CE  
409 N  NZ  A LYS A 46 ? 0.0402 0.0472 0.0793 0.0161  0.0028  -0.0041 113  LYS X NZ  
410 N  NZ  B LYS A 46 ? 0.1385 0.0789 0.0446 0.0050  -0.0047 -0.0187 113  LYS X NZ  
411 N  NZ  C LYS A 46 ? 0.1159 0.0966 0.0888 0.0095  -0.0494 0.0250  113  LYS X NZ  
412 N  N   . THR A 47 ? 0.0439 0.0257 0.0276 0.0027  0.0054  0.0008  114  THR X N   
413 C  CA  . THR A 47 ? 0.0573 0.0254 0.0313 0.0013  -0.0010 0.0002  114  THR X CA  
414 C  C   . THR A 47 ? 0.0439 0.0274 0.0281 0.0025  0.0017  0.0015  114  THR X C   
415 O  O   . THR A 47 ? 0.0475 0.0303 0.0343 0.0103  0.0008  0.0016  114  THR X O   
416 C  CB  . THR A 47 ? 0.0465 0.0387 0.0548 -0.0100 -0.0151 0.0067  114  THR X CB  
417 O  OG1 . THR A 47 ? 0.0631 0.0657 0.0631 -0.0106 -0.0249 0.0070  114  THR X OG1 
418 C  CG2 . THR A 47 ? 0.0752 0.0587 0.0898 -0.0316 -0.0096 0.0113  114  THR X CG2 
419 N  N   . ARG A 48 ? 0.0397 0.0296 0.0298 0.0028  0.0015  -0.0037 115  ARG X N   
420 C  CA  . ARG A 48 ? 0.0321 0.0308 0.0342 -0.0022 -0.0010 -0.0053 115  ARG X CA  
421 C  C   . ARG A 48 ? 0.0347 0.0353 0.0373 0.0094  0.0010  -0.0016 115  ARG X C   
422 O  O   . ARG A 48 ? 0.0426 0.0380 0.0475 -0.0004 0.0095  -0.0026 115  ARG X O   
423 C  CB  . ARG A 48 ? 0.0343 0.0335 0.0385 0.0028  0.0006  -0.0035 115  ARG X CB  
424 C  CG  . ARG A 48 ? 0.0315 0.0385 0.0542 0.0012  0.0035  -0.0034 115  ARG X CG  
425 C  CD  . ARG A 48 ? 0.0371 0.0303 0.0554 0.0000  0.0076  0.0000  115  ARG X CD  
426 N  NE  . ARG A 48 ? 0.0381 0.0436 0.0891 0.0094  0.0172  -0.0025 115  ARG X NE  
427 C  CZ  . ARG A 48 ? 0.0497 0.0453 0.0937 0.0102  0.0267  0.0141  115  ARG X CZ  
428 N  NH1 . ARG A 48 ? 0.0714 0.0392 0.0956 0.0097  0.0434  -0.0012 115  ARG X NH1 
429 N  NH2 . ARG A 48 ? 0.0805 0.0411 0.1366 0.0090  0.0570  0.0048  115  ARG X NH2 
430 N  N   . GLY A 49 ? 0.0282 0.0491 0.0362 0.0041  -0.0018 -0.0026 116  GLY X N   
431 C  CA  . GLY A 49 ? 0.0423 0.0619 0.0344 0.0159  0.0021  -0.0021 116  GLY X CA  
432 C  C   . GLY A 49 ? 0.0401 0.0411 0.0302 0.0086  -0.0015 -0.0081 116  GLY X C   
433 O  O   . GLY A 49 ? 0.0448 0.0437 0.0317 0.0088  0.0100  0.0002  116  GLY X O   
434 N  N   . LYS A 50 ? 0.0326 0.0396 0.0289 0.0057  0.0040  -0.0006 117  LYS X N   
435 C  CA  A LYS A 50 ? 0.0295 0.0430 0.0375 0.0022  -0.0069 -0.0006 117  LYS X CA  
436 C  CA  B LYS A 50 ? 0.0289 0.0391 0.0353 0.0054  -0.0058 -0.0067 117  LYS X CA  
437 C  C   . LYS A 50 ? 0.0269 0.0307 0.0317 -0.0021 -0.0029 0.0019  117  LYS X C   
438 O  O   . LYS A 50 ? 0.0295 0.0408 0.0428 -0.0078 0.0019  -0.0059 117  LYS X O   
439 C  CB  A LYS A 50 ? 0.0362 0.0454 0.0367 -0.0051 -0.0007 -0.0022 117  LYS X CB  
440 C  CB  B LYS A 50 ? 0.0457 0.0382 0.0279 0.0058  0.0018  -0.0046 117  LYS X CB  
441 C  CG  A LYS A 50 ? 0.0346 0.0847 0.0476 -0.0085 -0.0144 0.0145  117  LYS X CG  
442 C  CG  B LYS A 50 ? 0.0411 0.0375 0.0405 0.0050  -0.0039 -0.0135 117  LYS X CG  
443 C  CD  A LYS A 50 ? 0.0452 0.1286 0.0542 0.0132  -0.0053 0.0380  117  LYS X CD  
444 C  CD  B LYS A 50 ? 0.0609 0.0671 0.0552 0.0061  -0.0092 0.0036  117  LYS X CD  
445 C  CE  A LYS A 50 ? 0.0748 0.1493 0.0892 0.0388  -0.0135 0.0408  117  LYS X CE  
446 C  CE  B LYS A 50 ? 0.0434 0.0983 0.0712 0.0157  -0.0007 0.0032  117  LYS X CE  
447 N  NZ  A LYS A 50 ? 0.0854 0.2034 0.0982 0.0167  -0.0202 0.0489  117  LYS X NZ  
448 N  NZ  B LYS A 50 ? 0.0917 0.0907 0.1129 -0.0122 -0.0021 0.0128  117  LYS X NZ  
449 N  N   . TYR A 51 ? 0.0259 0.0262 0.0290 -0.0007 0.0015  -0.0018 118  TYR X N   
450 C  CA  . TYR A 51 ? 0.0270 0.0310 0.0289 0.0008  -0.0015 -0.0026 118  TYR X CA  
451 C  C   . TYR A 51 ? 0.0256 0.0341 0.0274 0.0013  -0.0001 -0.0019 118  TYR X C   
452 O  O   . TYR A 51 ? 0.0300 0.0382 0.0353 0.0044  -0.0010 -0.0019 118  TYR X O   
453 C  CB  . TYR A 51 ? 0.0370 0.0340 0.0353 -0.0075 0.0051  -0.0016 118  TYR X CB  
454 C  CG  . TYR A 51 ? 0.0382 0.0292 0.0384 0.0001  0.0050  0.0029  118  TYR X CG  
455 C  CD1 . TYR A 51 ? 0.0414 0.0874 0.0645 0.0103  0.0102  0.0397  118  TYR X CD1 
456 C  CD2 . TYR A 51 ? 0.0496 0.0304 0.0527 -0.0010 0.0101  0.0001  118  TYR X CD2 
457 C  CE1 . TYR A 51 ? 0.0655 0.1200 0.0681 0.0364  0.0056  0.0436  118  TYR X CE1 
458 C  CE2 . TYR A 51 ? 0.0815 0.0441 0.0478 0.0076  0.0237  0.0147  118  TYR X CE2 
459 C  CZ  . TYR A 51 ? 0.0778 0.0745 0.0602 0.0335  0.0192  0.0286  118  TYR X CZ  
460 O  OH  . TYR A 51 ? 0.1056 0.1456 0.0713 0.0520  0.0056  0.0557  118  TYR X OH  
461 N  N   . ASP A 52 ? 0.0302 0.0407 0.0262 0.0083  -0.0012 -0.0030 119  ASP X N   
462 C  CA  . ASP A 52 ? 0.0398 0.0506 0.0292 0.0128  -0.0074 -0.0056 119  ASP X CA  
463 C  C   . ASP A 52 ? 0.0370 0.0368 0.0254 0.0116  -0.0008 -0.0008 119  ASP X C   
464 O  O   . ASP A 52 ? 0.0371 0.0401 0.0333 0.0123  -0.0049 -0.0018 119  ASP X O   
465 C  CB  . ASP A 52 ? 0.0745 0.0593 0.0392 0.0386  0.0050  0.0027  119  ASP X CB  
466 C  CG  . ASP A 52 ? 0.0795 0.1177 0.0417 0.0599  0.0143  0.0244  119  ASP X CG  
467 O  OD1 . ASP A 52 ? 0.0488 0.1494 0.0580 0.0284  0.0031  -0.0064 119  ASP X OD1 
468 O  OD2 . ASP A 52 ? 0.1382 0.1218 0.0675 0.0969  0.0250  0.0146  119  ASP X OD2 
469 N  N   . ARG A 53 ? 0.0372 0.0323 0.0278 0.0041  -0.0048 -0.0034 120  ARG X N   
470 C  CA  . ARG A 53 ? 0.0299 0.0303 0.0318 0.0022  -0.0048 0.0001  120  ARG X CA  
471 C  C   . ARG A 53 ? 0.0262 0.0332 0.0348 -0.0002 -0.0028 -0.0014 120  ARG X C   
472 O  O   . ARG A 53 ? 0.0375 0.0456 0.0291 -0.0041 -0.0007 -0.0040 120  ARG X O   
473 C  CB  . ARG A 53 ? 0.0407 0.0353 0.0373 -0.0027 -0.0046 -0.0036 120  ARG X CB  
474 C  CG  . ARG A 53 ? 0.0377 0.0291 0.0414 -0.0003 -0.0071 0.0018  120  ARG X CG  
475 C  CD  . ARG A 53 ? 0.0426 0.0285 0.0585 -0.0007 -0.0033 0.0064  120  ARG X CD  
476 N  NE  . ARG A 53 ? 0.0306 0.0305 0.0527 -0.0017 -0.0082 -0.0015 120  ARG X NE  
477 C  CZ  . ARG A 53 ? 0.0292 0.0340 0.0613 -0.0057 -0.0086 0.0141  120  ARG X CZ  
478 N  NH1 . ARG A 53 ? 0.0308 0.0387 0.0574 0.0018  -0.0069 0.0030  120  ARG X NH1 
479 N  NH2 . ARG A 53 ? 0.0446 0.0335 0.0653 -0.0054 -0.0172 0.0143  120  ARG X NH2 
480 N  N   . VAL A 54 ? 0.0261 0.0317 0.0310 -0.0002 0.0019  -0.0028 121  VAL X N   
481 C  CA  . VAL A 54 ? 0.0256 0.0287 0.0383 0.0008  -0.0010 -0.0031 121  VAL X CA  
482 C  C   . VAL A 54 ? 0.0285 0.0287 0.0304 0.0030  0.0025  0.0036  121  VAL X C   
483 O  O   . VAL A 54 ? 0.0386 0.0351 0.0292 -0.0003 0.0007  -0.0057 121  VAL X O   
484 C  CB  . VAL A 54 ? 0.0318 0.0365 0.0435 0.0078  -0.0081 -0.0057 121  VAL X CB  
485 C  CG1 . VAL A 54 ? 0.0496 0.0305 0.0596 0.0070  -0.0129 -0.0017 121  VAL X CG1 
486 C  CG2 . VAL A 54 ? 0.0618 0.0550 0.0883 0.0063  -0.0362 -0.0047 121  VAL X CG2 
487 N  N   . TYR A 55 ? 0.0264 0.0340 0.0260 0.0022  -0.0009 -0.0013 122  TYR X N   
488 C  CA  . TYR A 55 ? 0.0278 0.0406 0.0345 0.0017  -0.0047 -0.0007 122  TYR X CA  
489 C  C   . TYR A 55 ? 0.0314 0.0339 0.0331 0.0056  -0.0057 -0.0021 122  TYR X C   
490 O  O   . TYR A 55 ? 0.0388 0.0346 0.0364 0.0009  -0.0100 -0.0012 122  TYR X O   
491 C  CB  . TYR A 55 ? 0.0328 0.0520 0.0429 -0.0049 0.0016  -0.0005 122  TYR X CB  
492 C  CG  . TYR A 55 ? 0.0373 0.0573 0.0440 0.0053  -0.0008 -0.0051 122  TYR X CG  
493 C  CD1 . TYR A 55 ? 0.0342 0.0607 0.0740 -0.0046 0.0030  0.0031  122  TYR X CD1 
494 C  CD2 . TYR A 55 ? 0.0487 0.0717 0.0941 0.0062  -0.0042 0.0143  122  TYR X CD2 
495 C  CE1 . TYR A 55 ? 0.0467 0.0847 0.0954 -0.0283 0.0002  -0.0037 122  TYR X CE1 
496 C  CE2 . TYR A 55 ? 0.0506 0.0705 0.1452 0.0064  -0.0210 0.0252  122  TYR X CE2 
497 C  CZ  . TYR A 55 ? 0.0444 0.0999 0.0977 0.0135  -0.0188 0.0145  122  TYR X CZ  
498 O  OH  . TYR A 55 ? 0.0467 0.1327 0.1633 0.0120  -0.0355 0.0302  122  TYR X OH  
499 N  N   . ASN A 56 ? 0.0354 0.0349 0.0315 0.0081  -0.0044 0.0001  123  ASN X N   
500 C  CA  . ASN A 56 ? 0.0422 0.0371 0.0394 0.0070  -0.0108 0.0035  123  ASN X CA  
501 C  C   . ASN A 56 ? 0.0386 0.0306 0.0296 0.0042  -0.0058 0.0008  123  ASN X C   
502 O  O   . ASN A 56 ? 0.0519 0.0429 0.0363 0.0022  -0.0127 0.0082  123  ASN X O   
503 C  CB  . ASN A 56 ? 0.0618 0.0277 0.0610 0.0084  -0.0085 0.0018  123  ASN X CB  
504 C  CG  . ASN A 56 ? 0.0665 0.0653 0.0675 0.0167  -0.0122 -0.0082 123  ASN X CG  
505 O  OD1 . ASN A 56 ? 0.0683 0.0705 0.1075 0.0243  -0.0127 -0.0064 123  ASN X OD1 
506 N  ND2 . ASN A 56 ? 0.1050 0.0620 0.0897 0.0223  -0.0290 -0.0154 123  ASN X ND2 
507 N  N   . GLY A 57 ? 0.0391 0.0278 0.0292 0.0003  -0.0066 0.0012  124  GLY X N   
508 C  CA  . GLY A 57 ? 0.0321 0.0362 0.0322 -0.0012 -0.0061 0.0050  124  GLY X CA  
509 C  C   . GLY A 57 ? 0.0290 0.0292 0.0315 0.0006  -0.0029 0.0032  124  GLY X C   
510 O  O   . GLY A 57 ? 0.0390 0.0341 0.0319 0.0002  -0.0052 0.0038  124  GLY X O   
511 N  N   . TYR A 58 ? 0.0306 0.0329 0.0290 -0.0027 -0.0044 0.0019  125  TYR X N   
512 C  CA  . TYR A 58 ? 0.0400 0.0299 0.0323 0.0008  -0.0039 -0.0044 125  TYR X CA  
513 C  C   . TYR A 58 ? 0.0462 0.0370 0.0342 -0.0134 -0.0035 -0.0029 125  TYR X C   
514 O  O   . TYR A 58 ? 0.0549 0.0468 0.0301 -0.0171 -0.0062 -0.0001 125  TYR X O   
515 C  CB  . TYR A 58 ? 0.0421 0.0375 0.0347 -0.0030 -0.0029 -0.0036 125  TYR X CB  
516 C  CG  . TYR A 58 ? 0.0402 0.0306 0.0357 0.0013  -0.0072 0.0040  125  TYR X CG  
517 C  CD1 . TYR A 58 ? 0.0354 0.0425 0.0443 -0.0044 -0.0017 0.0057  125  TYR X CD1 
518 C  CD2 . TYR A 58 ? 0.0481 0.0328 0.0500 -0.0025 0.0045  -0.0010 125  TYR X CD2 
519 C  CE1 . TYR A 58 ? 0.0301 0.0314 0.0533 0.0033  -0.0050 0.0014  125  TYR X CE1 
520 C  CE2 . TYR A 58 ? 0.0534 0.0350 0.0591 -0.0118 0.0010  -0.0060 125  TYR X CE2 
521 C  CZ  . TYR A 58 ? 0.0474 0.0268 0.0522 0.0038  -0.0020 0.0023  125  TYR X CZ  
522 O  OH  . TYR A 58 ? 0.0693 0.0314 0.0741 -0.0046 0.0043  -0.0072 125  TYR X OH  
523 N  N   . MET A 59 ? 0.0377 0.0469 0.0318 -0.0054 -0.0082 -0.0004 126  MET X N   
524 C  CA  A MET A 59 ? 0.0319 0.0654 0.0421 -0.0061 -0.0073 -0.0007 126  MET X CA  
525 C  CA  B MET A 59 ? 0.0416 0.0591 0.0480 -0.0119 -0.0159 -0.0005 126  MET X CA  
526 C  C   . MET A 59 ? 0.0380 0.0467 0.0469 -0.0033 -0.0165 0.0027  126  MET X C   
527 O  O   . MET A 59 ? 0.0610 0.0606 0.0444 -0.0140 -0.0254 0.0050  126  MET X O   
528 C  CB  A MET A 59 ? 0.0368 0.1004 0.0552 0.0162  -0.0118 -0.0065 126  MET X CB  
529 C  CB  B MET A 59 ? 0.0396 0.0836 0.0633 -0.0123 -0.0208 -0.0014 126  MET X CB  
530 C  CG  A MET A 59 ? 0.0590 0.1651 0.0803 0.0485  -0.0113 -0.0106 126  MET X CG  
531 C  CG  B MET A 59 ? 0.0777 0.0515 0.0891 -0.0252 -0.0274 -0.0049 126  MET X CG  
532 S  SD  A MET A 59 ? 0.0699 0.0917 0.1334 0.0229  -0.0281 -0.0068 126  MET X SD  
533 S  SD  B MET A 59 ? 0.1634 0.1917 0.2200 0.0386  -0.0176 -0.0366 126  MET X SD  
534 C  CE  A MET A 59 ? 0.0994 0.1588 0.1055 0.0615  0.0175  -0.0180 126  MET X CE  
535 C  CE  B MET A 59 ? 0.0530 0.1216 0.0429 0.0516  -0.0132 -0.0240 126  MET X CE  
536 N  N   . THR A 60 ? 0.0417 0.0474 0.0354 0.0015  -0.0127 0.0005  127  THR X N   
537 C  CA  . THR A 60 ? 0.0510 0.0463 0.0368 0.0022  -0.0135 0.0064  127  THR X CA  
538 C  C   . THR A 60 ? 0.0521 0.0530 0.0322 -0.0033 -0.0083 0.0099  127  THR X C   
539 O  O   . THR A 60 ? 0.0748 0.0528 0.0354 -0.0079 -0.0141 0.0068  127  THR X O   
540 C  CB  . THR A 60 ? 0.0464 0.0378 0.0461 -0.0066 -0.0132 0.0100  127  THR X CB  
541 O  OG1 . THR A 60 ? 0.0594 0.0473 0.0648 -0.0067 -0.0058 -0.0094 127  THR X OG1 
542 C  CG2 . THR A 60 ? 0.0545 0.0581 0.0525 -0.0059 -0.0141 0.0101  127  THR X CG2 
543 N  N   . TYR A 61 ? 0.0500 0.0394 0.0314 0.0001  -0.0035 0.0036  128  TYR X N   
544 C  CA  . TYR A 61 ? 0.0631 0.0466 0.0336 -0.0043 -0.0007 -0.0042 128  TYR X CA  
545 C  C   . TYR A 61 ? 0.0739 0.0515 0.0351 -0.0033 0.0025  0.0027  128  TYR X C   
546 O  O   . TYR A 61 ? 0.1033 0.0611 0.0352 -0.0134 0.0027  -0.0077 128  TYR X O   
547 C  CB  . TYR A 61 ? 0.0501 0.0445 0.0363 0.0036  -0.0004 -0.0015 128  TYR X CB  
548 C  CG  . TYR A 61 ? 0.0830 0.0343 0.0421 0.0060  0.0070  0.0083  128  TYR X CG  
549 C  CD1 . TYR A 61 ? 0.1204 0.0433 0.0539 -0.0106 0.0017  0.0053  128  TYR X CD1 
550 C  CD2 . TYR A 61 ? 0.0757 0.0501 0.0748 0.0141  0.0257  0.0206  128  TYR X CD2 
551 C  CE1 . TYR A 61 ? 0.1640 0.0407 0.0629 0.0035  -0.0053 0.0025  128  TYR X CE1 
552 C  CE2 . TYR A 61 ? 0.0997 0.0816 0.0635 0.0182  0.0351  0.0180  128  TYR X CE2 
553 C  CZ  . TYR A 61 ? 0.1362 0.0662 0.0765 0.0308  0.0189  -0.0006 128  TYR X CZ  
554 O  OH  . TYR A 61 ? 0.1962 0.0845 0.1138 0.0666  0.0298  -0.0121 128  TYR X OH  
555 N  N   . ARG A 62 ? 0.0861 0.0429 0.0370 -0.0198 -0.0097 -0.0025 129  ARG X N   
556 C  CA  A ARG A 62 ? 0.0868 0.0486 0.0524 -0.0185 -0.0132 0.0028  129  ARG X CA  
557 C  CA  B ARG A 62 ? 0.0939 0.0553 0.0504 -0.0260 -0.0168 0.0035  129  ARG X CA  
558 C  C   . ARG A 62 ? 0.1063 0.0618 0.0595 -0.0271 -0.0258 -0.0029 129  ARG X C   
559 O  O   . ARG A 62 ? 0.1463 0.0833 0.0658 -0.0230 -0.0480 -0.0081 129  ARG X O   
560 C  CB  A ARG A 62 ? 0.0756 0.0564 0.0618 -0.0211 -0.0128 0.0074  129  ARG X CB  
561 C  CB  B ARG A 62 ? 0.0873 0.0570 0.0719 -0.0400 -0.0279 0.0090  129  ARG X CB  
562 C  CG  A ARG A 62 ? 0.0639 0.0471 0.0695 -0.0071 -0.0098 -0.0018 129  ARG X CG  
563 C  CG  B ARG A 62 ? 0.1020 0.0836 0.0855 -0.0279 -0.0131 0.0265  129  ARG X CG  
564 C  CD  A ARG A 62 ? 0.0577 0.0318 0.1087 0.0052  -0.0258 0.0003  129  ARG X CD  
565 C  CD  B ARG A 62 ? 0.1385 0.0933 0.1047 -0.0492 -0.0130 0.0255  129  ARG X CD  
566 N  NE  A ARG A 62 ? 0.1126 0.0673 0.0697 -0.0269 -0.0204 -0.0097 129  ARG X NE  
567 N  NE  B ARG A 62 ? 0.1391 0.0470 0.1493 -0.0413 0.0253  -0.0040 129  ARG X NE  
568 C  CZ  A ARG A 62 ? 0.1021 0.0568 0.1113 -0.0453 0.0174  -0.0302 129  ARG X CZ  
569 C  CZ  B ARG A 62 ? 0.0792 0.0478 0.2017 -0.0081 -0.0343 -0.0039 129  ARG X CZ  
570 N  NH1 A ARG A 62 ? 0.1106 0.0449 0.1338 -0.0366 0.0102  -0.0084 129  ARG X NH1 
571 N  NH1 B ARG A 62 ? 0.1231 0.0879 0.2182 0.0204  -0.0113 0.0344  129  ARG X NH1 
572 N  NH2 A ARG A 62 ? 0.1284 0.0878 0.1063 -0.0243 -0.0131 -0.0017 129  ARG X NH2 
573 N  NH2 B ARG A 62 ? 0.1340 0.1013 0.1693 -0.0348 -0.0248 0.0187  129  ARG X NH2 
574 N  N   . ASP A 63 ? 0.0942 0.0532 0.0563 -0.0287 -0.0356 0.0088  130  ASP X N   
575 C  CA  . ASP A 63 ? 0.1067 0.0678 0.0777 -0.0372 -0.0444 0.0198  130  ASP X CA  
576 C  C   . ASP A 63 ? 0.0911 0.0735 0.0647 -0.0223 -0.0433 0.0200  130  ASP X C   
577 O  O   . ASP A 63 ? 0.1015 0.1158 0.1317 -0.0365 -0.0622 0.0516  130  ASP X O   
578 C  CB  . ASP A 63 ? 0.0817 0.0923 0.0944 -0.0176 -0.0386 0.0095  130  ASP X CB  
579 C  CG  . ASP A 63 ? 0.0975 0.1081 0.1128 -0.0415 -0.0285 0.0349  130  ASP X CG  
580 O  OD1 . ASP A 63 ? 0.2198 0.1230 0.1123 -0.0835 -0.0211 0.0280  130  ASP X OD1 
581 O  OD2 . ASP A 63 ? 0.1531 0.1924 0.1182 -0.0910 0.0039  0.0102  130  ASP X OD2 
582 N  N   . TYR A 64 ? 0.0817 0.0574 0.0615 -0.0142 -0.0381 0.0113  131  TYR X N   
583 C  CA  . TYR A 64 ? 0.0944 0.0549 0.0510 -0.0100 -0.0320 0.0140  131  TYR X CA  
584 C  C   . TYR A 64 ? 0.0905 0.0622 0.0585 -0.0108 -0.0344 0.0006  131  TYR X C   
585 O  O   . TYR A 64 ? 0.1309 0.0858 0.0672 0.0134  -0.0266 0.0103  131  TYR X O   
586 C  CB  . TYR A 64 ? 0.0872 0.0546 0.0532 -0.0107 -0.0334 0.0134  131  TYR X CB  
587 C  CG  . TYR A 64 ? 0.0562 0.0651 0.0484 -0.0180 -0.0257 0.0111  131  TYR X CG  
588 C  CD1 . TYR A 64 ? 0.0832 0.0613 0.0610 -0.0114 -0.0267 0.0076  131  TYR X CD1 
589 C  CD2 . TYR A 64 ? 0.0641 0.1057 0.0641 0.0027  -0.0231 0.0152  131  TYR X CD2 
590 C  CE1 . TYR A 64 ? 0.1231 0.0659 0.0843 -0.0091 -0.0540 0.0160  131  TYR X CE1 
591 C  CE2 . TYR A 64 ? 0.0728 0.1150 0.0863 -0.0185 -0.0212 0.0412  131  TYR X CE2 
592 C  CZ  . TYR A 64 ? 0.0801 0.1298 0.0617 -0.0505 -0.0139 0.0354  131  TYR X CZ  
593 O  OH  . TYR A 64 ? 0.1390 0.1294 0.0926 -0.0626 -0.0249 0.0371  131  TYR X OH  
594 N  N   . VAL A 65 ? 0.1498 0.0715 0.0529 -0.0032 -0.0494 0.0148  132  VAL X N   
595 C  CA  . VAL A 65 ? 0.1808 0.1229 0.0684 0.0233  -0.0493 0.0124  132  VAL X CA  
596 C  C   . VAL A 65 ? 0.1772 0.1620 0.0990 0.0432  -0.0143 0.0108  132  VAL X C   
597 O  O   . VAL A 65 ? 0.1559 0.1804 0.1195 0.0264  -0.0457 0.0520  132  VAL X O   
598 C  CB  . VAL A 65 ? 0.1925 0.1338 0.0804 0.0300  -0.0552 -0.0011 132  VAL X CB  
599 C  CG1 . VAL A 65 ? 0.2450 0.1838 0.0706 0.0420  -0.0676 -0.0159 132  VAL X CG1 
600 C  CG2 . VAL A 65 ? 0.2263 0.1799 0.0980 0.0310  -0.0636 -0.0079 132  VAL X CG2 
601 O  OXT . VAL A 65 ? 0.2271 0.2271 0.1620 0.0609  -0.0065 0.0136  132  VAL X OXT 
602 C  C1  . PGE B .  ? 0.1518 0.0824 0.1617 -0.0481 -0.1004 0.0215  1133 PGE X C1  
603 O  O1  . PGE B .  ? 0.0652 0.0818 0.1402 -0.0474 -0.0676 0.0806  1133 PGE X O1  
604 C  C2  . PGE B .  ? 0.2208 0.1202 0.2125 -0.0118 -0.0629 0.0015  1133 PGE X C2  
605 O  O2  . PGE B .  ? 0.2218 0.2014 0.2263 -0.0353 -0.0452 -0.0135 1133 PGE X O2  
606 C  C3  . PGE B .  ? 0.1067 0.1556 0.1441 -0.0622 0.0014  -0.0218 1133 PGE X C3  
607 C  C4  . PGE B .  ? 0.1638 0.1618 0.1850 -0.0153 0.0079  -0.0244 1133 PGE X C4  
608 O  O4  . PGE B .  ? 0.2714 0.2499 0.2631 0.0109  -0.0151 0.0098  1133 PGE X O4  
609 C  C6  . PGE B .  ? 0.1234 0.0374 0.0783 0.0100  0.0301  0.0093  1133 PGE X C6  
610 C  C5  . PGE B .  ? 0.1778 0.1518 0.1712 -0.0248 0.0217  -0.0048 1133 PGE X C5  
611 O  O3  . PGE B .  ? 0.1097 0.1014 0.1710 0.0021  0.0164  -0.0076 1133 PGE X O3  
612 CL CL  . CL  C .  ? 0.0933 0.0323 0.0640 0.0006  0.0273  0.0040  1134 CL  X CL  
613 CL CL  . CL  D .  ? 0.1045 0.0749 0.1595 -0.0191 0.0082  0.0091  1135 CL  X CL  
614 O  O   . HOH E .  ? 0.1176 0.1161 0.1091 0.0008  0.0030  0.0079  2001 HOH X O   
615 O  O   . HOH E .  ? 0.3682 0.0843 0.2538 -0.0289 -0.1100 0.0194  2002 HOH X O   
616 O  O   . HOH E .  ? 0.2979 0.1965 0.1681 0.0287  0.0045  0.0342  2003 HOH X O   
617 O  O   . HOH E .  ? 0.1214 0.1165 0.1697 -0.0065 -0.0622 -0.0138 2004 HOH X O   
618 O  O   . HOH E .  ? 0.9244 0.7411 0.3705 0.6968  0.2471  0.4122  2005 HOH X O   
619 O  O   . HOH E .  ? 0.1058 0.1416 0.2312 -0.0214 -0.0301 -0.0767 2006 HOH X O   
620 O  O   . HOH E .  ? 0.1180 0.0826 0.4239 -0.0091 0.0667  0.0218  2007 HOH X O   
621 O  O   . HOH E .  ? 0.1537 0.1547 0.1466 -0.0634 -0.0261 0.0482  2008 HOH X O   
622 O  O   . HOH E .  ? 0.2463 0.3083 0.2123 -0.0197 0.0043  0.0442  2009 HOH X O   
623 O  O   . HOH E .  ? 0.1242 0.0750 0.0768 0.0031  0.0289  -0.0029 2010 HOH X O   
624 O  O   . HOH E .  ? 0.1278 0.1259 0.1563 -0.0146 -0.0746 0.0014  2011 HOH X O   
625 O  O   . HOH E .  ? 0.1815 0.3912 0.2088 -0.0029 -0.0263 0.0535  2012 HOH X O   
626 O  O   . HOH E .  ? 0.0668 0.1621 0.0970 0.0089  0.0179  0.0284  2013 HOH X O   
627 O  O   . HOH E .  ? 0.1190 0.2396 0.1823 0.0219  0.0175  0.0106  2014 HOH X O   
628 O  O   . HOH E .  ? 0.3486 0.1010 0.3844 -0.0470 -0.2558 0.0407  2015 HOH X O   
629 O  O   . HOH E .  ? 0.1613 0.1133 0.0854 0.0410  0.0135  -0.0181 2016 HOH X O   
630 O  O   . HOH E .  ? 0.1877 0.1730 0.2978 -0.0198 0.0490  0.0172  2017 HOH X O   
631 O  O   . HOH E .  ? 0.0473 0.0835 0.1085 0.0179  -0.0112 0.0283  2018 HOH X O   
632 O  O   . HOH E .  ? 0.4346 0.1193 0.1548 -0.0170 0.0383  -0.0175 2019 HOH X O   
633 O  O   . HOH E .  ? 0.2295 0.4265 0.2189 -0.0807 -0.1187 0.0861  2020 HOH X O   
634 O  O   . HOH E .  ? 0.1088 0.1223 0.1371 -0.0204 0.0271  -0.0331 2021 HOH X O   
635 O  O   . HOH E .  ? 0.0614 0.1242 0.1085 0.0031  0.0022  -0.0019 2022 HOH X O   
636 O  O   . HOH E .  ? 0.0492 0.0764 0.1319 -0.0020 -0.0277 -0.0143 2023 HOH X O   
637 O  O   . HOH E .  ? 0.0824 0.1084 0.1479 0.0130  0.0091  -0.0013 2024 HOH X O   
638 O  O   . HOH E .  ? 0.0906 0.0667 0.0672 -0.0075 -0.0102 0.0135  2025 HOH X O   
639 O  O   . HOH E .  ? 0.2303 0.1211 0.1620 -0.0056 0.0942  -0.0367 2026 HOH X O   
640 O  O   . HOH E .  ? 0.0518 0.0822 0.0962 0.0063  -0.0039 0.0084  2027 HOH X O   
641 O  O   . HOH E .  ? 0.1252 0.1199 0.0887 -0.0411 -0.0115 0.0128  2028 HOH X O   
642 O  O   . HOH E .  ? 0.2332 0.5214 0.4828 0.1573  -0.1869 -0.1770 2029 HOH X O   
643 O  O   . HOH E .  ? 0.1115 0.1152 0.2013 0.0107  -0.0298 -0.0293 2030 HOH X O   
644 O  O   . HOH E .  ? 0.0569 0.0661 0.1283 -0.0085 -0.0103 0.0051  2031 HOH X O   
645 O  O   . HOH E .  ? 0.0605 0.0608 0.1124 -0.0133 -0.0087 0.0020  2032 HOH X O   
646 O  O   . HOH E .  ? 0.4454 0.3194 0.1629 0.1237  -0.0737 0.0041  2033 HOH X O   
647 O  O   . HOH E .  ? 0.3827 0.1218 0.1156 0.0402  -0.0017 -0.0037 2034 HOH X O   
648 O  O   . HOH E .  ? 0.2002 0.1414 0.1678 -0.0520 0.0513  -0.0456 2035 HOH X O   
649 O  O   . HOH E .  ? 0.6620 0.4975 1.3687 -0.1264 -0.0551 -0.0758 2036 HOH X O   
650 O  O   . HOH E .  ? 0.2314 0.1607 0.2449 0.0521  -0.0073 -0.0160 2037 HOH X O   
651 O  O   . HOH E .  ? 0.1252 0.3736 0.2210 -0.0820 -0.0338 -0.0466 2038 HOH X O   
652 O  O   . HOH E .  ? 0.2416 0.2840 0.1103 0.1793  -0.0225 0.0068  2039 HOH X O   
653 O  O   . HOH E .  ? 0.2551 0.1417 0.1537 -0.0171 0.0599  -0.0545 2040 HOH X O   
654 O  O   . HOH E .  ? 0.1816 0.1708 0.2527 -0.0130 0.0207  0.0134  2041 HOH X O   
655 O  O   . HOH E .  ? 0.0882 0.1017 0.4041 0.0346  0.0280  -0.0406 2042 HOH X O   
656 O  O   . HOH E .  ? 0.2003 0.2374 0.1753 0.1272  -0.0503 -0.0711 2043 HOH X O   
657 O  O   . HOH E .  ? 0.1355 0.3429 0.1420 0.0091  -0.0520 0.0744  2044 HOH X O   
658 O  O   . HOH E .  ? 0.1111 0.0296 0.0704 -0.0181 -0.0457 0.0125  2045 HOH X O   
659 O  O   . HOH E .  ? 0.2282 0.0905 0.1820 0.0285  -0.0881 -0.0243 2046 HOH X O   
660 O  O   . HOH E .  ? 0.3120 0.1242 0.1834 0.1031  -0.1401 -0.0975 2047 HOH X O   
661 O  O   . HOH E .  ? 0.1918 0.1713 0.2615 -0.0204 0.0253  -0.0792 2048 HOH X O   
662 O  O   . HOH E .  ? 0.6441 1.2229 0.6826 0.2967  -0.6174 -0.5047 2049 HOH X O   
663 O  O   . HOH E .  ? 0.4596 1.8882 0.8620 -0.8825 -0.4579 1.0872  2050 HOH X O   
664 O  O   . HOH E .  ? 0.4301 0.3380 0.1898 -0.2700 0.0194  -0.0509 2051 HOH X O   
665 O  O   . HOH E .  ? 0.2676 0.2033 0.3774 0.0239  0.0187  -0.0307 2052 HOH X O   
666 O  O   . HOH E .  ? 0.1812 0.5171 0.2219 0.0883  -0.0564 -0.0680 2053 HOH X O   
667 O  O   . HOH E .  ? 0.0421 0.0746 0.0319 0.0084  -0.0097 0.0016  2054 HOH X O   
668 O  O   . HOH E .  ? 0.1945 0.2186 0.1403 -0.0238 0.0299  -0.0459 2055 HOH X O   
669 O  O   . HOH E .  ? 0.1207 0.3997 0.2366 0.0337  0.0305  0.0959  2056 HOH X O   
670 O  O   . HOH E .  ? 0.0417 0.0529 0.0877 -0.0042 0.0000  0.0146  2057 HOH X O   
671 O  O   . HOH E .  ? 0.2385 0.2406 0.2018 0.0519  0.0231  0.0523  2058 HOH X O   
672 O  O   . HOH E .  ? 0.1019 0.1073 0.0729 0.0007  -0.0027 -0.0062 2059 HOH X O   
673 O  O   . HOH E .  ? 0.2587 0.3578 0.2877 0.0572  0.0339  -0.0256 2060 HOH X O   
674 O  O   . HOH E .  ? 0.0997 0.0665 0.0523 0.0126  0.0003  -0.0064 2061 HOH X O   
675 O  O   . HOH E .  ? 0.1801 0.1430 0.4768 -0.0240 -0.0202 -0.1105 2062 HOH X O   
676 O  O   . HOH E .  ? 0.1095 0.0817 0.0770 -0.0132 -0.0123 -0.0011 2063 HOH X O   
677 O  O   . HOH E .  ? 0.1133 0.1317 0.1078 -0.0147 -0.0292 0.0260  2064 HOH X O   
678 O  O   . HOH E .  ? 0.2529 0.2236 0.3334 -0.0157 0.1006  -0.0234 2065 HOH X O   
679 O  O   . HOH E .  ? 0.0875 0.1102 0.1045 -0.0474 0.0412  -0.0514 2066 HOH X O   
680 O  O   . HOH E .  ? 0.0939 0.1033 0.0988 -0.0091 -0.0037 0.0056  2067 HOH X O   
681 O  O   . HOH E .  ? 0.0749 0.0885 0.1074 0.0045  0.0236  -0.0120 2068 HOH X O   
682 O  O   . HOH E .  ? 0.0692 0.0691 0.0416 -0.0244 -0.0126 0.0022  2069 HOH X O   
683 O  O   . HOH E .  ? 0.0473 0.0613 0.0707 -0.0113 -0.0073 -0.0176 2070 HOH X O   
684 O  O   . HOH E .  ? 0.0904 0.1343 0.1201 0.0323  -0.0111 -0.0122 2071 HOH X O   
685 O  O   . HOH E .  ? 0.1054 0.1968 0.1295 0.0295  -0.0248 -0.0251 2072 HOH X O   
686 O  O   . HOH E .  ? 0.1944 0.2283 0.3963 -0.0320 -0.0819 -0.0969 2073 HOH X O   
687 O  O   . HOH E .  ? 0.1652 0.1267 0.1736 0.0080  -0.0055 0.0029  2074 HOH X O   
688 O  O   . HOH E .  ? 0.1200 0.1714 0.1331 0.0699  0.0248  0.0226  2075 HOH X O   
689 O  O   . HOH E .  ? 0.1232 0.0705 0.0791 0.0066  -0.0297 -0.0013 2076 HOH X O   
690 O  O   . HOH E .  ? 0.3779 0.2936 0.2046 -0.0630 0.1116  -0.0575 2077 HOH X O   
691 O  O   . HOH E .  ? 0.0621 0.1153 0.1364 0.0050  -0.0128 0.0081  2078 HOH X O   
692 O  O   . HOH E .  ? 0.1709 0.1624 0.1127 0.0531  -0.0021 -0.0041 2079 HOH X O   
693 O  O   . HOH E .  ? 0.1243 0.1158 0.0786 -0.0105 -0.0003 0.0234  2080 HOH X O   
694 O  O   . HOH E .  ? 0.0876 0.0901 0.1037 -0.0093 -0.0181 -0.0205 2081 HOH X O   
695 O  O   . HOH E .  ? 0.2095 0.1139 0.0983 0.0160  0.0055  -0.0261 2082 HOH X O   
696 O  O   . HOH E .  ? 0.4902 0.2015 0.1724 0.0075  -0.0687 -0.0025 2083 HOH X O   
697 O  O   . HOH E .  ? 0.1810 0.1205 0.2401 -0.0176 -0.0099 0.0062  2084 HOH X O   
698 O  O   . HOH E .  ? 0.0982 0.1055 0.1486 0.0129  0.0111  -0.0130 2085 HOH X O   
699 O  O   . HOH E .  ? 0.1779 0.2067 0.1462 -0.0306 -0.0066 -0.0415 2086 HOH X O   
700 O  O   . HOH E .  ? 0.1208 0.1911 0.1548 0.0102  0.0121  0.0305  2087 HOH X O   
701 O  O   . HOH E .  ? 0.1407 0.2729 0.1546 0.0030  -0.0193 -0.0360 2088 HOH X O   
702 O  O   . HOH E .  ? 0.5076 0.4842 0.1442 -0.2672 0.0788  -0.0425 2089 HOH X O   
703 O  O   . HOH E .  ? 0.0906 0.1586 0.1482 0.0024  0.0481  -0.0359 2090 HOH X O   
704 O  O   . HOH E .  ? 0.1219 0.0833 0.1117 -0.0148 0.0075  -0.0200 2091 HOH X O   
# 
